data_3MQP
# 
_entry.id   3MQP 
# 
_audit_conform.dict_name       mmcif_pdbx.dic 
_audit_conform.dict_version    5.379 
_audit_conform.dict_location   http://mmcif.pdb.org/dictionaries/ascii/mmcif_pdbx.dic 
# 
loop_
_database_2.database_id 
_database_2.database_code 
_database_2.pdbx_database_accession 
_database_2.pdbx_DOI 
PDB   3MQP         pdb_00003mqp 10.2210/pdb3mqp/pdb 
RCSB  RCSB058880   ?            ?                   
WWPDB D_1000058880 ?            ?                   
# 
loop_
_pdbx_database_related.db_name 
_pdbx_database_related.db_id 
_pdbx_database_related.details 
_pdbx_database_related.content_type 
PDB      3I1H   'The same human BFL-1 in complex with a different bcl-2 BH3 peptide' unspecified 
TargetDB HR2930 .                                                                    unspecified 
# 
_pdbx_database_status.entry_id                        3MQP 
_pdbx_database_status.deposit_site                    RCSB 
_pdbx_database_status.process_site                    RCSB 
_pdbx_database_status.recvd_initial_deposition_date   2010-04-28 
_pdbx_database_status.status_code                     REL 
_pdbx_database_status.status_code_sf                  REL 
_pdbx_database_status.status_code_mr                  ? 
_pdbx_database_status.SG_entry                        Y 
_pdbx_database_status.status_code_cs                  ? 
_pdbx_database_status.methods_development_category    ? 
_pdbx_database_status.pdb_format_compatible           Y 
_pdbx_database_status.status_code_nmr_data            ? 
# 
loop_
_audit_author.name 
_audit_author.pdbx_ordinal 
'Guan, R.'                                        1 
'Xiao, R.'                                        2 
'Zhao, L.'                                        3 
'Acton, T.B.'                                     4 
'Gelinas, C.'                                     5 
'Montelione, G.T.'                                6 
'Northeast Structural Genomics Consortium (NESG)' 7 
# 
_citation.id                        primary 
_citation.title                     'Crystal Structure of human BFL-1 in complex with NOXA BH3 peptide' 
_citation.journal_abbrev            'To be Published' 
_citation.journal_volume            ? 
_citation.page_first                ? 
_citation.page_last                 ? 
_citation.year                      ? 
_citation.journal_id_ASTM           ? 
_citation.country                   ? 
_citation.journal_id_ISSN           ? 
_citation.journal_id_CSD            0353 
_citation.book_publisher            ? 
_citation.pdbx_database_id_PubMed   ? 
_citation.pdbx_database_id_DOI      ? 
# 
loop_
_citation_author.citation_id 
_citation_author.name 
_citation_author.ordinal 
_citation_author.identifier_ORCID 
primary 'Guan, R.'         1 ? 
primary 'Xiao, R.'         2 ? 
primary 'Zhao, L.'         3 ? 
primary 'Acton, T.B.'      4 ? 
primary 'Gelinas, C.'      5 ? 
primary 'Montelione, G.T.' 6 ? 
# 
_cell.entry_id           3MQP 
_cell.length_a           43.138 
_cell.length_b           43.196 
_cell.length_c           46.387 
_cell.angle_alpha        90.00 
_cell.angle_beta         113.50 
_cell.angle_gamma        90.00 
_cell.Z_PDB              2 
_cell.pdbx_unique_axis   ? 
_cell.length_a_esd       ? 
_cell.length_b_esd       ? 
_cell.length_c_esd       ? 
_cell.angle_alpha_esd    ? 
_cell.angle_beta_esd     ? 
_cell.angle_gamma_esd    ? 
# 
_symmetry.entry_id                         3MQP 
_symmetry.space_group_name_H-M             'P 1 21 1' 
_symmetry.pdbx_full_space_group_name_H-M   ? 
_symmetry.cell_setting                     ? 
_symmetry.Int_Tables_number                4 
_symmetry.space_group_name_Hall            ? 
# 
loop_
_entity.id 
_entity.type 
_entity.src_method 
_entity.pdbx_description 
_entity.formula_weight 
_entity.pdbx_number_of_molecules 
_entity.pdbx_ec 
_entity.pdbx_mutation 
_entity.pdbx_fragment 
_entity.details 
1 polymer man 'Bcl-2-related protein A1'                          18628.193 1  ? ? ?                                  ? 
2 polymer syn 'Phorbol-12-myristate-13-acetate-induced protein 1' 2983.468  1  ? ? 'NOXA BH3 peptide, residues 19-43' ? 
3 water   nat water                                               18.015    29 ? ? ?                                  ? 
# 
loop_
_entity_name_com.entity_id 
_entity_name_com.name 
1 'Bcl-2-like protein 5, Bcl2-L-5, Protein BFL-1, Hemopoietic-specific early response protein, Protein GRS' 
2 'PMA-induced protein 1, Immediate-early-response protein APR, Protein Noxa'                               
# 
loop_
_entity_poly.entity_id 
_entity_poly.type 
_entity_poly.nstd_linkage 
_entity_poly.nstd_monomer 
_entity_poly.pdbx_seq_one_letter_code 
_entity_poly.pdbx_seq_one_letter_code_can 
_entity_poly.pdbx_strand_id 
_entity_poly.pdbx_target_identifier 
1 'polypeptide(L)' no no 
;MGHHHHHHSHMTDCEFGYIYRLAQDYLQCVLQIPQPGSGPSKTSRVLQNVAFSVQKEVEKNLKSCLDNVNVVSVDTARTL
FNQVMEKEFEDGIINWGRIVTIFAFEGILIKKLLRQQIAPDVDTYKEISYFVAEFIMNNTGEWIRQNGGWENGFVKKFEP
K
;
;MGHHHHHHSHMTDCEFGYIYRLAQDYLQCVLQIPQPGSGPSKTSRVLQNVAFSVQKEVEKNLKSCLDNVNVVSVDTARTL
FNQVMEKEFEDGIINWGRIVTIFAFEGILIKKLLRQQIAPDVDTYKEISYFVAEFIMNNTGEWIRQNGGWENGFVKKFEP
K
;
A HR2930 
2 'polypeptide(L)' no no AELEVECATQLRRFGDKLNFRQKLL AELEVECATQLRRFGDKLNFRQKLL B ?      
# 
loop_
_entity_poly_seq.entity_id 
_entity_poly_seq.num 
_entity_poly_seq.mon_id 
_entity_poly_seq.hetero 
1 1   MET n 
1 2   GLY n 
1 3   HIS n 
1 4   HIS n 
1 5   HIS n 
1 6   HIS n 
1 7   HIS n 
1 8   HIS n 
1 9   SER n 
1 10  HIS n 
1 11  MET n 
1 12  THR n 
1 13  ASP n 
1 14  CYS n 
1 15  GLU n 
1 16  PHE n 
1 17  GLY n 
1 18  TYR n 
1 19  ILE n 
1 20  TYR n 
1 21  ARG n 
1 22  LEU n 
1 23  ALA n 
1 24  GLN n 
1 25  ASP n 
1 26  TYR n 
1 27  LEU n 
1 28  GLN n 
1 29  CYS n 
1 30  VAL n 
1 31  LEU n 
1 32  GLN n 
1 33  ILE n 
1 34  PRO n 
1 35  GLN n 
1 36  PRO n 
1 37  GLY n 
1 38  SER n 
1 39  GLY n 
1 40  PRO n 
1 41  SER n 
1 42  LYS n 
1 43  THR n 
1 44  SER n 
1 45  ARG n 
1 46  VAL n 
1 47  LEU n 
1 48  GLN n 
1 49  ASN n 
1 50  VAL n 
1 51  ALA n 
1 52  PHE n 
1 53  SER n 
1 54  VAL n 
1 55  GLN n 
1 56  LYS n 
1 57  GLU n 
1 58  VAL n 
1 59  GLU n 
1 60  LYS n 
1 61  ASN n 
1 62  LEU n 
1 63  LYS n 
1 64  SER n 
1 65  CYS n 
1 66  LEU n 
1 67  ASP n 
1 68  ASN n 
1 69  VAL n 
1 70  ASN n 
1 71  VAL n 
1 72  VAL n 
1 73  SER n 
1 74  VAL n 
1 75  ASP n 
1 76  THR n 
1 77  ALA n 
1 78  ARG n 
1 79  THR n 
1 80  LEU n 
1 81  PHE n 
1 82  ASN n 
1 83  GLN n 
1 84  VAL n 
1 85  MET n 
1 86  GLU n 
1 87  LYS n 
1 88  GLU n 
1 89  PHE n 
1 90  GLU n 
1 91  ASP n 
1 92  GLY n 
1 93  ILE n 
1 94  ILE n 
1 95  ASN n 
1 96  TRP n 
1 97  GLY n 
1 98  ARG n 
1 99  ILE n 
1 100 VAL n 
1 101 THR n 
1 102 ILE n 
1 103 PHE n 
1 104 ALA n 
1 105 PHE n 
1 106 GLU n 
1 107 GLY n 
1 108 ILE n 
1 109 LEU n 
1 110 ILE n 
1 111 LYS n 
1 112 LYS n 
1 113 LEU n 
1 114 LEU n 
1 115 ARG n 
1 116 GLN n 
1 117 GLN n 
1 118 ILE n 
1 119 ALA n 
1 120 PRO n 
1 121 ASP n 
1 122 VAL n 
1 123 ASP n 
1 124 THR n 
1 125 TYR n 
1 126 LYS n 
1 127 GLU n 
1 128 ILE n 
1 129 SER n 
1 130 TYR n 
1 131 PHE n 
1 132 VAL n 
1 133 ALA n 
1 134 GLU n 
1 135 PHE n 
1 136 ILE n 
1 137 MET n 
1 138 ASN n 
1 139 ASN n 
1 140 THR n 
1 141 GLY n 
1 142 GLU n 
1 143 TRP n 
1 144 ILE n 
1 145 ARG n 
1 146 GLN n 
1 147 ASN n 
1 148 GLY n 
1 149 GLY n 
1 150 TRP n 
1 151 GLU n 
1 152 ASN n 
1 153 GLY n 
1 154 PHE n 
1 155 VAL n 
1 156 LYS n 
1 157 LYS n 
1 158 PHE n 
1 159 GLU n 
1 160 PRO n 
1 161 LYS n 
2 1   ALA n 
2 2   GLU n 
2 3   LEU n 
2 4   GLU n 
2 5   VAL n 
2 6   GLU n 
2 7   CYS n 
2 8   ALA n 
2 9   THR n 
2 10  GLN n 
2 11  LEU n 
2 12  ARG n 
2 13  ARG n 
2 14  PHE n 
2 15  GLY n 
2 16  ASP n 
2 17  LYS n 
2 18  LEU n 
2 19  ASN n 
2 20  PHE n 
2 21  ARG n 
2 22  GLN n 
2 23  LYS n 
2 24  LEU n 
2 25  LEU n 
# 
_entity_src_gen.entity_id                          1 
_entity_src_gen.pdbx_src_id                        1 
_entity_src_gen.pdbx_alt_source_flag               sample 
_entity_src_gen.pdbx_seq_type                      ? 
_entity_src_gen.pdbx_beg_seq_num                   ? 
_entity_src_gen.pdbx_end_seq_num                   ? 
_entity_src_gen.gene_src_common_name               human 
_entity_src_gen.gene_src_genus                     ? 
_entity_src_gen.pdbx_gene_src_gene                 'BCL2A1, BCL2L5, BFL1, GRS, HBPA1' 
_entity_src_gen.gene_src_species                   ? 
_entity_src_gen.gene_src_strain                    ? 
_entity_src_gen.gene_src_tissue                    ? 
_entity_src_gen.gene_src_tissue_fraction           ? 
_entity_src_gen.gene_src_details                   ? 
_entity_src_gen.pdbx_gene_src_fragment             ? 
_entity_src_gen.pdbx_gene_src_scientific_name      'Homo sapiens' 
_entity_src_gen.pdbx_gene_src_ncbi_taxonomy_id     9606 
_entity_src_gen.pdbx_gene_src_variant              ? 
_entity_src_gen.pdbx_gene_src_cell_line            ? 
_entity_src_gen.pdbx_gene_src_atcc                 ? 
_entity_src_gen.pdbx_gene_src_organ                ? 
_entity_src_gen.pdbx_gene_src_organelle            ? 
_entity_src_gen.pdbx_gene_src_cell                 ? 
_entity_src_gen.pdbx_gene_src_cellular_location    ? 
_entity_src_gen.host_org_common_name               ? 
_entity_src_gen.pdbx_host_org_scientific_name      'Escherichia coli' 
_entity_src_gen.pdbx_host_org_ncbi_taxonomy_id     469008 
_entity_src_gen.host_org_genus                     ? 
_entity_src_gen.pdbx_host_org_gene                 ? 
_entity_src_gen.pdbx_host_org_organ                ? 
_entity_src_gen.host_org_species                   ? 
_entity_src_gen.pdbx_host_org_tissue               ? 
_entity_src_gen.pdbx_host_org_tissue_fraction      ? 
_entity_src_gen.pdbx_host_org_strain               'BL21(DE3)+ Magic' 
_entity_src_gen.pdbx_host_org_variant              ? 
_entity_src_gen.pdbx_host_org_cell_line            ? 
_entity_src_gen.pdbx_host_org_atcc                 ? 
_entity_src_gen.pdbx_host_org_culture_collection   ? 
_entity_src_gen.pdbx_host_org_cell                 ? 
_entity_src_gen.pdbx_host_org_organelle            ? 
_entity_src_gen.pdbx_host_org_cellular_location    ? 
_entity_src_gen.pdbx_host_org_vector_type          plasmid 
_entity_src_gen.pdbx_host_org_vector               ? 
_entity_src_gen.host_org_details                   ? 
_entity_src_gen.expression_system_id               ? 
_entity_src_gen.plasmid_name                       pET15 
_entity_src_gen.plasmid_details                    ? 
_entity_src_gen.pdbx_description                   ? 
# 
_pdbx_entity_src_syn.entity_id              2 
_pdbx_entity_src_syn.pdbx_src_id            1 
_pdbx_entity_src_syn.pdbx_alt_source_flag   sample 
_pdbx_entity_src_syn.pdbx_beg_seq_num       ? 
_pdbx_entity_src_syn.pdbx_end_seq_num       ? 
_pdbx_entity_src_syn.organism_scientific    'Homo sapiens' 
_pdbx_entity_src_syn.organism_common_name   human 
_pdbx_entity_src_syn.ncbi_taxonomy_id       9606 
_pdbx_entity_src_syn.details                
'This sequence occurs naturally in humans. Peptide was synthesized from a commercial peptide synthesis service.' 
# 
loop_
_struct_ref.id 
_struct_ref.db_name 
_struct_ref.db_code 
_struct_ref.pdbx_db_accession 
_struct_ref.entity_id 
_struct_ref.pdbx_seq_one_letter_code 
_struct_ref.pdbx_align_begin 
_struct_ref.pdbx_db_isoform 
1 UNP B2LA1_HUMAN Q16548 1 
;MTDCEFGYIYRLAQDYLQCVLQIPQPGSGPSKTSRVLQNVAFSVQKEVEKNLKSCLDNVNVVSVDTARTLFNQVMEKEFE
DGIINWGRIVTIFAFEGILIKKLLRQQIAPDVDTYKEISYFVAEFIMNNTGEWIRQNGGWENGFVKKFEPK
;
1  ? 
2 UNP APR_HUMAN   Q13794 2 AELEVECATQLRRFGDKLNFRQKLL 19 ? 
# 
loop_
_struct_ref_seq.align_id 
_struct_ref_seq.ref_id 
_struct_ref_seq.pdbx_PDB_id_code 
_struct_ref_seq.pdbx_strand_id 
_struct_ref_seq.seq_align_beg 
_struct_ref_seq.pdbx_seq_align_beg_ins_code 
_struct_ref_seq.seq_align_end 
_struct_ref_seq.pdbx_seq_align_end_ins_code 
_struct_ref_seq.pdbx_db_accession 
_struct_ref_seq.db_align_beg 
_struct_ref_seq.pdbx_db_align_beg_ins_code 
_struct_ref_seq.db_align_end 
_struct_ref_seq.pdbx_db_align_end_ins_code 
_struct_ref_seq.pdbx_auth_seq_align_beg 
_struct_ref_seq.pdbx_auth_seq_align_end 
1 1 3MQP A 11 ? 161 ? Q16548 1  ? 151 ? 1  151 
2 2 3MQP B 1  ? 25  ? Q13794 19 ? 43  ? 19 43  
# 
loop_
_struct_ref_seq_dif.align_id 
_struct_ref_seq_dif.pdbx_pdb_id_code 
_struct_ref_seq_dif.mon_id 
_struct_ref_seq_dif.pdbx_pdb_strand_id 
_struct_ref_seq_dif.seq_num 
_struct_ref_seq_dif.pdbx_pdb_ins_code 
_struct_ref_seq_dif.pdbx_seq_db_name 
_struct_ref_seq_dif.pdbx_seq_db_accession_code 
_struct_ref_seq_dif.db_mon_id 
_struct_ref_seq_dif.pdbx_seq_db_seq_num 
_struct_ref_seq_dif.details 
_struct_ref_seq_dif.pdbx_auth_seq_num 
_struct_ref_seq_dif.pdbx_ordinal 
1 3MQP MET A 1  ? UNP Q16548 ? ? 'expression tag' -9 1  
1 3MQP GLY A 2  ? UNP Q16548 ? ? 'expression tag' -8 2  
1 3MQP HIS A 3  ? UNP Q16548 ? ? 'expression tag' -7 3  
1 3MQP HIS A 4  ? UNP Q16548 ? ? 'expression tag' -6 4  
1 3MQP HIS A 5  ? UNP Q16548 ? ? 'expression tag' -5 5  
1 3MQP HIS A 6  ? UNP Q16548 ? ? 'expression tag' -4 6  
1 3MQP HIS A 7  ? UNP Q16548 ? ? 'expression tag' -3 7  
1 3MQP HIS A 8  ? UNP Q16548 ? ? 'expression tag' -2 8  
1 3MQP SER A 9  ? UNP Q16548 ? ? 'expression tag' -1 9  
1 3MQP HIS A 10 ? UNP Q16548 ? ? 'expression tag' 0  10 
# 
loop_
_chem_comp.id 
_chem_comp.type 
_chem_comp.mon_nstd_flag 
_chem_comp.name 
_chem_comp.pdbx_synonyms 
_chem_comp.formula 
_chem_comp.formula_weight 
ALA 'L-peptide linking' y ALANINE         ? 'C3 H7 N O2'     89.093  
ARG 'L-peptide linking' y ARGININE        ? 'C6 H15 N4 O2 1' 175.209 
ASN 'L-peptide linking' y ASPARAGINE      ? 'C4 H8 N2 O3'    132.118 
ASP 'L-peptide linking' y 'ASPARTIC ACID' ? 'C4 H7 N O4'     133.103 
CYS 'L-peptide linking' y CYSTEINE        ? 'C3 H7 N O2 S'   121.158 
GLN 'L-peptide linking' y GLUTAMINE       ? 'C5 H10 N2 O3'   146.144 
GLU 'L-peptide linking' y 'GLUTAMIC ACID' ? 'C5 H9 N O4'     147.129 
GLY 'peptide linking'   y GLYCINE         ? 'C2 H5 N O2'     75.067  
HIS 'L-peptide linking' y HISTIDINE       ? 'C6 H10 N3 O2 1' 156.162 
HOH non-polymer         . WATER           ? 'H2 O'           18.015  
ILE 'L-peptide linking' y ISOLEUCINE      ? 'C6 H13 N O2'    131.173 
LEU 'L-peptide linking' y LEUCINE         ? 'C6 H13 N O2'    131.173 
LYS 'L-peptide linking' y LYSINE          ? 'C6 H15 N2 O2 1' 147.195 
MET 'L-peptide linking' y METHIONINE      ? 'C5 H11 N O2 S'  149.211 
PHE 'L-peptide linking' y PHENYLALANINE   ? 'C9 H11 N O2'    165.189 
PRO 'L-peptide linking' y PROLINE         ? 'C5 H9 N O2'     115.130 
SER 'L-peptide linking' y SERINE          ? 'C3 H7 N O3'     105.093 
THR 'L-peptide linking' y THREONINE       ? 'C4 H9 N O3'     119.119 
TRP 'L-peptide linking' y TRYPTOPHAN      ? 'C11 H12 N2 O2'  204.225 
TYR 'L-peptide linking' y TYROSINE        ? 'C9 H11 N O3'    181.189 
VAL 'L-peptide linking' y VALINE          ? 'C5 H11 N O2'    117.146 
# 
_exptl.crystals_number   1 
_exptl.entry_id          3MQP 
_exptl.method            'X-RAY DIFFRACTION' 
# 
_exptl_crystal.id                    1 
_exptl_crystal.density_Matthews      1.95 
_exptl_crystal.density_meas          ? 
_exptl_crystal.density_percent_sol   36.79 
_exptl_crystal.description           ? 
_exptl_crystal.F_000                 ? 
_exptl_crystal.preparation           ? 
# 
_exptl_crystal_grow.crystal_id      1 
_exptl_crystal_grow.method          'VAPOR DIFFUSION, HANGING DROP' 
_exptl_crystal_grow.pH              4.4 
_exptl_crystal_grow.temp            296 
_exptl_crystal_grow.pdbx_details    
;Protein solution: 100mM NaCl, 5mM DTT, 0.02% NaN3, 10mM Tris-HCl (pH 7.5) . Reservoir solution: 1.5 M Sodium Malonate, 0.1 M sodium Acetate, VAPOR DIFFUSION, HANGING DROP, temperature 296K
;
_exptl_crystal_grow.temp_details    ? 
_exptl_crystal_grow.pdbx_pH_range   ? 
# 
_diffrn.id                     1 
_diffrn.ambient_temp           100 
_diffrn.ambient_temp_details   ? 
_diffrn.crystal_id             1 
# 
_diffrn_detector.diffrn_id              1 
_diffrn_detector.detector               CCD 
_diffrn_detector.type                   'ADSC QUANTUM 315r' 
_diffrn_detector.pdbx_collection_date   2010-04-23 
_diffrn_detector.details                ? 
# 
_diffrn_radiation.diffrn_id                        1 
_diffrn_radiation.pdbx_diffrn_protocol             'SINGLE WAVELENGTH' 
_diffrn_radiation.monochromator                    'Si 111 CHANNEL' 
_diffrn_radiation.wavelength_id                    1 
_diffrn_radiation.pdbx_monochromatic_or_laue_m_l   M 
_diffrn_radiation.pdbx_scattering_type             x-ray 
# 
_diffrn_radiation_wavelength.id           1 
_diffrn_radiation_wavelength.wavelength   1.075 
_diffrn_radiation_wavelength.wt           1.0 
# 
_diffrn_source.diffrn_id                   1 
_diffrn_source.source                      SYNCHROTRON 
_diffrn_source.type                        'NSLS BEAMLINE X29A' 
_diffrn_source.pdbx_wavelength_list        1.075 
_diffrn_source.pdbx_wavelength             ? 
_diffrn_source.pdbx_synchrotron_site       NSLS 
_diffrn_source.pdbx_synchrotron_beamline   X29A 
# 
_reflns.entry_id                     3MQP 
_reflns.observed_criterion_sigma_F   2.0 
_reflns.observed_criterion_sigma_I   2 
_reflns.d_resolution_high            2.24 
_reflns.d_resolution_low             30.3 
_reflns.number_all                   7559 
_reflns.number_obs                   7385 
_reflns.percent_possible_obs         97.7 
_reflns.pdbx_Rmerge_I_obs            0.093 
_reflns.pdbx_Rsym_value              ? 
_reflns.pdbx_netI_over_sigmaI        ? 
_reflns.B_iso_Wilson_estimate        45.125 
_reflns.pdbx_redundancy              5.9 
_reflns.R_free_details               ? 
_reflns.limit_h_max                  ? 
_reflns.limit_h_min                  ? 
_reflns.limit_k_max                  ? 
_reflns.limit_k_min                  ? 
_reflns.limit_l_max                  ? 
_reflns.limit_l_min                  ? 
_reflns.observed_criterion_F_max     ? 
_reflns.observed_criterion_F_min     ? 
_reflns.pdbx_chi_squared             ? 
_reflns.pdbx_scaling_rejects         ? 
_reflns.pdbx_ordinal                 1 
_reflns.pdbx_diffrn_id               1 
# 
_reflns_shell.d_res_high             2.25 
_reflns_shell.d_res_low              2.33 
_reflns_shell.percent_possible_obs   ? 
_reflns_shell.percent_possible_all   84.6 
_reflns_shell.Rmerge_I_obs           0.383 
_reflns_shell.meanI_over_sigI_obs    3.06 
_reflns_shell.pdbx_Rsym_value        ? 
_reflns_shell.pdbx_redundancy        4.6 
_reflns_shell.number_unique_all      643 
_reflns_shell.number_measured_all    ? 
_reflns_shell.number_measured_obs    ? 
_reflns_shell.number_unique_obs      ? 
_reflns_shell.pdbx_chi_squared       ? 
_reflns_shell.pdbx_ordinal           1 
_reflns_shell.pdbx_diffrn_id         1 
# 
_refine.entry_id                                 3MQP 
_refine.ls_d_res_high                            2.240 
_refine.ls_d_res_low                             30.3 
_refine.ls_percent_reflns_obs                    91.900 
_refine.ls_number_reflns_obs                     7049 
_refine.ls_R_factor_obs                          0.182 
_refine.ls_R_factor_R_work                       0.177 
_refine.ls_R_factor_R_free                       0.230 
_refine.ls_percent_reflns_R_free                 10.140 
_refine.ls_number_reflns_R_free                  715 
_refine.B_iso_mean                               52.987 
_refine.solvent_model_details                    'FLAT BULK SOLVENT MODEL' 
_refine.pdbx_solvent_shrinkage_radii             0.830 
_refine.pdbx_stereochemistry_target_values       ML 
_refine.pdbx_ls_sigma_F                          2 
_refine.pdbx_ls_sigma_I                          2 
_refine.ls_number_reflns_all                     ? 
_refine.ls_R_factor_all                          ? 
_refine.ls_redundancy_reflns_obs                 ? 
_refine.pdbx_data_cutoff_high_absF               ? 
_refine.pdbx_data_cutoff_low_absF                ? 
_refine.ls_number_parameters                     ? 
_refine.ls_number_restraints                     ? 
_refine.ls_R_factor_R_free_error                 ? 
_refine.ls_R_factor_R_free_error_details         ? 
_refine.pdbx_method_to_determine_struct          'MOLECULAR REPLACEMENT' 
_refine.pdbx_starting_model                      'PDB ENTRY 3I1H' 
_refine.pdbx_ls_cross_valid_method               ? 
_refine.pdbx_R_Free_selection_details            '5% reflections' 
_refine.pdbx_stereochem_target_val_spec_case     ? 
_refine.solvent_model_param_bsol                 ? 
_refine.solvent_model_param_ksol                 ? 
_refine.occupancy_max                            ? 
_refine.occupancy_min                            ? 
_refine.pdbx_isotropic_thermal_model             ? 
_refine.aniso_B[1][1]                            ? 
_refine.aniso_B[1][2]                            ? 
_refine.aniso_B[1][3]                            ? 
_refine.aniso_B[2][2]                            ? 
_refine.aniso_B[2][3]                            ? 
_refine.aniso_B[3][3]                            ? 
_refine.details                                  ? 
_refine.B_iso_min                                ? 
_refine.B_iso_max                                ? 
_refine.correlation_coeff_Fo_to_Fc               ? 
_refine.correlation_coeff_Fo_to_Fc_free          ? 
_refine.pdbx_solvent_vdw_probe_radii             ? 
_refine.pdbx_solvent_ion_probe_radii             ? 
_refine.overall_SU_R_Cruickshank_DPI             ? 
_refine.overall_SU_R_free                        ? 
_refine.overall_SU_ML                            ? 
_refine.overall_SU_B                             ? 
_refine.pdbx_overall_ESU_R_Free                  ? 
_refine.pdbx_data_cutoff_high_rms_absF           ? 
_refine.ls_wR_factor_R_free                      ? 
_refine.ls_wR_factor_R_work                      ? 
_refine.overall_FOM_free_R_set                   ? 
_refine.overall_FOM_work_R_set                   ? 
_refine.pdbx_overall_phase_error                 ? 
_refine.pdbx_refine_id                           'X-RAY DIFFRACTION' 
_refine.pdbx_overall_ESU_R                       ? 
_refine.pdbx_diffrn_id                           1 
_refine.pdbx_TLS_residual_ADP_flag               ? 
_refine.pdbx_overall_SU_R_free_Cruickshank_DPI   ? 
_refine.pdbx_overall_SU_R_Blow_DPI               ? 
_refine.pdbx_overall_SU_R_free_Blow_DPI          ? 
# 
_refine_hist.pdbx_refine_id                   'X-RAY DIFFRACTION' 
_refine_hist.cycle_id                         LAST 
_refine_hist.pdbx_number_atoms_protein        1424 
_refine_hist.pdbx_number_atoms_nucleic_acid   0 
_refine_hist.pdbx_number_atoms_ligand         0 
_refine_hist.number_atoms_solvent             29 
_refine_hist.number_atoms_total               1453 
_refine_hist.d_res_high                       2.240 
_refine_hist.d_res_low                        30.3 
# 
_struct.entry_id                  3MQP 
_struct.title                     
'Crystal Structure of human BFL-1 in complex with NOXA BH3 peptide, Northeast Structural Genomics Consortium Target HR2930' 
_struct.pdbx_model_details        ? 
_struct.pdbx_CASP_flag            ? 
_struct.pdbx_model_type_details   ? 
# 
_struct_keywords.entry_id        3MQP 
_struct_keywords.text            
'bcl-2 family, Structural Genomics, PSI-2, Protein Structure Initiative, Northeast Structural Genomics Consortium, NESG, APOPTOSIS' 
_struct_keywords.pdbx_keywords   APOPTOSIS 
# 
loop_
_struct_asym.id 
_struct_asym.pdbx_blank_PDB_chainid_flag 
_struct_asym.pdbx_modified 
_struct_asym.entity_id 
_struct_asym.details 
A N N 1 ? 
B N N 2 ? 
C N N 3 ? 
D N N 3 ? 
# 
_struct_biol.id        1 
_struct_biol.details   ? 
# 
loop_
_struct_conf.conf_type_id 
_struct_conf.id 
_struct_conf.pdbx_PDB_helix_id 
_struct_conf.beg_label_comp_id 
_struct_conf.beg_label_asym_id 
_struct_conf.beg_label_seq_id 
_struct_conf.pdbx_beg_PDB_ins_code 
_struct_conf.end_label_comp_id 
_struct_conf.end_label_asym_id 
_struct_conf.end_label_seq_id 
_struct_conf.pdbx_end_PDB_ins_code 
_struct_conf.beg_auth_comp_id 
_struct_conf.beg_auth_asym_id 
_struct_conf.beg_auth_seq_id 
_struct_conf.end_auth_comp_id 
_struct_conf.end_auth_asym_id 
_struct_conf.end_auth_seq_id 
_struct_conf.pdbx_PDB_helix_class 
_struct_conf.details 
_struct_conf.pdbx_PDB_helix_length 
HELX_P HELX_P1 1 GLU A 15  ? GLN A 32  ? GLU A 5   GLN A 22  1 ? 18 
HELX_P HELX_P2 2 SER A 41  ? LEU A 62  ? SER A 31  LEU A 52  1 ? 22 
HELX_P HELX_P3 3 LEU A 62  ? ASN A 68  ? LEU A 52  ASN A 58  1 ? 7  
HELX_P HELX_P4 4 SER A 73  ? PHE A 89  ? SER A 63  PHE A 79  1 ? 17 
HELX_P HELX_P5 5 ASN A 95  ? GLN A 117 ? ASN A 85  GLN A 107 1 ? 23 
HELX_P HELX_P6 6 ASP A 123 ? ASN A 147 ? ASP A 113 ASN A 137 1 ? 25 
HELX_P HELX_P7 7 GLY A 148 ? GLY A 153 ? GLY A 138 GLY A 143 1 ? 6  
HELX_P HELX_P8 8 GLY A 153 ? GLU A 159 ? GLY A 143 GLU A 149 1 ? 7  
HELX_P HELX_P9 9 GLU B 2   ? LYS B 23  ? GLU B 20  LYS B 41  1 ? 22 
# 
_struct_conf_type.id          HELX_P 
_struct_conf_type.criteria    ? 
_struct_conf_type.reference   ? 
# 
_atom_sites.entry_id                    3MQP 
_atom_sites.fract_transf_matrix[1][1]   0.01646939 
_atom_sites.fract_transf_matrix[1][2]   -0.00302842 
_atom_sites.fract_transf_matrix[1][3]   0.01893549 
_atom_sites.fract_transf_matrix[2][1]   0.01731653 
_atom_sites.fract_transf_matrix[2][2]   0.00615721 
_atom_sites.fract_transf_matrix[2][3]   -0.01407654 
_atom_sites.fract_transf_matrix[3][1]   0.00338285 
_atom_sites.fract_transf_matrix[3][2]   0.01949651 
_atom_sites.fract_transf_matrix[3][3]   0.01268943 
_atom_sites.fract_transf_vector[1]      0.292571 
_atom_sites.fract_transf_vector[2]      -0.336626 
_atom_sites.fract_transf_vector[3]      0.182342 
# 
loop_
_atom_type.symbol 
C 
N 
O 
S 
# 
loop_
_atom_site.group_PDB 
_atom_site.id 
_atom_site.type_symbol 
_atom_site.label_atom_id 
_atom_site.label_alt_id 
_atom_site.label_comp_id 
_atom_site.label_asym_id 
_atom_site.label_entity_id 
_atom_site.label_seq_id 
_atom_site.pdbx_PDB_ins_code 
_atom_site.Cartn_x 
_atom_site.Cartn_y 
_atom_site.Cartn_z 
_atom_site.occupancy 
_atom_site.B_iso_or_equiv 
_atom_site.pdbx_formal_charge 
_atom_site.auth_seq_id 
_atom_site.auth_comp_id 
_atom_site.auth_asym_id 
_atom_site.auth_atom_id 
_atom_site.pdbx_PDB_model_num 
ATOM   1    N N   . THR A 1 12  ? 6.781   -19.798 0.317   1.00 106.85 ? 2   THR A N   1 
ATOM   2    C CA  . THR A 1 12  ? 5.856   -19.674 -0.800  1.00 109.39 ? 2   THR A CA  1 
ATOM   3    C C   . THR A 1 12  ? 4.770   -18.660 -0.456  1.00 104.57 ? 2   THR A C   1 
ATOM   4    O O   . THR A 1 12  ? 3.731   -18.570 -1.121  1.00 98.15  ? 2   THR A O   1 
ATOM   5    C CB  . THR A 1 12  ? 5.215   -21.025 -1.137  1.00 112.43 ? 2   THR A CB  1 
ATOM   6    O OG1 . THR A 1 12  ? 4.196   -21.326 -0.176  1.00 115.51 ? 2   THR A OG1 1 
ATOM   7    C CG2 . THR A 1 12  ? 6.269   -22.118 -1.115  1.00 107.47 ? 2   THR A CG2 1 
ATOM   8    N N   . ASP A 1 13  ? 5.036   -17.911 0.609   1.00 95.76  ? 3   ASP A N   1 
ATOM   9    C CA  . ASP A 1 13  ? 4.160   -16.869 1.118   1.00 88.27  ? 3   ASP A CA  1 
ATOM   10   C C   . ASP A 1 13  ? 4.971   -16.270 2.258   1.00 90.03  ? 3   ASP A C   1 
ATOM   11   O O   . ASP A 1 13  ? 5.793   -16.969 2.855   1.00 99.01  ? 3   ASP A O   1 
ATOM   12   C CB  . ASP A 1 13  ? 2.845   -17.475 1.625   1.00 83.76  ? 3   ASP A CB  1 
ATOM   13   C CG  . ASP A 1 13  ? 1.833   -16.423 2.060   1.00 75.92  ? 3   ASP A CG  1 
ATOM   14   O OD1 . ASP A 1 13  ? 2.245   -15.309 2.451   1.00 75.20  ? 3   ASP A OD1 1 
ATOM   15   O OD2 . ASP A 1 13  ? 0.616   -16.719 2.023   1.00 73.97  ? 3   ASP A OD2 1 
ATOM   16   N N   . CYS A 1 14  ? 4.769   -14.984 2.543   1.00 78.76  ? 4   CYS A N   1 
ATOM   17   C CA  . CYS A 1 14  ? 5.535   -14.291 3.584   1.00 90.48  ? 4   CYS A CA  1 
ATOM   18   C C   . CYS A 1 14  ? 6.964   -13.967 3.135   1.00 81.58  ? 4   CYS A C   1 
ATOM   19   O O   . CYS A 1 14  ? 7.764   -13.452 3.916   1.00 81.75  ? 4   CYS A O   1 
ATOM   20   C CB  . CYS A 1 14  ? 5.577   -15.106 4.889   1.00 108.82 ? 4   CYS A CB  1 
ATOM   21   S SG  . CYS A 1 14  ? 4.007   -15.268 5.792   1.00 81.16  ? 4   CYS A SG  1 
ATOM   22   N N   . GLU A 1 15  ? 7.282   -14.275 1.881   1.00 78.41  ? 5   GLU A N   1 
ATOM   23   C CA  . GLU A 1 15  ? 8.610   -14.003 1.335   1.00 71.38  ? 5   GLU A CA  1 
ATOM   24   C C   . GLU A 1 15  ? 8.609   -12.737 0.469   1.00 51.33  ? 5   GLU A C   1 
ATOM   25   O O   . GLU A 1 15  ? 7.564   -12.316 -0.027  1.00 49.36  ? 5   GLU A O   1 
ATOM   26   C CB  . GLU A 1 15  ? 9.108   -15.206 0.532   1.00 61.49  ? 5   GLU A CB  1 
ATOM   27   C CG  . GLU A 1 15  ? 8.311   -15.477 -0.726  1.00 65.64  ? 5   GLU A CG  1 
ATOM   28   C CD  . GLU A 1 15  ? 8.587   -16.849 -1.306  1.00 93.77  ? 5   GLU A CD  1 
ATOM   29   O OE1 . GLU A 1 15  ? 8.341   -17.043 -2.517  1.00 93.85  ? 5   GLU A OE1 1 
ATOM   30   O OE2 . GLU A 1 15  ? 9.044   -17.733 -0.550  1.00 96.33  ? 5   GLU A OE2 1 
ATOM   31   N N   . PHE A 1 16  ? 9.775   -12.124 0.295   1.00 46.18  ? 6   PHE A N   1 
ATOM   32   C CA  . PHE A 1 16  ? 9.862   -10.877 -0.459  1.00 48.85  ? 6   PHE A CA  1 
ATOM   33   C C   . PHE A 1 16  ? 9.200   -10.999 -1.827  1.00 42.53  ? 6   PHE A C   1 
ATOM   34   O O   . PHE A 1 16  ? 8.475   -10.104 -2.252  1.00 41.56  ? 6   PHE A O   1 
ATOM   35   C CB  . PHE A 1 16  ? 11.317  -10.424 -0.624  1.00 45.01  ? 6   PHE A CB  1 
ATOM   36   C CG  . PHE A 1 16  ? 11.459  -9.052  -1.229  1.00 37.93  ? 6   PHE A CG  1 
ATOM   37   C CD1 . PHE A 1 16  ? 11.676  -7.947  -0.424  1.00 31.81  ? 6   PHE A CD1 1 
ATOM   38   C CD2 . PHE A 1 16  ? 11.359  -8.867  -2.604  1.00 35.91  ? 6   PHE A CD2 1 
ATOM   39   C CE1 . PHE A 1 16  ? 11.799  -6.682  -0.976  1.00 33.07  ? 6   PHE A CE1 1 
ATOM   40   C CE2 . PHE A 1 16  ? 11.486  -7.601  -3.165  1.00 39.26  ? 6   PHE A CE2 1 
ATOM   41   C CZ  . PHE A 1 16  ? 11.704  -6.510  -2.347  1.00 38.19  ? 6   PHE A CZ  1 
ATOM   42   N N   . GLY A 1 17  ? 9.455   -12.111 -2.511  1.00 43.74  ? 7   GLY A N   1 
ATOM   43   C CA  . GLY A 1 17  ? 8.938   -12.326 -3.851  1.00 37.65  ? 7   GLY A CA  1 
ATOM   44   C C   . GLY A 1 17  ? 7.425   -12.266 -3.929  1.00 34.87  ? 7   GLY A C   1 
ATOM   45   O O   . GLY A 1 17  ? 6.864   -11.656 -4.842  1.00 30.98  ? 7   GLY A O   1 
ATOM   46   N N   . TYR A 1 18  ? 6.775   -12.907 -2.964  1.00 34.78  ? 8   TYR A N   1 
ATOM   47   C CA  . TYR A 1 18  ? 5.320   -12.970 -2.895  1.00 37.30  ? 8   TYR A CA  1 
ATOM   48   C C   . TYR A 1 18  ? 4.739   -11.579 -2.637  1.00 39.33  ? 8   TYR A C   1 
ATOM   49   O O   . TYR A 1 18  ? 3.756   -11.176 -3.258  1.00 41.51  ? 8   TYR A O   1 
ATOM   50   C CB  . TYR A 1 18  ? 4.884   -13.954 -1.795  1.00 46.24  ? 8   TYR A CB  1 
ATOM   51   C CG  . TYR A 1 18  ? 3.387   -14.169 -1.724  1.00 48.30  ? 8   TYR A CG  1 
ATOM   52   C CD1 . TYR A 1 18  ? 2.578   -13.316 -0.984  1.00 37.41  ? 8   TYR A CD1 1 
ATOM   53   C CD2 . TYR A 1 18  ? 2.780   -15.215 -2.409  1.00 55.00  ? 8   TYR A CD2 1 
ATOM   54   C CE1 . TYR A 1 18  ? 1.204   -13.496 -0.934  1.00 43.47  ? 8   TYR A CE1 1 
ATOM   55   C CE2 . TYR A 1 18  ? 1.408   -15.406 -2.359  1.00 54.30  ? 8   TYR A CE2 1 
ATOM   56   C CZ  . TYR A 1 18  ? 0.627   -14.542 -1.621  1.00 45.72  ? 8   TYR A CZ  1 
ATOM   57   O OH  . TYR A 1 18  ? -0.734  -14.724 -1.571  1.00 50.38  ? 8   TYR A OH  1 
ATOM   58   N N   . ILE A 1 19  ? 5.362   -10.847 -1.722  1.00 35.61  ? 9   ILE A N   1 
ATOM   59   C CA  . ILE A 1 19  ? 4.900   -9.512  -1.365  1.00 39.56  ? 9   ILE A CA  1 
ATOM   60   C C   . ILE A 1 19  ? 5.140   -8.525  -2.512  1.00 38.45  ? 9   ILE A C   1 
ATOM   61   O O   . ILE A 1 19  ? 4.319   -7.646  -2.771  1.00 36.75  ? 9   ILE A O   1 
ATOM   62   C CB  . ILE A 1 19  ? 5.569   -9.035  -0.053  1.00 40.83  ? 9   ILE A CB  1 
ATOM   63   C CG1 . ILE A 1 19  ? 5.218   -9.993  1.087   1.00 44.44  ? 9   ILE A CG1 1 
ATOM   64   C CG2 . ILE A 1 19  ? 5.142   -7.618  0.299   1.00 33.56  ? 9   ILE A CG2 1 
ATOM   65   C CD1 . ILE A 1 19  ? 5.844   -9.615  2.419   1.00 50.95  ? 9   ILE A CD1 1 
ATOM   66   N N   . TYR A 1 20  ? 6.260   -8.695  -3.204  1.00 30.32  ? 10  TYR A N   1 
ATOM   67   C CA  . TYR A 1 20  ? 6.595   -7.885  -4.358  1.00 34.38  ? 10  TYR A CA  1 
ATOM   68   C C   . TYR A 1 20  ? 5.569   -8.097  -5.463  1.00 40.00  ? 10  TYR A C   1 
ATOM   69   O O   . TYR A 1 20  ? 5.149   -7.152  -6.120  1.00 33.27  ? 10  TYR A O   1 
ATOM   70   C CB  . TYR A 1 20  ? 8.006   -8.236  -4.859  1.00 39.24  ? 10  TYR A CB  1 
ATOM   71   C CG  . TYR A 1 20  ? 8.376   -7.560  -6.160  1.00 39.22  ? 10  TYR A CG  1 
ATOM   72   C CD1 . TYR A 1 20  ? 8.882   -6.271  -6.169  1.00 37.90  ? 10  TYR A CD1 1 
ATOM   73   C CD2 . TYR A 1 20  ? 8.210   -8.206  -7.377  1.00 49.03  ? 10  TYR A CD2 1 
ATOM   74   C CE1 . TYR A 1 20  ? 9.212   -5.642  -7.343  1.00 42.20  ? 10  TYR A CE1 1 
ATOM   75   C CE2 . TYR A 1 20  ? 8.538   -7.583  -8.566  1.00 56.71  ? 10  TYR A CE2 1 
ATOM   76   C CZ  . TYR A 1 20  ? 9.044   -6.299  -8.539  1.00 49.20  ? 10  TYR A CZ  1 
ATOM   77   O OH  . TYR A 1 20  ? 9.380   -5.658  -9.706  1.00 51.30  ? 10  TYR A OH  1 
ATOM   78   N N   . ARG A 1 21  ? 5.163   -9.345  -5.660  1.00 40.83  ? 11  ARG A N   1 
ATOM   79   C CA  . ARG A 1 21  ? 4.169   -9.672  -6.669  1.00 32.02  ? 11  ARG A CA  1 
ATOM   80   C C   . ARG A 1 21  ? 2.813   -9.049  -6.315  1.00 40.31  ? 11  ARG A C   1 
ATOM   81   O O   . ARG A 1 21  ? 2.086   -8.595  -7.195  1.00 35.04  ? 11  ARG A O   1 
ATOM   82   C CB  . ARG A 1 21  ? 4.054   -11.191 -6.820  1.00 42.28  ? 11  ARG A CB  1 
ATOM   83   C CG  . ARG A 1 21  ? 2.949   -11.654 -7.761  1.00 58.81  ? 11  ARG A CG  1 
ATOM   84   C CD  . ARG A 1 21  ? 3.206   -11.216 -9.199  1.00 67.86  ? 11  ARG A CD  1 
ATOM   85   N NE  . ARG A 1 21  ? 2.032   -11.421 -10.045 1.00 72.87  ? 11  ARG A NE  1 
ATOM   86   C CZ  . ARG A 1 21  ? 1.750   -12.554 -10.683 1.00 75.10  ? 11  ARG A CZ  1 
ATOM   87   N NH1 . ARG A 1 21  ? 2.559   -13.599 -10.576 1.00 85.06  ? 11  ARG A NH1 1 
ATOM   88   N NH2 . ARG A 1 21  ? 0.653   -12.642 -11.426 1.00 79.16  ? 11  ARG A NH2 1 
ATOM   89   N N   . LEU A 1 22  ? 2.481   -9.026  -5.027  1.00 33.37  ? 12  LEU A N   1 
ATOM   90   C CA  . LEU A 1 22  ? 1.254   -8.380  -4.562  1.00 47.41  ? 12  LEU A CA  1 
ATOM   91   C C   . LEU A 1 22  ? 1.290   -6.886  -4.827  1.00 38.10  ? 12  LEU A C   1 
ATOM   92   O O   . LEU A 1 22  ? 0.322   -6.301  -5.316  1.00 30.18  ? 12  LEU A O   1 
ATOM   93   C CB  . LEU A 1 22  ? 1.047   -8.604  -3.062  1.00 34.32  ? 12  LEU A CB  1 
ATOM   94   C CG  . LEU A 1 22  ? 0.716   -10.028 -2.630  1.00 45.60  ? 12  LEU A CG  1 
ATOM   95   C CD1 . LEU A 1 22  ? 0.436   -10.068 -1.134  1.00 40.39  ? 12  LEU A CD1 1 
ATOM   96   C CD2 . LEU A 1 22  ? -0.474  -10.568 -3.429  1.00 35.21  ? 12  LEU A CD2 1 
ATOM   97   N N   . ALA A 1 23  ? 2.412   -6.267  -4.484  1.00 31.00  ? 13  ALA A N   1 
ATOM   98   C CA  . ALA A 1 23  ? 2.550   -4.830  -4.635  1.00 32.15  ? 13  ALA A CA  1 
ATOM   99   C C   . ALA A 1 23  ? 2.557   -4.437  -6.109  1.00 36.47  ? 13  ALA A C   1 
ATOM   100  O O   . ALA A 1 23  ? 2.053   -3.380  -6.481  1.00 36.42  ? 13  ALA A O   1 
ATOM   101  C CB  . ALA A 1 23  ? 3.802   -4.347  -3.945  1.00 33.09  ? 13  ALA A CB  1 
ATOM   102  N N   . GLN A 1 24  ? 3.123   -5.305  -6.940  1.00 33.74  ? 14  GLN A N   1 
ATOM   103  C CA  . GLN A 1 24  ? 3.198   -5.072  -8.371  1.00 40.10  ? 14  GLN A CA  1 
ATOM   104  C C   . GLN A 1 24  ? 1.818   -5.251  -9.004  1.00 47.36  ? 14  GLN A C   1 
ATOM   105  O O   . GLN A 1 24  ? 1.402   -4.447  -9.839  1.00 34.33  ? 14  GLN A O   1 
ATOM   106  C CB  . GLN A 1 24  ? 4.224   -6.011  -9.012  1.00 41.53  ? 14  GLN A CB  1 
ATOM   107  C CG  . GLN A 1 24  ? 4.432   -5.777  -10.508 1.00 46.89  ? 14  GLN A CG  1 
ATOM   108  C CD  . GLN A 1 24  ? 5.616   -6.545  -11.076 1.00 46.14  ? 14  GLN A CD  1 
ATOM   109  O OE1 . GLN A 1 24  ? 6.770   -6.251  -10.762 1.00 63.42  ? 14  GLN A OE1 1 
ATOM   110  N NE2 . GLN A 1 24  ? 5.334   -7.536  -11.914 1.00 59.78  ? 14  GLN A NE2 1 
ATOM   111  N N   . ASP A 1 25  ? 1.106   -6.298  -8.590  1.00 38.51  ? 15  ASP A N   1 
ATOM   112  C CA  . ASP A 1 25  ? -0.257  -6.515  -9.064  1.00 36.62  ? 15  ASP A CA  1 
ATOM   113  C C   . ASP A 1 25  ? -1.139  -5.314  -8.775  1.00 40.71  ? 15  ASP A C   1 
ATOM   114  O O   . ASP A 1 25  ? -1.909  -4.882  -9.637  1.00 39.66  ? 15  ASP A O   1 
ATOM   115  C CB  . ASP A 1 25  ? -0.886  -7.766  -8.448  1.00 37.41  ? 15  ASP A CB  1 
ATOM   116  C CG  . ASP A 1 25  ? -0.387  -9.047  -9.084  1.00 44.51  ? 15  ASP A CG  1 
ATOM   117  O OD1 . ASP A 1 25  ? 0.280   -8.977  -10.136 1.00 52.37  ? 15  ASP A OD1 1 
ATOM   118  O OD2 . ASP A 1 25  ? -0.668  -10.129 -8.529  1.00 53.24  ? 15  ASP A OD2 1 
ATOM   119  N N   . TYR A 1 26  ? -1.027  -4.762  -7.571  1.00 35.21  ? 16  TYR A N   1 
ATOM   120  C CA  . TYR A 1 26  ? -1.876  -3.634  -7.221  1.00 33.52  ? 16  TYR A CA  1 
ATOM   121  C C   . TYR A 1 26  ? -1.584  -2.386  -8.059  1.00 39.13  ? 16  TYR A C   1 
ATOM   122  O O   . TYR A 1 26  ? -2.504  -1.645  -8.418  1.00 37.61  ? 16  TYR A O   1 
ATOM   123  C CB  . TYR A 1 26  ? -1.845  -3.307  -5.725  1.00 28.57  ? 16  TYR A CB  1 
ATOM   124  C CG  . TYR A 1 26  ? -2.823  -2.202  -5.389  1.00 32.48  ? 16  TYR A CG  1 
ATOM   125  C CD1 . TYR A 1 26  ? -4.196  -2.417  -5.492  1.00 31.65  ? 16  TYR A CD1 1 
ATOM   126  C CD2 . TYR A 1 26  ? -2.378  -0.941  -5.009  1.00 27.95  ? 16  TYR A CD2 1 
ATOM   127  C CE1 . TYR A 1 26  ? -5.101  -1.415  -5.216  1.00 28.72  ? 16  TYR A CE1 1 
ATOM   128  C CE2 . TYR A 1 26  ? -3.277  0.074   -4.727  1.00 27.04  ? 16  TYR A CE2 1 
ATOM   129  C CZ  . TYR A 1 26  ? -4.638  -0.175  -4.831  1.00 35.99  ? 16  TYR A CZ  1 
ATOM   130  O OH  . TYR A 1 26  ? -5.547  0.815   -4.554  1.00 37.62  ? 16  TYR A OH  1 
ATOM   131  N N   . LEU A 1 27  ? -0.312  -2.148  -8.368  1.00 36.21  ? 17  LEU A N   1 
ATOM   132  C CA  . LEU A 1 27  ? 0.051   -1.016  -9.217  1.00 35.97  ? 17  LEU A CA  1 
ATOM   133  C C   . LEU A 1 27  ? -0.463  -1.179  -10.653 1.00 40.55  ? 17  LEU A C   1 
ATOM   134  O O   . LEU A 1 27  ? -0.947  -0.225  -11.248 1.00 44.82  ? 17  LEU A O   1 
ATOM   135  C CB  . LEU A 1 27  ? 1.562   -0.781  -9.202  1.00 41.23  ? 17  LEU A CB  1 
ATOM   136  C CG  . LEU A 1 27  ? 2.093   -0.351  -7.830  1.00 50.30  ? 17  LEU A CG  1 
ATOM   137  C CD1 . LEU A 1 27  ? 3.525   0.124   -7.926  1.00 38.74  ? 17  LEU A CD1 1 
ATOM   138  C CD2 . LEU A 1 27  ? 1.212   0.738   -7.223  1.00 44.43  ? 17  LEU A CD2 1 
ATOM   139  N N   . GLN A 1 28  ? -0.356  -2.387  -11.201 1.00 38.93  ? 18  GLN A N   1 
ATOM   140  C CA  . GLN A 1 28  ? -0.845  -2.664  -12.548 1.00 42.11  ? 18  GLN A CA  1 
ATOM   141  C C   . GLN A 1 28  ? -2.348  -2.448  -12.624 1.00 45.70  ? 18  GLN A C   1 
ATOM   142  O O   . GLN A 1 28  ? -2.868  -1.961  -13.625 1.00 38.23  ? 18  GLN A O   1 
ATOM   143  C CB  . GLN A 1 28  ? -0.501  -4.093  -12.976 1.00 41.60  ? 18  GLN A CB  1 
ATOM   144  C CG  . GLN A 1 28  ? 0.979   -4.339  -13.178 1.00 39.59  ? 18  GLN A CG  1 
ATOM   145  C CD  . GLN A 1 28  ? 1.301   -5.798  -13.436 1.00 54.95  ? 18  GLN A CD  1 
ATOM   146  O OE1 . GLN A 1 28  ? 0.727   -6.694  -12.817 1.00 55.11  ? 18  GLN A OE1 1 
ATOM   147  N NE2 . GLN A 1 28  ? 2.224   -6.044  -14.359 1.00 56.62  ? 18  GLN A NE2 1 
ATOM   148  N N   . CYS A 1 29  ? -3.042  -2.814  -11.553 1.00 34.27  ? 19  CYS A N   1 
ATOM   149  C CA  . CYS A 1 29  ? -4.479  -2.631  -11.471 1.00 40.54  ? 19  CYS A CA  1 
ATOM   150  C C   . CYS A 1 29  ? -4.845  -1.148  -11.419 1.00 43.84  ? 19  CYS A C   1 
ATOM   151  O O   . CYS A 1 29  ? -5.746  -0.697  -12.123 1.00 44.80  ? 19  CYS A O   1 
ATOM   152  C CB  . CYS A 1 29  ? -5.033  -3.374  -10.254 1.00 46.14  ? 19  CYS A CB  1 
ATOM   153  S SG  . CYS A 1 29  ? -6.473  -2.606  -9.503  1.00 52.59  ? 19  CYS A SG  1 
ATOM   154  N N   . VAL A 1 30  ? -4.140  -0.397  -10.583 1.00 36.48  ? 20  VAL A N   1 
ATOM   155  C CA  . VAL A 1 30  ? -4.356  1.041   -10.474 1.00 42.66  ? 20  VAL A CA  1 
ATOM   156  C C   . VAL A 1 30  ? -4.113  1.735   -11.817 1.00 53.53  ? 20  VAL A C   1 
ATOM   157  O O   . VAL A 1 30  ? -4.895  2.592   -12.236 1.00 53.33  ? 20  VAL A O   1 
ATOM   158  C CB  . VAL A 1 30  ? -3.435  1.661   -9.400  1.00 47.65  ? 20  VAL A CB  1 
ATOM   159  C CG1 . VAL A 1 30  ? -3.458  3.183   -9.470  1.00 40.48  ? 20  VAL A CG1 1 
ATOM   160  C CG2 . VAL A 1 30  ? -3.829  1.169   -8.014  1.00 39.50  ? 20  VAL A CG2 1 
ATOM   161  N N   . LEU A 1 31  ? -3.030  1.344   -12.484 1.00 45.23  ? 21  LEU A N   1 
ATOM   162  C CA  . LEU A 1 31  ? -2.610  1.957   -13.741 1.00 44.75  ? 21  LEU A CA  1 
ATOM   163  C C   . LEU A 1 31  ? -3.392  1.438   -14.938 1.00 43.52  ? 21  LEU A C   1 
ATOM   164  O O   . LEU A 1 31  ? -3.302  1.988   -16.035 1.00 53.74  ? 21  LEU A O   1 
ATOM   165  C CB  . LEU A 1 31  ? -1.121  1.711   -13.972 1.00 43.48  ? 21  LEU A CB  1 
ATOM   166  C CG  . LEU A 1 31  ? -0.159  2.461   -13.059 1.00 50.94  ? 21  LEU A CG  1 
ATOM   167  C CD1 . LEU A 1 31  ? 1.280   2.116   -13.405 1.00 50.16  ? 21  LEU A CD1 1 
ATOM   168  C CD2 . LEU A 1 31  ? -0.402  3.954   -13.176 1.00 53.63  ? 21  LEU A CD2 1 
ATOM   169  N N   . GLN A 1 32  ? -4.145  0.368   -14.720 1.00 41.91  ? 22  GLN A N   1 
ATOM   170  C CA  . GLN A 1 32  ? -4.933  -0.261  -15.774 1.00 53.43  ? 22  GLN A CA  1 
ATOM   171  C C   . GLN A 1 32  ? -4.066  -0.804  -16.909 1.00 57.47  ? 22  GLN A C   1 
ATOM   172  O O   . GLN A 1 32  ? -4.370  -0.602  -18.084 1.00 69.09  ? 22  GLN A O   1 
ATOM   173  C CB  . GLN A 1 32  ? -5.981  0.706   -16.327 1.00 48.77  ? 22  GLN A CB  1 
ATOM   174  C CG  . GLN A 1 32  ? -6.970  1.226   -15.299 1.00 49.27  ? 22  GLN A CG  1 
ATOM   175  C CD  . GLN A 1 32  ? -8.106  2.003   -15.937 1.00 58.01  ? 22  GLN A CD  1 
ATOM   176  O OE1 . GLN A 1 32  ? -8.181  3.224   -15.816 1.00 64.38  ? 22  GLN A OE1 1 
ATOM   177  N NE2 . GLN A 1 32  ? -9.000  1.296   -16.618 1.00 62.58  ? 22  GLN A NE2 1 
ATOM   178  N N   . ILE A 1 33  ? -2.983  -1.488  -16.555 1.00 50.98  ? 23  ILE A N   1 
ATOM   179  C CA  . ILE A 1 33  ? -2.210  -2.239  -17.535 1.00 52.70  ? 23  ILE A CA  1 
ATOM   180  C C   . ILE A 1 33  ? -2.390  -3.729  -17.277 1.00 60.75  ? 23  ILE A C   1 
ATOM   181  O O   . ILE A 1 33  ? -2.405  -4.165  -16.128 1.00 58.29  ? 23  ILE A O   1 
ATOM   182  C CB  . ILE A 1 33  ? -0.713  -1.852  -17.551 1.00 55.89  ? 23  ILE A CB  1 
ATOM   183  C CG1 . ILE A 1 33  ? -0.067  -2.065  -16.182 1.00 51.09  ? 23  ILE A CG1 1 
ATOM   184  C CG2 . ILE A 1 33  ? -0.542  -0.410  -18.001 1.00 51.38  ? 23  ILE A CG2 1 
ATOM   185  C CD1 . ILE A 1 33  ? 1.409   -1.702  -16.156 1.00 47.96  ? 23  ILE A CD1 1 
ATOM   186  N N   . PRO A 1 34  ? -2.549  -4.512  -18.353 1.00 68.89  ? 24  PRO A N   1 
ATOM   187  C CA  . PRO A 1 34  ? -2.876  -5.935  -18.228 1.00 80.55  ? 24  PRO A CA  1 
ATOM   188  C C   . PRO A 1 34  ? -1.657  -6.767  -17.887 1.00 79.08  ? 24  PRO A C   1 
ATOM   189  O O   . PRO A 1 34  ? -0.614  -6.609  -18.518 1.00 88.19  ? 24  PRO A O   1 
ATOM   190  C CB  . PRO A 1 34  ? -3.356  -6.297  -19.631 1.00 79.66  ? 24  PRO A CB  1 
ATOM   191  C CG  . PRO A 1 34  ? -2.588  -5.383  -20.519 1.00 73.77  ? 24  PRO A CG  1 
ATOM   192  C CD  . PRO A 1 34  ? -2.433  -4.093  -19.760 1.00 59.01  ? 24  PRO A CD  1 
ATOM   193  N N   . GLN A 1 35  ? -1.786  -7.643  -16.900 1.00 76.63  ? 25  GLN A N   1 
ATOM   194  C CA  . GLN A 1 35  ? -0.715  -8.581  -16.604 1.00 93.61  ? 25  GLN A CA  1 
ATOM   195  C C   . GLN A 1 35  ? -1.225  -10.013 -16.563 1.00 101.50 ? 25  GLN A C   1 
ATOM   196  O O   . GLN A 1 35  ? -1.800  -10.443 -15.563 1.00 100.29 ? 25  GLN A O   1 
ATOM   197  C CB  . GLN A 1 35  ? -0.011  -8.230  -15.295 1.00 88.29  ? 25  GLN A CB  1 
ATOM   198  C CG  . GLN A 1 35  ? 1.241   -9.060  -15.050 1.00 90.64  ? 25  GLN A CG  1 
ATOM   199  C CD  . GLN A 1 35  ? 2.120   -9.159  -16.289 1.00 99.78  ? 25  GLN A CD  1 
ATOM   200  O OE1 . GLN A 1 35  ? 2.698   -8.168  -16.739 1.00 96.22  ? 25  GLN A OE1 1 
ATOM   201  N NE2 . GLN A 1 35  ? 2.214   -10.358 -16.853 1.00 102.47 ? 25  GLN A NE2 1 
ATOM   202  N N   . PRO A 1 36  ? -1.026  -10.751 -17.666 1.00 102.16 ? 26  PRO A N   1 
ATOM   203  C CA  . PRO A 1 36  ? -1.356  -12.178 -17.736 1.00 105.81 ? 26  PRO A CA  1 
ATOM   204  C C   . PRO A 1 36  ? -0.521  -12.993 -16.753 1.00 104.99 ? 26  PRO A C   1 
ATOM   205  O O   . PRO A 1 36  ? -0.340  -12.585 -15.604 1.00 101.41 ? 26  PRO A O   1 
ATOM   206  C CB  . PRO A 1 36  ? -0.991  -12.553 -19.177 1.00 101.77 ? 26  PRO A CB  1 
ATOM   207  C CG  . PRO A 1 36  ? -1.087  -11.276 -19.934 1.00 102.50 ? 26  PRO A CG  1 
ATOM   208  C CD  . PRO A 1 36  ? -0.625  -10.213 -18.977 1.00 100.46 ? 26  PRO A CD  1 
ATOM   209  N N   . GLY A 1 37  ? -0.003  -14.127 -17.209 1.00 104.97 ? 27  GLY A N   1 
ATOM   210  C CA  . GLY A 1 37  ? 0.668   -15.057 -16.322 1.00 92.02  ? 27  GLY A CA  1 
ATOM   211  C C   . GLY A 1 37  ? -0.370  -15.978 -15.717 1.00 103.72 ? 27  GLY A C   1 
ATOM   212  O O   . GLY A 1 37  ? -0.161  -16.560 -14.651 1.00 106.16 ? 27  GLY A O   1 
ATOM   213  N N   . SER A 1 38  ? -1.502  -16.090 -16.413 1.00 102.36 ? 28  SER A N   1 
ATOM   214  C CA  . SER A 1 38  ? -2.629  -16.932 -16.006 1.00 95.67  ? 28  SER A CA  1 
ATOM   215  C C   . SER A 1 38  ? -3.507  -16.309 -14.920 1.00 92.02  ? 28  SER A C   1 
ATOM   216  O O   . SER A 1 38  ? -4.393  -16.971 -14.383 1.00 93.94  ? 28  SER A O   1 
ATOM   217  C CB  . SER A 1 38  ? -2.165  -18.333 -15.591 1.00 98.39  ? 28  SER A CB  1 
ATOM   218  O OG  . SER A 1 38  ? -1.675  -19.054 -16.709 1.00 100.39 ? 28  SER A OG  1 
ATOM   219  N N   . GLY A 1 39  ? -3.262  -15.041 -14.602 1.00 95.10  ? 29  GLY A N   1 
ATOM   220  C CA  . GLY A 1 39  ? -4.140  -14.304 -13.710 1.00 87.33  ? 29  GLY A CA  1 
ATOM   221  C C   . GLY A 1 39  ? -3.600  -14.075 -12.311 1.00 71.25  ? 29  GLY A C   1 
ATOM   222  O O   . GLY A 1 39  ? -2.672  -14.762 -11.882 1.00 74.83  ? 29  GLY A O   1 
ATOM   223  N N   . PRO A 1 40  ? -4.180  -13.096 -11.596 1.00 67.59  ? 30  PRO A N   1 
ATOM   224  C CA  . PRO A 1 40  ? -3.845  -12.774 -10.204 1.00 59.01  ? 30  PRO A CA  1 
ATOM   225  C C   . PRO A 1 40  ? -4.339  -13.857 -9.256  1.00 46.18  ? 30  PRO A C   1 
ATOM   226  O O   . PRO A 1 40  ? -5.350  -14.496 -9.534  1.00 43.69  ? 30  PRO A O   1 
ATOM   227  C CB  . PRO A 1 40  ? -4.624  -11.478 -9.938  1.00 53.62  ? 30  PRO A CB  1 
ATOM   228  C CG  . PRO A 1 40  ? -4.974  -10.940 -11.294 1.00 68.57  ? 30  PRO A CG  1 
ATOM   229  C CD  . PRO A 1 40  ? -5.166  -12.154 -12.151 1.00 68.38  ? 30  PRO A CD  1 
ATOM   230  N N   . SER A 1 41  ? -3.625  -14.060 -8.155  1.00 44.02  ? 31  SER A N   1 
ATOM   231  C CA  . SER A 1 41  ? -4.048  -15.009 -7.134  1.00 53.41  ? 31  SER A CA  1 
ATOM   232  C C   . SER A 1 41  ? -5.328  -14.531 -6.454  1.00 43.80  ? 31  SER A C   1 
ATOM   233  O O   . SER A 1 41  ? -5.732  -13.379 -6.609  1.00 39.69  ? 31  SER A O   1 
ATOM   234  C CB  . SER A 1 41  ? -2.940  -15.198 -6.093  1.00 41.77  ? 31  SER A CB  1 
ATOM   235  O OG  . SER A 1 41  ? -2.582  -13.958 -5.501  1.00 43.57  ? 31  SER A OG  1 
ATOM   236  N N   . LYS A 1 42  ? -5.965  -15.424 -5.704  1.00 52.37  ? 32  LYS A N   1 
ATOM   237  C CA  . LYS A 1 42  ? -7.152  -15.067 -4.937  1.00 45.72  ? 32  LYS A CA  1 
ATOM   238  C C   . LYS A 1 42  ? -6.821  -13.974 -3.919  1.00 46.36  ? 32  LYS A C   1 
ATOM   239  O O   . LYS A 1 42  ? -7.601  -13.050 -3.702  1.00 48.88  ? 32  LYS A O   1 
ATOM   240  C CB  . LYS A 1 42  ? -7.712  -16.299 -4.221  1.00 65.71  ? 32  LYS A CB  1 
ATOM   241  C CG  . LYS A 1 42  ? -8.852  -15.994 -3.262  1.00 68.56  ? 32  LYS A CG  1 
ATOM   242  C CD  . LYS A 1 42  ? -9.441  -17.264 -2.669  1.00 52.00  ? 32  LYS A CD  1 
ATOM   243  C CE  . LYS A 1 42  ? -10.793 -16.981 -2.023  1.00 90.04  ? 32  LYS A CE  1 
ATOM   244  N NZ  . LYS A 1 42  ? -11.762 -16.337 -2.971  1.00 79.39  ? 32  LYS A NZ  1 
ATOM   245  N N   . THR A 1 43  ? -5.658  -14.093 -3.292  1.00 42.08  ? 33  THR A N   1 
ATOM   246  C CA  . THR A 1 43  ? -5.187  -13.094 -2.341  1.00 40.80  ? 33  THR A CA  1 
ATOM   247  C C   . THR A 1 43  ? -5.116  -11.709 -2.985  1.00 40.39  ? 33  THR A C   1 
ATOM   248  O O   . THR A 1 43  ? -5.670  -10.737 -2.467  1.00 38.48  ? 33  THR A O   1 
ATOM   249  C CB  . THR A 1 43  ? -3.797  -13.474 -1.806  1.00 42.67  ? 33  THR A CB  1 
ATOM   250  O OG1 . THR A 1 43  ? -3.887  -14.710 -1.087  1.00 55.66  ? 33  THR A OG1 1 
ATOM   251  C CG2 . THR A 1 43  ? -3.259  -12.389 -0.897  1.00 40.71  ? 33  THR A CG2 1 
ATOM   252  N N   . SER A 1 44  ? -4.426  -11.636 -4.121  1.00 36.41  ? 34  SER A N   1 
ATOM   253  C CA  . SER A 1 44  ? -4.280  -10.398 -4.873  1.00 42.47  ? 34  SER A CA  1 
ATOM   254  C C   . SER A 1 44  ? -5.636  -9.804  -5.262  1.00 29.56  ? 34  SER A C   1 
ATOM   255  O O   . SER A 1 44  ? -5.854  -8.602  -5.123  1.00 34.66  ? 34  SER A O   1 
ATOM   256  C CB  . SER A 1 44  ? -3.422  -10.645 -6.119  1.00 41.35  ? 34  SER A CB  1 
ATOM   257  O OG  . SER A 1 44  ? -3.073  -9.433  -6.764  1.00 44.70  ? 34  SER A OG  1 
ATOM   258  N N   . ARG A 1 45  ? -6.551  -10.645 -5.734  1.00 34.95  ? 35  ARG A N   1 
ATOM   259  C CA  . ARG A 1 45  ? -7.879  -10.176 -6.136  1.00 33.00  ? 35  ARG A CA  1 
ATOM   260  C C   . ARG A 1 45  ? -8.640  -9.560  -4.961  1.00 34.56  ? 35  ARG A C   1 
ATOM   261  O O   . ARG A 1 45  ? -9.258  -8.503  -5.096  1.00 39.14  ? 35  ARG A O   1 
ATOM   262  C CB  . ARG A 1 45  ? -8.694  -11.314 -6.760  1.00 38.82  ? 35  ARG A CB  1 
ATOM   263  C CG  . ARG A 1 45  ? -8.175  -11.808 -8.103  1.00 33.36  ? 35  ARG A CG  1 
ATOM   264  C CD  . ARG A 1 45  ? -8.691  -13.206 -8.433  1.00 38.52  ? 35  ARG A CD  1 
ATOM   265  N NE  . ARG A 1 45  ? -8.192  -13.675 -9.724  1.00 52.07  ? 35  ARG A NE  1 
ATOM   266  C CZ  . ARG A 1 45  ? -8.806  -13.458 -10.886 1.00 57.29  ? 35  ARG A CZ  1 
ATOM   267  N NH1 . ARG A 1 45  ? -9.948  -12.785 -10.917 1.00 44.73  ? 35  ARG A NH1 1 
ATOM   268  N NH2 . ARG A 1 45  ? -8.277  -13.911 -12.016 1.00 47.47  ? 35  ARG A NH2 1 
ATOM   269  N N   . VAL A 1 46  ? -8.594  -10.223 -3.808  1.00 31.29  ? 36  VAL A N   1 
ATOM   270  C CA  . VAL A 1 46  ? -9.215  -9.690  -2.599  1.00 27.97  ? 36  VAL A CA  1 
ATOM   271  C C   . VAL A 1 46  ? -8.558  -8.381  -2.154  1.00 30.12  ? 36  VAL A C   1 
ATOM   272  O O   . VAL A 1 46  ? -9.243  -7.441  -1.748  1.00 41.44  ? 36  VAL A O   1 
ATOM   273  C CB  . VAL A 1 46  ? -9.166  -10.708 -1.438  1.00 39.37  ? 36  VAL A CB  1 
ATOM   274  C CG1 . VAL A 1 46  ? -9.665  -10.075 -0.154  1.00 32.59  ? 36  VAL A CG1 1 
ATOM   275  C CG2 . VAL A 1 46  ? -9.974  -11.954 -1.782  1.00 35.47  ? 36  VAL A CG2 1 
ATOM   276  N N   . LEU A 1 47  ? -7.229  -8.327  -2.222  1.00 37.01  ? 37  LEU A N   1 
ATOM   277  C CA  . LEU A 1 47  ? -6.477  -7.130  -1.842  1.00 35.92  ? 37  LEU A CA  1 
ATOM   278  C C   . LEU A 1 47  ? -6.725  -5.941  -2.782  1.00 32.81  ? 37  LEU A C   1 
ATOM   279  O O   . LEU A 1 47  ? -6.933  -4.819  -2.322  1.00 32.74  ? 37  LEU A O   1 
ATOM   280  C CB  . LEU A 1 47  ? -4.981  -7.443  -1.791  1.00 34.07  ? 37  LEU A CB  1 
ATOM   281  C CG  . LEU A 1 47  ? -4.055  -6.267  -1.477  1.00 41.96  ? 37  LEU A CG  1 
ATOM   282  C CD1 . LEU A 1 47  ? -4.417  -5.653  -0.132  1.00 36.14  ? 37  LEU A CD1 1 
ATOM   283  C CD2 . LEU A 1 47  ? -2.593  -6.700  -1.503  1.00 34.96  ? 37  LEU A CD2 1 
ATOM   284  N N   . GLN A 1 48  ? -6.688  -6.186  -4.092  1.00 32.71  ? 38  GLN A N   1 
ATOM   285  C CA  . GLN A 1 48  ? -6.891  -5.117  -5.072  1.00 38.78  ? 38  GLN A CA  1 
ATOM   286  C C   . GLN A 1 48  ? -8.225  -4.434  -4.828  1.00 33.94  ? 38  GLN A C   1 
ATOM   287  O O   . GLN A 1 48  ? -8.360  -3.223  -4.975  1.00 42.35  ? 38  GLN A O   1 
ATOM   288  C CB  . GLN A 1 48  ? -6.838  -5.663  -6.502  1.00 34.20  ? 38  GLN A CB  1 
ATOM   289  C CG  . GLN A 1 48  ? -5.437  -6.006  -7.015  1.00 38.61  ? 38  GLN A CG  1 
ATOM   290  C CD  . GLN A 1 48  ? -5.463  -6.902  -8.255  1.00 50.56  ? 38  GLN A CD  1 
ATOM   291  O OE1 . GLN A 1 48  ? -4.529  -7.669  -8.500  1.00 53.83  ? 38  GLN A OE1 1 
ATOM   292  N NE2 . GLN A 1 48  ? -6.540  -6.815  -9.034  1.00 51.92  ? 38  GLN A NE2 1 
ATOM   293  N N   . ASN A 1 49  ? -9.206  -5.225  -4.432  1.00 40.51  ? 39  ASN A N   1 
ATOM   294  C CA  . ASN A 1 49  ? -10.539 -4.714  -4.173  1.00 41.34  ? 39  ASN A CA  1 
ATOM   295  C C   . ASN A 1 49  ? -10.614 -3.828  -2.927  1.00 46.51  ? 39  ASN A C   1 
ATOM   296  O O   . ASN A 1 49  ? -11.122 -2.707  -2.986  1.00 41.78  ? 39  ASN A O   1 
ATOM   297  C CB  . ASN A 1 49  ? -11.511 -5.887  -4.056  1.00 52.27  ? 39  ASN A CB  1 
ATOM   298  C CG  . ASN A 1 49  ? -12.953 -5.451  -4.105  1.00 55.40  ? 39  ASN A CG  1 
ATOM   299  O OD1 . ASN A 1 49  ? -13.634 -5.412  -3.081  1.00 65.83  ? 39  ASN A OD1 1 
ATOM   300  N ND2 . ASN A 1 49  ? -13.426 -5.111  -5.295  1.00 50.78  ? 39  ASN A ND2 1 
ATOM   301  N N   . VAL A 1 50  ? -10.103 -4.323  -1.799  1.00 33.04  ? 40  VAL A N   1 
ATOM   302  C CA  . VAL A 1 50  ? -10.166 -3.565  -0.549  1.00 36.17  ? 40  VAL A CA  1 
ATOM   303  C C   . VAL A 1 50  ? -9.176  -2.398  -0.503  1.00 38.53  ? 40  VAL A C   1 
ATOM   304  O O   . VAL A 1 50  ? -9.492  -1.323  0.008   1.00 37.59  ? 40  VAL A O   1 
ATOM   305  C CB  . VAL A 1 50  ? -9.985  -4.464  0.705   1.00 45.34  ? 40  VAL A CB  1 
ATOM   306  C CG1 . VAL A 1 50  ? -8.632  -5.148  0.697   1.00 41.76  ? 40  VAL A CG1 1 
ATOM   307  C CG2 . VAL A 1 50  ? -10.143 -3.639  1.967   1.00 37.86  ? 40  VAL A CG2 1 
ATOM   308  N N   . ALA A 1 51  ? -7.978  -2.600  -1.040  1.00 32.58  ? 41  ALA A N   1 
ATOM   309  C CA  . ALA A 1 51  ? -7.003  -1.517  -1.079  1.00 34.25  ? 41  ALA A CA  1 
ATOM   310  C C   . ALA A 1 51  ? -7.495  -0.338  -1.923  1.00 33.17  ? 41  ALA A C   1 
ATOM   311  O O   . ALA A 1 51  ? -7.364  0.817   -1.523  1.00 34.36  ? 41  ALA A O   1 
ATOM   312  C CB  . ALA A 1 51  ? -5.669  -2.020  -1.582  1.00 30.69  ? 41  ALA A CB  1 
ATOM   313  N N   . PHE A 1 52  ? -8.064  -0.622  -3.091  1.00 31.83  ? 42  PHE A N   1 
ATOM   314  C CA  . PHE A 1 52  ? -8.600  0.450   -3.927  1.00 36.57  ? 42  PHE A CA  1 
ATOM   315  C C   . PHE A 1 52  ? -9.715  1.220   -3.213  1.00 42.12  ? 42  PHE A C   1 
ATOM   316  O O   . PHE A 1 52  ? -9.804  2.444   -3.315  1.00 39.61  ? 42  PHE A O   1 
ATOM   317  C CB  . PHE A 1 52  ? -9.083  -0.082  -5.279  1.00 43.86  ? 42  PHE A CB  1 
ATOM   318  C CG  . PHE A 1 52  ? -9.449  1.000   -6.249  1.00 49.16  ? 42  PHE A CG  1 
ATOM   319  C CD1 . PHE A 1 52  ? -8.468  1.781   -6.835  1.00 54.90  ? 42  PHE A CD1 1 
ATOM   320  C CD2 . PHE A 1 52  ? -10.771 1.248   -6.564  1.00 53.21  ? 42  PHE A CD2 1 
ATOM   321  C CE1 . PHE A 1 52  ? -8.801  2.784   -7.721  1.00 59.75  ? 42  PHE A CE1 1 
ATOM   322  C CE2 . PHE A 1 52  ? -11.109 2.247   -7.453  1.00 53.43  ? 42  PHE A CE2 1 
ATOM   323  C CZ  . PHE A 1 52  ? -10.121 3.016   -8.031  1.00 47.71  ? 42  PHE A CZ  1 
ATOM   324  N N   . SER A 1 53  ? -10.557 0.500   -2.480  1.00 30.07  ? 43  SER A N   1 
ATOM   325  C CA  . SER A 1 53  ? -11.591 1.145   -1.666  1.00 54.23  ? 43  SER A CA  1 
ATOM   326  C C   . SER A 1 53  ? -11.020 2.142   -0.644  1.00 46.94  ? 43  SER A C   1 
ATOM   327  O O   . SER A 1 53  ? -11.603 3.201   -0.406  1.00 48.28  ? 43  SER A O   1 
ATOM   328  C CB  . SER A 1 53  ? -12.455 0.098   -0.958  1.00 47.45  ? 43  SER A CB  1 
ATOM   329  O OG  . SER A 1 53  ? -13.212 0.691   0.077   1.00 60.03  ? 43  SER A OG  1 
ATOM   330  N N   . VAL A 1 54  ? -9.886  1.802   -0.036  1.00 42.22  ? 44  VAL A N   1 
ATOM   331  C CA  . VAL A 1 54  ? -9.238  2.705   0.915   1.00 41.80  ? 44  VAL A CA  1 
ATOM   332  C C   . VAL A 1 54  ? -8.535  3.859   0.207   1.00 39.72  ? 44  VAL A C   1 
ATOM   333  O O   . VAL A 1 54  ? -8.550  4.999   0.676   1.00 38.16  ? 44  VAL A O   1 
ATOM   334  C CB  . VAL A 1 54  ? -8.232  1.964   1.815   1.00 44.97  ? 44  VAL A CB  1 
ATOM   335  C CG1 . VAL A 1 54  ? -7.333  2.960   2.530   1.00 36.15  ? 44  VAL A CG1 1 
ATOM   336  C CG2 . VAL A 1 54  ? -8.971  1.084   2.808   1.00 39.68  ? 44  VAL A CG2 1 
ATOM   337  N N   . GLN A 1 55  ? -7.925  3.560   -0.933  1.00 38.34  ? 45  GLN A N   1 
ATOM   338  C CA  . GLN A 1 55  ? -7.241  4.588   -1.705  1.00 42.16  ? 45  GLN A CA  1 
ATOM   339  C C   . GLN A 1 55  ? -8.195  5.726   -2.080  1.00 44.20  ? 45  GLN A C   1 
ATOM   340  O O   . GLN A 1 55  ? -7.849  6.900   -1.960  1.00 42.30  ? 45  GLN A O   1 
ATOM   341  C CB  . GLN A 1 55  ? -6.604  3.988   -2.961  1.00 35.79  ? 45  GLN A CB  1 
ATOM   342  C CG  . GLN A 1 55  ? -5.739  4.964   -3.740  1.00 49.25  ? 45  GLN A CG  1 
ATOM   343  C CD  . GLN A 1 55  ? -5.144  4.349   -4.990  1.00 47.66  ? 45  GLN A CD  1 
ATOM   344  O OE1 . GLN A 1 55  ? -4.645  3.223   -4.969  1.00 50.85  ? 45  GLN A OE1 1 
ATOM   345  N NE2 . GLN A 1 55  ? -5.201  5.083   -6.090  1.00 45.27  ? 45  GLN A NE2 1 
ATOM   346  N N   . LYS A 1 56  ? -9.398  5.378   -2.522  1.00 38.89  ? 46  LYS A N   1 
ATOM   347  C CA  . LYS A 1 56  ? -10.362 6.389   -2.961  1.00 51.50  ? 46  LYS A CA  1 
ATOM   348  C C   . LYS A 1 56  ? -10.740 7.344   -1.837  1.00 49.46  ? 46  LYS A C   1 
ATOM   349  O O   . LYS A 1 56  ? -10.866 8.551   -2.052  1.00 53.24  ? 46  LYS A O   1 
ATOM   350  C CB  . LYS A 1 56  ? -11.620 5.735   -3.534  1.00 46.87  ? 46  LYS A CB  1 
ATOM   351  C CG  . LYS A 1 56  ? -11.376 4.932   -4.792  1.00 47.88  ? 46  LYS A CG  1 
ATOM   352  C CD  . LYS A 1 56  ? -12.676 4.361   -5.333  1.00 59.31  ? 46  LYS A CD  1 
ATOM   353  C CE  . LYS A 1 56  ? -13.326 3.410   -4.336  1.00 69.09  ? 46  LYS A CE  1 
ATOM   354  N NZ  . LYS A 1 56  ? -14.672 2.952   -4.795  1.00 67.88  ? 46  LYS A NZ  1 
ATOM   355  N N   . GLU A 1 57  ? -10.914 6.804   -0.638  1.00 45.61  ? 47  GLU A N   1 
ATOM   356  C CA  . GLU A 1 57  ? -11.305 7.618   0.501   1.00 47.27  ? 47  GLU A CA  1 
ATOM   357  C C   . GLU A 1 57  ? -10.149 8.454   1.026   1.00 53.86  ? 47  GLU A C   1 
ATOM   358  O O   . GLU A 1 57  ? -10.319 9.627   1.353   1.00 59.68  ? 47  GLU A O   1 
ATOM   359  C CB  . GLU A 1 57  ? -11.896 6.742   1.606   1.00 42.53  ? 47  GLU A CB  1 
ATOM   360  C CG  . GLU A 1 57  ? -13.133 5.966   1.145   1.00 65.36  ? 47  GLU A CG  1 
ATOM   361  C CD  . GLU A 1 57  ? -14.085 6.817   0.300   1.00 81.38  ? 47  GLU A CD  1 
ATOM   362  O OE1 . GLU A 1 57  ? -14.484 7.911   0.762   1.00 84.18  ? 47  GLU A OE1 1 
ATOM   363  O OE2 . GLU A 1 57  ? -14.426 6.398   -0.831  1.00 65.14  ? 47  GLU A OE2 1 
ATOM   364  N N   . VAL A 1 58  ? -8.969  7.852   1.099   1.00 59.46  ? 48  VAL A N   1 
ATOM   365  C CA  . VAL A 1 58  ? -7.794  8.565   1.576   1.00 46.61  ? 48  VAL A CA  1 
ATOM   366  C C   . VAL A 1 58  ? -7.405  9.690   0.615   1.00 55.14  ? 48  VAL A C   1 
ATOM   367  O O   . VAL A 1 58  ? -6.984  10.762  1.046   1.00 52.19  ? 48  VAL A O   1 
ATOM   368  C CB  . VAL A 1 58  ? -6.606  7.613   1.808   1.00 48.65  ? 48  VAL A CB  1 
ATOM   369  C CG1 . VAL A 1 58  ? -5.309  8.392   1.924   1.00 49.37  ? 48  VAL A CG1 1 
ATOM   370  C CG2 . VAL A 1 58  ? -6.847  6.770   3.051   1.00 52.23  ? 48  VAL A CG2 1 
ATOM   371  N N   . GLU A 1 59  ? -7.563  9.452   -0.685  1.00 55.15  ? 49  GLU A N   1 
ATOM   372  C CA  . GLU A 1 59  ? -7.240  10.467  -1.687  1.00 43.40  ? 49  GLU A CA  1 
ATOM   373  C C   . GLU A 1 59  ? -8.027  11.759  -1.502  1.00 58.62  ? 49  GLU A C   1 
ATOM   374  O O   . GLU A 1 59  ? -7.457  12.848  -1.539  1.00 67.60  ? 49  GLU A O   1 
ATOM   375  C CB  . GLU A 1 59  ? -7.465  9.936   -3.103  1.00 53.56  ? 49  GLU A CB  1 
ATOM   376  C CG  . GLU A 1 59  ? -6.326  9.092   -3.638  1.00 56.61  ? 49  GLU A CG  1 
ATOM   377  C CD  . GLU A 1 59  ? -6.537  8.680   -5.080  1.00 62.66  ? 49  GLU A CD  1 
ATOM   378  O OE1 . GLU A 1 59  ? -7.389  9.293   -5.757  1.00 74.89  ? 49  GLU A OE1 1 
ATOM   379  O OE2 . GLU A 1 59  ? -5.852  7.740   -5.535  1.00 53.11  ? 49  GLU A OE2 1 
ATOM   380  N N   . LYS A 1 60  ? -9.338  11.639  -1.313  1.00 61.63  ? 50  LYS A N   1 
ATOM   381  C CA  . LYS A 1 60  ? -10.190 12.815  -1.170  1.00 65.53  ? 50  LYS A CA  1 
ATOM   382  C C   . LYS A 1 60  ? -9.980  13.548  0.153   1.00 69.99  ? 50  LYS A C   1 
ATOM   383  O O   . LYS A 1 60  ? -10.055 14.776  0.201   1.00 71.66  ? 50  LYS A O   1 
ATOM   384  C CB  . LYS A 1 60  ? -11.665 12.447  -1.347  1.00 68.99  ? 50  LYS A CB  1 
ATOM   385  C CG  . LYS A 1 60  ? -12.123 11.258  -0.532  1.00 62.87  ? 50  LYS A CG  1 
ATOM   386  C CD  . LYS A 1 60  ? -13.499 10.793  -0.993  1.00 69.78  ? 50  LYS A CD  1 
ATOM   387  C CE  . LYS A 1 60  ? -13.513 10.536  -2.498  1.00 74.52  ? 50  LYS A CE  1 
ATOM   388  N NZ  . LYS A 1 60  ? -14.765 9.874   -2.973  1.00 66.50  ? 50  LYS A NZ  1 
ATOM   389  N N   . ASN A 1 61  ? -9.718  12.797  1.219   1.00 67.44  ? 51  ASN A N   1 
ATOM   390  C CA  . ASN A 1 61  ? -9.495  13.391  2.536   1.00 62.98  ? 51  ASN A CA  1 
ATOM   391  C C   . ASN A 1 61  ? -8.133  14.050  2.661   1.00 60.94  ? 51  ASN A C   1 
ATOM   392  O O   . ASN A 1 61  ? -7.936  14.923  3.503   1.00 80.68  ? 51  ASN A O   1 
ATOM   393  C CB  . ASN A 1 61  ? -9.658  12.349  3.649   1.00 75.97  ? 51  ASN A CB  1 
ATOM   394  C CG  . ASN A 1 61  ? -11.114 12.051  3.967   1.00 87.17  ? 51  ASN A CG  1 
ATOM   395  O OD1 . ASN A 1 61  ? -11.998 12.233  3.128   1.00 84.45  ? 51  ASN A OD1 1 
ATOM   396  N ND2 . ASN A 1 61  ? -11.371 11.593  5.189   1.00 88.48  ? 51  ASN A ND2 1 
ATOM   397  N N   . LEU A 1 62  ? -7.197  13.630  1.816   1.00 64.35  ? 52  LEU A N   1 
ATOM   398  C CA  . LEU A 1 62  ? -5.819  14.092  1.908   1.00 68.44  ? 52  LEU A CA  1 
ATOM   399  C C   . LEU A 1 62  ? -5.454  14.961  0.711   1.00 68.69  ? 52  LEU A C   1 
ATOM   400  O O   . LEU A 1 62  ? -4.278  15.238  0.475   1.00 55.03  ? 52  LEU A O   1 
ATOM   401  C CB  . LEU A 1 62  ? -4.879  12.887  1.984   1.00 67.60  ? 52  LEU A CB  1 
ATOM   402  C CG  . LEU A 1 62  ? -3.679  12.955  2.928   1.00 73.47  ? 52  LEU A CG  1 
ATOM   403  C CD1 . LEU A 1 62  ? -4.101  13.499  4.283   1.00 73.29  ? 52  LEU A CD1 1 
ATOM   404  C CD2 . LEU A 1 62  ? -3.044  11.578  3.069   1.00 63.81  ? 52  LEU A CD2 1 
ATOM   405  N N   . LYS A 1 63  ? -6.474  15.395  -0.027  1.00 62.50  ? 53  LYS A N   1 
ATOM   406  C CA  . LYS A 1 63  ? -6.293  16.090  -1.301  1.00 69.89  ? 53  LYS A CA  1 
ATOM   407  C C   . LYS A 1 63  ? -5.443  17.361  -1.224  1.00 68.13  ? 53  LYS A C   1 
ATOM   408  O O   . LYS A 1 63  ? -4.455  17.496  -1.946  1.00 67.20  ? 53  LYS A O   1 
ATOM   409  C CB  . LYS A 1 63  ? -7.655  16.400  -1.935  1.00 70.43  ? 53  LYS A CB  1 
ATOM   410  C CG  . LYS A 1 63  ? -7.569  17.128  -3.270  1.00 85.71  ? 53  LYS A CG  1 
ATOM   411  C CD  . LYS A 1 63  ? -8.719  16.737  -4.192  1.00 99.69  ? 53  LYS A CD  1 
ATOM   412  C CE  . LYS A 1 63  ? -10.075 16.995  -3.547  1.00 98.25  ? 53  LYS A CE  1 
ATOM   413  N NZ  . LYS A 1 63  ? -11.199 16.437  -4.357  1.00 95.93  ? 53  LYS A NZ  1 
ATOM   414  N N   . SER A 1 64  ? -5.833  18.292  -0.361  1.00 73.99  ? 54  SER A N   1 
ATOM   415  C CA  . SER A 1 64  ? -5.106  19.551  -0.223  1.00 74.04  ? 54  SER A CA  1 
ATOM   416  C C   . SER A 1 64  ? -3.632  19.329  0.121   1.00 73.06  ? 54  SER A C   1 
ATOM   417  O O   . SER A 1 64  ? -2.741  19.879  -0.534  1.00 77.26  ? 54  SER A O   1 
ATOM   418  C CB  . SER A 1 64  ? -5.765  20.433  0.839   1.00 68.40  ? 54  SER A CB  1 
ATOM   419  O OG  . SER A 1 64  ? -5.056  21.649  1.006   1.00 84.22  ? 54  SER A OG  1 
ATOM   420  N N   . CYS A 1 65  ? -3.385  18.520  1.145   1.00 64.24  ? 55  CYS A N   1 
ATOM   421  C CA  A CYS A 1 65  ? -2.031  18.230  1.602   0.50 72.73  ? 55  CYS A CA  1 
ATOM   422  C CA  B CYS A 1 65  ? -2.025  18.248  1.601   0.50 72.84  ? 55  CYS A CA  1 
ATOM   423  C C   . CYS A 1 65  ? -1.127  17.711  0.484   1.00 73.20  ? 55  CYS A C   1 
ATOM   424  O O   . CYS A 1 65  ? 0.041   18.088  0.387   1.00 71.45  ? 55  CYS A O   1 
ATOM   425  C CB  A CYS A 1 65  ? -2.074  17.220  2.754   0.50 68.76  ? 55  CYS A CB  1 
ATOM   426  C CB  B CYS A 1 65  ? -2.039  17.282  2.794   0.50 68.94  ? 55  CYS A CB  1 
ATOM   427  S SG  A CYS A 1 65  ? -0.575  16.250  2.946   0.50 54.64  ? 55  CYS A SG  1 
ATOM   428  S SG  B CYS A 1 65  ? -2.883  17.922  4.272   0.50 76.13  ? 55  CYS A SG  1 
ATOM   429  N N   . LEU A 1 66  ? -1.674  16.836  -0.354  1.00 58.60  ? 56  LEU A N   1 
ATOM   430  C CA  . LEU A 1 66  ? -0.898  16.203  -1.420  1.00 59.23  ? 56  LEU A CA  1 
ATOM   431  C C   . LEU A 1 66  ? -0.563  17.144  -2.579  1.00 68.60  ? 56  LEU A C   1 
ATOM   432  O O   . LEU A 1 66  ? 0.454   16.969  -3.255  1.00 60.28  ? 56  LEU A O   1 
ATOM   433  C CB  . LEU A 1 66  ? -1.621  14.958  -1.934  1.00 58.15  ? 56  LEU A CB  1 
ATOM   434  C CG  . LEU A 1 66  ? -1.718  13.807  -0.936  1.00 60.85  ? 56  LEU A CG  1 
ATOM   435  C CD1 . LEU A 1 66  ? -2.806  12.822  -1.335  1.00 62.99  ? 56  LEU A CD1 1 
ATOM   436  C CD2 . LEU A 1 66  ? -0.377  13.114  -0.814  1.00 64.76  ? 56  LEU A CD2 1 
ATOM   437  N N   . ASP A 1 67  ? -1.415  18.135  -2.815  1.00 66.32  ? 57  ASP A N   1 
ATOM   438  C CA  . ASP A 1 67  ? -1.128  19.130  -3.840  1.00 74.23  ? 57  ASP A CA  1 
ATOM   439  C C   . ASP A 1 67  ? 0.148   19.889  -3.505  1.00 62.83  ? 57  ASP A C   1 
ATOM   440  O O   . ASP A 1 67  ? 0.767   20.491  -4.381  1.00 67.36  ? 57  ASP A O   1 
ATOM   441  C CB  . ASP A 1 67  ? -2.296  20.108  -3.999  1.00 69.80  ? 57  ASP A CB  1 
ATOM   442  C CG  . ASP A 1 67  ? -3.409  19.549  -4.864  1.00 81.13  ? 57  ASP A CG  1 
ATOM   443  O OD1 . ASP A 1 67  ? -3.157  18.562  -5.587  1.00 78.71  ? 57  ASP A OD1 1 
ATOM   444  O OD2 . ASP A 1 67  ? -4.528  20.105  -4.830  1.00 91.80  ? 57  ASP A OD2 1 
ATOM   445  N N   . ASN A 1 68  ? 0.536   19.844  -2.234  1.00 69.39  ? 58  ASN A N   1 
ATOM   446  C CA  . ASN A 1 68  ? 1.687   20.597  -1.740  1.00 68.32  ? 58  ASN A CA  1 
ATOM   447  C C   . ASN A 1 68  ? 3.003   19.822  -1.766  1.00 59.12  ? 58  ASN A C   1 
ATOM   448  O O   . ASN A 1 68  ? 4.002   20.265  -1.199  1.00 63.08  ? 58  ASN A O   1 
ATOM   449  C CB  . ASN A 1 68  ? 1.420   21.118  -0.326  1.00 74.87  ? 58  ASN A CB  1 
ATOM   450  C CG  . ASN A 1 68  ? 0.227   22.059  -0.265  1.00 83.98  ? 58  ASN A CG  1 
ATOM   451  O OD1 . ASN A 1 68  ? -0.208  22.601  -1.286  1.00 70.36  ? 58  ASN A OD1 1 
ATOM   452  N ND2 . ASN A 1 68  ? -0.306  22.261  0.938   1.00 79.39  ? 58  ASN A ND2 1 
ATOM   453  N N   . VAL A 1 69  ? 2.996   18.664  -2.415  1.00 57.89  ? 59  VAL A N   1 
ATOM   454  C CA  . VAL A 1 69  ? 4.222   17.907  -2.643  1.00 59.76  ? 59  VAL A CA  1 
ATOM   455  C C   . VAL A 1 69  ? 4.285   17.464  -4.096  1.00 52.30  ? 59  VAL A C   1 
ATOM   456  O O   . VAL A 1 69  ? 3.281   17.044  -4.673  1.00 59.88  ? 59  VAL A O   1 
ATOM   457  C CB  . VAL A 1 69  ? 4.334   16.675  -1.724  1.00 57.31  ? 59  VAL A CB  1 
ATOM   458  C CG1 . VAL A 1 69  ? 5.594   15.880  -2.048  1.00 40.99  ? 59  VAL A CG1 1 
ATOM   459  C CG2 . VAL A 1 69  ? 4.353   17.106  -0.280  1.00 65.08  ? 59  VAL A CG2 1 
ATOM   460  N N   . ASN A 1 70  ? 5.470   17.561  -4.682  1.00 43.35  ? 60  ASN A N   1 
ATOM   461  C CA  . ASN A 1 70  ? 5.667   17.176  -6.067  1.00 39.74  ? 60  ASN A CA  1 
ATOM   462  C C   . ASN A 1 70  ? 6.479   15.894  -6.172  1.00 44.35  ? 60  ASN A C   1 
ATOM   463  O O   . ASN A 1 70  ? 7.694   15.908  -5.973  1.00 46.11  ? 60  ASN A O   1 
ATOM   464  C CB  . ASN A 1 70  ? 6.374   18.298  -6.823  1.00 52.53  ? 60  ASN A CB  1 
ATOM   465  C CG  . ASN A 1 70  ? 5.711   19.645  -6.619  1.00 55.34  ? 60  ASN A CG  1 
ATOM   466  O OD1 . ASN A 1 70  ? 4.485   19.745  -6.552  1.00 64.59  ? 60  ASN A OD1 1 
ATOM   467  N ND2 . ASN A 1 70  ? 6.523   20.691  -6.520  1.00 56.91  ? 60  ASN A ND2 1 
ATOM   468  N N   . VAL A 1 71  ? 5.807   14.791  -6.488  1.00 39.71  ? 61  VAL A N   1 
ATOM   469  C CA  . VAL A 1 71  ? 6.478   13.505  -6.635  1.00 38.68  ? 61  VAL A CA  1 
ATOM   470  C C   . VAL A 1 71  ? 7.102   13.426  -8.023  1.00 41.69  ? 61  VAL A C   1 
ATOM   471  O O   . VAL A 1 71  ? 6.538   12.851  -8.957  1.00 42.76  ? 61  VAL A O   1 
ATOM   472  C CB  . VAL A 1 71  ? 5.514   12.323  -6.397  1.00 46.83  ? 61  VAL A CB  1 
ATOM   473  C CG1 . VAL A 1 71  ? 6.262   10.997  -6.467  1.00 44.65  ? 61  VAL A CG1 1 
ATOM   474  C CG2 . VAL A 1 71  ? 4.827   12.468  -5.047  1.00 39.30  ? 61  VAL A CG2 1 
ATOM   475  N N   . VAL A 1 72  ? 8.284   14.013  -8.140  1.00 48.13  ? 62  VAL A N   1 
ATOM   476  C CA  . VAL A 1 72  ? 8.900   14.258  -9.432  1.00 39.33  ? 62  VAL A CA  1 
ATOM   477  C C   . VAL A 1 72  ? 9.860   13.142  -9.842  1.00 44.32  ? 62  VAL A C   1 
ATOM   478  O O   . VAL A 1 72  ? 10.388  13.134  -10.952 1.00 41.36  ? 62  VAL A O   1 
ATOM   479  C CB  . VAL A 1 72  ? 9.620   15.628  -9.438  1.00 43.48  ? 62  VAL A CB  1 
ATOM   480  C CG1 . VAL A 1 72  ? 8.616   16.743  -9.209  1.00 37.84  ? 62  VAL A CG1 1 
ATOM   481  C CG2 . VAL A 1 72  ? 10.704  15.670  -8.367  1.00 46.24  ? 62  VAL A CG2 1 
ATOM   482  N N   . SER A 1 73  ? 10.076  12.187  -8.948  1.00 35.36  ? 63  SER A N   1 
ATOM   483  C CA  . SER A 1 73  ? 11.008  11.112  -9.240  1.00 37.69  ? 63  SER A CA  1 
ATOM   484  C C   . SER A 1 73  ? 10.799  9.932   -8.315  1.00 33.94  ? 63  SER A C   1 
ATOM   485  O O   . SER A 1 73  ? 10.152  10.053  -7.276  1.00 44.99  ? 63  SER A O   1 
ATOM   486  C CB  . SER A 1 73  ? 12.456  11.607  -9.132  1.00 36.69  ? 63  SER A CB  1 
ATOM   487  O OG  . SER A 1 73  ? 12.881  11.677  -7.779  1.00 43.16  ? 63  SER A OG  1 
ATOM   488  N N   . VAL A 1 74  ? 11.357  8.790   -8.707  1.00 32.96  ? 64  VAL A N   1 
ATOM   489  C CA  . VAL A 1 74  ? 11.289  7.573   -7.914  1.00 40.30  ? 64  VAL A CA  1 
ATOM   490  C C   . VAL A 1 74  ? 11.950  7.725   -6.535  1.00 50.59  ? 64  VAL A C   1 
ATOM   491  O O   . VAL A 1 74  ? 11.543  7.078   -5.568  1.00 40.68  ? 64  VAL A O   1 
ATOM   492  C CB  . VAL A 1 74  ? 11.904  6.385   -8.686  1.00 41.31  ? 64  VAL A CB  1 
ATOM   493  C CG1 . VAL A 1 74  ? 12.255  5.249   -7.745  1.00 52.05  ? 64  VAL A CG1 1 
ATOM   494  C CG2 . VAL A 1 74  ? 10.942  5.907   -9.764  1.00 53.64  ? 64  VAL A CG2 1 
ATOM   495  N N   . ASP A 1 75  ? 12.960  8.590   -6.453  1.00 50.47  ? 65  ASP A N   1 
ATOM   496  C CA  . ASP A 1 75  ? 13.690  8.830   -5.210  1.00 45.15  ? 65  ASP A CA  1 
ATOM   497  C C   . ASP A 1 75  ? 12.849  9.630   -4.220  1.00 40.77  ? 65  ASP A C   1 
ATOM   498  O O   . ASP A 1 75  ? 12.863  9.363   -3.020  1.00 42.08  ? 65  ASP A O   1 
ATOM   499  C CB  . ASP A 1 75  ? 15.007  9.566   -5.488  1.00 58.99  ? 65  ASP A CB  1 
ATOM   500  C CG  . ASP A 1 75  ? 16.020  8.707   -6.233  1.00 68.26  ? 65  ASP A CG  1 
ATOM   501  O OD1 . ASP A 1 75  ? 16.151  7.509   -5.900  1.00 67.02  ? 65  ASP A OD1 1 
ATOM   502  O OD2 . ASP A 1 75  ? 16.691  9.237   -7.148  1.00 76.45  ? 65  ASP A OD2 1 
ATOM   503  N N   . THR A 1 76  ? 12.129  10.621  -4.731  1.00 39.68  ? 66  THR A N   1 
ATOM   504  C CA  . THR A 1 76  ? 11.192  11.390  -3.921  1.00 45.26  ? 66  THR A CA  1 
ATOM   505  C C   . THR A 1 76  ? 10.030  10.515  -3.442  1.00 44.23  ? 66  THR A C   1 
ATOM   506  O O   . THR A 1 76  ? 9.585   10.625  -2.296  1.00 39.16  ? 66  THR A O   1 
ATOM   507  C CB  . THR A 1 76  ? 10.644  12.606  -4.698  1.00 44.13  ? 66  THR A CB  1 
ATOM   508  O OG1 . THR A 1 76  ? 11.642  13.631  -4.739  1.00 47.84  ? 66  THR A OG1 1 
ATOM   509  C CG2 . THR A 1 76  ? 9.399   13.160  -4.024  1.00 46.17  ? 66  THR A CG2 1 
ATOM   510  N N   . ALA A 1 77  ? 9.548   9.648   -4.326  1.00 44.72  ? 67  ALA A N   1 
ATOM   511  C CA  . ALA A 1 77  ? 8.501   8.696   -3.973  1.00 44.24  ? 67  ALA A CA  1 
ATOM   512  C C   . ALA A 1 77  ? 8.961   7.801   -2.818  1.00 41.63  ? 67  ALA A C   1 
ATOM   513  O O   . ALA A 1 77  ? 8.245   7.621   -1.832  1.00 38.22  ? 67  ALA A O   1 
ATOM   514  C CB  . ALA A 1 77  ? 8.126   7.854   -5.185  1.00 34.65  ? 67  ALA A CB  1 
ATOM   515  N N   . ARG A 1 78  ? 10.163  7.248   -2.951  1.00 46.23  ? 68  ARG A N   1 
ATOM   516  C CA  . ARG A 1 78  ? 10.721  6.352   -1.941  1.00 44.59  ? 68  ARG A CA  1 
ATOM   517  C C   . ARG A 1 78  ? 10.882  7.055   -0.601  1.00 41.16  ? 68  ARG A C   1 
ATOM   518  O O   . ARG A 1 78  ? 10.415  6.571   0.435   1.00 39.40  ? 68  ARG A O   1 
ATOM   519  C CB  . ARG A 1 78  ? 12.069  5.797   -2.404  1.00 43.81  ? 68  ARG A CB  1 
ATOM   520  C CG  . ARG A 1 78  ? 12.601  4.670   -1.532  1.00 41.33  ? 68  ARG A CG  1 
ATOM   521  C CD  . ARG A 1 78  ? 13.926  4.149   -2.041  1.00 41.63  ? 68  ARG A CD  1 
ATOM   522  N NE  . ARG A 1 78  ? 14.927  5.208   -2.050  1.00 58.93  ? 68  ARG A NE  1 
ATOM   523  C CZ  . ARG A 1 78  ? 15.262  5.909   -3.129  1.00 79.47  ? 68  ARG A CZ  1 
ATOM   524  N NH1 . ARG A 1 78  ? 14.682  5.650   -4.294  1.00 66.73  ? 68  ARG A NH1 1 
ATOM   525  N NH2 . ARG A 1 78  ? 16.182  6.862   -3.045  1.00 78.47  ? 68  ARG A NH2 1 
ATOM   526  N N   . THR A 1 79  ? 11.538  8.208   -0.626  1.00 38.06  ? 69  THR A N   1 
ATOM   527  C CA  . THR A 1 79  ? 11.752  8.971   0.596   1.00 43.25  ? 69  THR A CA  1 
ATOM   528  C C   . THR A 1 79  ? 10.423  9.335   1.257   1.00 39.07  ? 69  THR A C   1 
ATOM   529  O O   . THR A 1 79  ? 10.244  9.146   2.457   1.00 44.77  ? 69  THR A O   1 
ATOM   530  C CB  . THR A 1 79  ? 12.575  10.247  0.330   1.00 43.57  ? 69  THR A CB  1 
ATOM   531  O OG1 . THR A 1 79  ? 13.885  9.882   -0.128  1.00 52.81  ? 69  THR A OG1 1 
ATOM   532  C CG2 . THR A 1 79  ? 12.709  11.071  1.600   1.00 53.22  ? 69  THR A CG2 1 
ATOM   533  N N   . LEU A 1 80  ? 9.491   9.855   0.464   1.00 45.56  ? 70  LEU A N   1 
ATOM   534  C CA  . LEU A 1 80  ? 8.197   10.256  0.990   1.00 34.92  ? 70  LEU A CA  1 
ATOM   535  C C   . LEU A 1 80  ? 7.473   9.060   1.593   1.00 35.96  ? 70  LEU A C   1 
ATOM   536  O O   . LEU A 1 80  ? 6.882   9.145   2.662   1.00 38.43  ? 70  LEU A O   1 
ATOM   537  C CB  . LEU A 1 80  ? 7.347   10.887  -0.114  1.00 36.87  ? 70  LEU A CB  1 
ATOM   538  C CG  . LEU A 1 80  ? 5.913   11.236  0.297   1.00 42.64  ? 70  LEU A CG  1 
ATOM   539  C CD1 . LEU A 1 80  ? 5.921   12.126  1.538   1.00 50.52  ? 70  LEU A CD1 1 
ATOM   540  C CD2 . LEU A 1 80  ? 5.149   11.895  -0.844  1.00 38.49  ? 70  LEU A CD2 1 
ATOM   541  N N   . PHE A 1 81  ? 7.525   7.942   0.886   1.00 36.37  ? 71  PHE A N   1 
ATOM   542  C CA  . PHE A 1 81  ? 6.874   6.724   1.324   1.00 35.36  ? 71  PHE A CA  1 
ATOM   543  C C   . PHE A 1 81  ? 7.460   6.276   2.659   1.00 40.68  ? 71  PHE A C   1 
ATOM   544  O O   . PHE A 1 81  ? 6.728   6.003   3.612   1.00 34.29  ? 71  PHE A O   1 
ATOM   545  C CB  . PHE A 1 81  ? 7.066   5.647   0.258   1.00 35.97  ? 71  PHE A CB  1 
ATOM   546  C CG  . PHE A 1 81  ? 6.548   4.297   0.648   1.00 36.56  ? 71  PHE A CG  1 
ATOM   547  C CD1 . PHE A 1 81  ? 5.222   3.962   0.433   1.00 39.79  ? 71  PHE A CD1 1 
ATOM   548  C CD2 . PHE A 1 81  ? 7.393   3.356   1.213   1.00 36.49  ? 71  PHE A CD2 1 
ATOM   549  C CE1 . PHE A 1 81  ? 4.744   2.720   0.779   1.00 32.21  ? 71  PHE A CE1 1 
ATOM   550  C CE2 . PHE A 1 81  ? 6.923   2.111   1.564   1.00 32.19  ? 71  PHE A CE2 1 
ATOM   551  C CZ  . PHE A 1 81  ? 5.596   1.791   1.347   1.00 41.47  ? 71  PHE A CZ  1 
ATOM   552  N N   . ASN A 1 82  ? 8.784   6.209   2.727   1.00 33.39  ? 72  ASN A N   1 
ATOM   553  C CA  . ASN A 1 82  ? 9.464   5.812   3.954   1.00 41.63  ? 72  ASN A CA  1 
ATOM   554  C C   . ASN A 1 82  ? 9.160   6.725   5.139   1.00 44.23  ? 72  ASN A C   1 
ATOM   555  O O   . ASN A 1 82  ? 8.894   6.249   6.238   1.00 47.07  ? 72  ASN A O   1 
ATOM   556  C CB  . ASN A 1 82  ? 10.976  5.695   3.729   1.00 35.05  ? 72  ASN A CB  1 
ATOM   557  C CG  . ASN A 1 82  ? 11.330  4.544   2.812   1.00 52.36  ? 72  ASN A CG  1 
ATOM   558  O OD1 . ASN A 1 82  ? 10.624  3.540   2.774   1.00 46.03  ? 72  ASN A OD1 1 
ATOM   559  N ND2 . ASN A 1 82  ? 12.416  4.686   2.056   1.00 50.35  ? 72  ASN A ND2 1 
ATOM   560  N N   . GLN A 1 83  ? 9.202   8.034   4.915   1.00 41.05  ? 73  GLN A N   1 
ATOM   561  C CA  . GLN A 1 83  ? 8.897   8.983   5.978   1.00 42.13  ? 73  GLN A CA  1 
ATOM   562  C C   . GLN A 1 83  ? 7.472   8.787   6.488   1.00 48.35  ? 73  GLN A C   1 
ATOM   563  O O   . GLN A 1 83  ? 7.241   8.733   7.696   1.00 40.07  ? 73  GLN A O   1 
ATOM   564  C CB  . GLN A 1 83  ? 9.104   10.425  5.506   1.00 39.96  ? 73  GLN A CB  1 
ATOM   565  C CG  . GLN A 1 83  ? 10.564  10.789  5.235   1.00 49.70  ? 73  GLN A CG  1 
ATOM   566  C CD  . GLN A 1 83  ? 10.737  12.212  4.704   1.00 60.36  ? 73  GLN A CD  1 
ATOM   567  O OE1 . GLN A 1 83  ? 10.016  12.647  3.802   1.00 60.68  ? 73  GLN A OE1 1 
ATOM   568  N NE2 . GLN A 1 83  ? 11.700  12.940  5.263   1.00 57.07  ? 73  GLN A NE2 1 
ATOM   569  N N   . VAL A 1 84  ? 6.525   8.664   5.561   1.00 38.39  ? 74  VAL A N   1 
ATOM   570  C CA  . VAL A 1 84  ? 5.119   8.496   5.912   1.00 38.34  ? 74  VAL A CA  1 
ATOM   571  C C   . VAL A 1 84  ? 4.868   7.173   6.633   1.00 39.84  ? 74  VAL A C   1 
ATOM   572  O O   . VAL A 1 84  ? 4.189   7.131   7.658   1.00 40.72  ? 74  VAL A O   1 
ATOM   573  C CB  . VAL A 1 84  ? 4.201   8.576   4.668   1.00 33.82  ? 74  VAL A CB  1 
ATOM   574  C CG1 . VAL A 1 84  ? 2.764   8.276   5.062   1.00 32.98  ? 74  VAL A CG1 1 
ATOM   575  C CG2 . VAL A 1 84  ? 4.298   9.941   4.027   1.00 35.96  ? 74  VAL A CG2 1 
ATOM   576  N N   . MET A 1 85  ? 5.424   6.095   6.094   1.00 41.37  ? 75  MET A N   1 
ATOM   577  C CA  . MET A 1 85  ? 5.239   4.773   6.675   1.00 42.57  ? 75  MET A CA  1 
ATOM   578  C C   . MET A 1 85  ? 5.854   4.676   8.069   1.00 47.53  ? 75  MET A C   1 
ATOM   579  O O   . MET A 1 85  ? 5.313   4.000   8.946   1.00 42.12  ? 75  MET A O   1 
ATOM   580  C CB  . MET A 1 85  ? 5.818   3.696   5.756   1.00 48.94  ? 75  MET A CB  1 
ATOM   581  C CG  . MET A 1 85  ? 5.054   3.514   4.447   1.00 44.37  ? 75  MET A CG  1 
ATOM   582  S SD  . MET A 1 85  ? 3.331   3.076   4.724   1.00 47.50  ? 75  MET A SD  1 
ATOM   583  C CE  . MET A 1 85  ? 2.496   4.580   4.233   1.00 42.76  ? 75  MET A CE  1 
ATOM   584  N N   . GLU A 1 86  ? 6.983   5.354   8.266   1.00 43.27  ? 76  GLU A N   1 
ATOM   585  C CA  . GLU A 1 86  ? 7.654   5.365   9.559   1.00 46.78  ? 76  GLU A CA  1 
ATOM   586  C C   . GLU A 1 86  ? 6.800   6.042   10.628  1.00 39.85  ? 76  GLU A C   1 
ATOM   587  O O   . GLU A 1 86  ? 6.662   5.519   11.731  1.00 44.31  ? 76  GLU A O   1 
ATOM   588  C CB  . GLU A 1 86  ? 9.028   6.042   9.466   1.00 45.04  ? 76  GLU A CB  1 
ATOM   589  C CG  . GLU A 1 86  ? 9.650   6.378   10.825  1.00 61.83  ? 76  GLU A CG  1 
ATOM   590  C CD  . GLU A 1 86  ? 10.925  7.212   10.716  1.00 79.93  ? 76  GLU A CD  1 
ATOM   591  O OE1 . GLU A 1 86  ? 11.836  6.823   9.949   1.00 74.19  ? 76  GLU A OE1 1 
ATOM   592  O OE2 . GLU A 1 86  ? 11.011  8.258   11.398  1.00 75.53  ? 76  GLU A OE2 1 
ATOM   593  N N   . LYS A 1 87  ? 6.234   7.206   10.312  1.00 41.75  ? 77  LYS A N   1 
ATOM   594  C CA  . LYS A 1 87  ? 5.353   7.881   11.262  1.00 43.99  ? 77  LYS A CA  1 
ATOM   595  C C   . LYS A 1 87  ? 4.094   7.064   11.517  1.00 39.90  ? 77  LYS A C   1 
ATOM   596  O O   . LYS A 1 87  ? 3.627   6.983   12.648  1.00 41.89  ? 77  LYS A O   1 
ATOM   597  C CB  . LYS A 1 87  ? 4.959   9.283   10.787  1.00 41.67  ? 77  LYS A CB  1 
ATOM   598  C CG  . LYS A 1 87  ? 6.095   10.278  10.739  1.00 49.73  ? 77  LYS A CG  1 
ATOM   599  C CD  . LYS A 1 87  ? 6.834   10.329  12.060  1.00 61.90  ? 77  LYS A CD  1 
ATOM   600  C CE  . LYS A 1 87  ? 8.155   11.073  11.917  1.00 69.80  ? 77  LYS A CE  1 
ATOM   601  N NZ  . LYS A 1 87  ? 9.096   10.750  13.032  1.00 66.67  ? 77  LYS A NZ  1 
ATOM   602  N N   . GLU A 1 88  ? 3.543   6.462   10.469  1.00 42.49  ? 78  GLU A N   1 
ATOM   603  C CA  . GLU A 1 88  ? 2.304   5.714   10.621  1.00 40.04  ? 78  GLU A CA  1 
ATOM   604  C C   . GLU A 1 88  ? 2.464   4.540   11.574  1.00 46.52  ? 78  GLU A C   1 
ATOM   605  O O   . GLU A 1 88  ? 1.533   4.191   12.294  1.00 39.55  ? 78  GLU A O   1 
ATOM   606  C CB  . GLU A 1 88  ? 1.790   5.199   9.279   1.00 36.98  ? 78  GLU A CB  1 
ATOM   607  C CG  . GLU A 1 88  ? 0.464   4.470   9.420   1.00 38.13  ? 78  GLU A CG  1 
ATOM   608  C CD  . GLU A 1 88  ? -0.037  3.861   8.128   1.00 47.71  ? 78  GLU A CD  1 
ATOM   609  O OE1 . GLU A 1 88  ? 0.665   3.962   7.097   1.00 49.97  ? 78  GLU A OE1 1 
ATOM   610  O OE2 . GLU A 1 88  ? -1.140  3.275   8.151   1.00 42.71  ? 78  GLU A OE2 1 
ATOM   611  N N   . PHE A 1 89  ? 3.647   3.933   11.570  1.00 43.70  ? 79  PHE A N   1 
ATOM   612  C CA  . PHE A 1 89  ? 3.878   2.695   12.313  1.00 42.74  ? 79  PHE A CA  1 
ATOM   613  C C   . PHE A 1 89  ? 4.797   2.890   13.518  1.00 41.64  ? 79  PHE A C   1 
ATOM   614  O O   . PHE A 1 89  ? 5.252   1.916   14.119  1.00 39.42  ? 79  PHE A O   1 
ATOM   615  C CB  . PHE A 1 89  ? 4.458   1.606   11.391  1.00 39.06  ? 79  PHE A CB  1 
ATOM   616  C CG  . PHE A 1 89  ? 3.440   0.955   10.492  1.00 40.94  ? 79  PHE A CG  1 
ATOM   617  C CD1 . PHE A 1 89  ? 2.654   -0.094  10.948  1.00 38.27  ? 79  PHE A CD1 1 
ATOM   618  C CD2 . PHE A 1 89  ? 3.277   1.385   9.186   1.00 36.53  ? 79  PHE A CD2 1 
ATOM   619  C CE1 . PHE A 1 89  ? 1.714   -0.692  10.119  1.00 43.38  ? 79  PHE A CE1 1 
ATOM   620  C CE2 . PHE A 1 89  ? 2.345   0.795   8.352   1.00 37.70  ? 79  PHE A CE2 1 
ATOM   621  C CZ  . PHE A 1 89  ? 1.562   -0.246  8.813   1.00 35.26  ? 79  PHE A CZ  1 
ATOM   622  N N   . GLU A 1 90  ? 5.059   4.142   13.873  1.00 33.81  ? 80  GLU A N   1 
ATOM   623  C CA  . GLU A 1 90  ? 6.011   4.435   14.940  1.00 42.58  ? 80  GLU A CA  1 
ATOM   624  C C   . GLU A 1 90  ? 5.496   3.997   16.314  1.00 45.07  ? 80  GLU A C   1 
ATOM   625  O O   . GLU A 1 90  ? 6.281   3.848   17.248  1.00 46.05  ? 80  GLU A O   1 
ATOM   626  C CB  . GLU A 1 90  ? 6.360   5.926   14.967  1.00 38.63  ? 80  GLU A CB  1 
ATOM   627  C CG  . GLU A 1 90  ? 5.179   6.809   15.317  1.00 38.70  ? 80  GLU A CG  1 
ATOM   628  C CD  . GLU A 1 90  ? 5.551   8.266   15.473  1.00 52.81  ? 80  GLU A CD  1 
ATOM   629  O OE1 . GLU A 1 90  ? 6.670   8.649   15.065  1.00 48.88  ? 80  GLU A OE1 1 
ATOM   630  O OE2 . GLU A 1 90  ? 4.717   9.028   16.009  1.00 61.62  ? 80  GLU A OE2 1 
ATOM   631  N N   . ASP A 1 91  ? 4.183   3.795   16.436  1.00 43.51  ? 81  ASP A N   1 
ATOM   632  C CA  . ASP A 1 91  ? 3.582   3.405   17.715  1.00 41.05  ? 81  ASP A CA  1 
ATOM   633  C C   . ASP A 1 91  ? 3.737   1.916   18.006  1.00 38.57  ? 81  ASP A C   1 
ATOM   634  O O   . ASP A 1 91  ? 3.345   1.442   19.070  1.00 46.67  ? 81  ASP A O   1 
ATOM   635  C CB  . ASP A 1 91  ? 2.098   3.802   17.782  1.00 49.86  ? 81  ASP A CB  1 
ATOM   636  C CG  . ASP A 1 91  ? 1.238   3.089   16.733  1.00 55.39  ? 81  ASP A CG  1 
ATOM   637  O OD1 . ASP A 1 91  ? 1.702   2.119   16.095  1.00 50.88  ? 81  ASP A OD1 1 
ATOM   638  O OD2 . ASP A 1 91  ? 0.073   3.499   16.556  1.00 56.78  ? 81  ASP A OD2 1 
ATOM   639  N N   . GLY A 1 92  ? 4.292   1.178   17.051  1.00 43.52  ? 82  GLY A N   1 
ATOM   640  C CA  . GLY A 1 92  ? 4.534   -0.238  17.245  1.00 36.69  ? 82  GLY A CA  1 
ATOM   641  C C   . GLY A 1 92  ? 3.310   -1.109  17.023  1.00 42.22  ? 82  GLY A C   1 
ATOM   642  O O   . GLY A 1 92  ? 3.350   -2.313  17.261  1.00 46.39  ? 82  GLY A O   1 
ATOM   643  N N   . ILE A 1 93  ? 2.216   -0.509  16.569  1.00 47.28  ? 83  ILE A N   1 
ATOM   644  C CA  . ILE A 1 93  ? 1.008   -1.279  16.284  1.00 44.35  ? 83  ILE A CA  1 
ATOM   645  C C   . ILE A 1 93  ? 0.938   -1.698  14.819  1.00 43.23  ? 83  ILE A C   1 
ATOM   646  O O   . ILE A 1 93  ? 1.227   -0.912  13.920  1.00 43.92  ? 83  ILE A O   1 
ATOM   647  C CB  . ILE A 1 93  ? -0.272  -0.513  16.659  1.00 44.69  ? 83  ILE A CB  1 
ATOM   648  C CG1 . ILE A 1 93  ? -0.420  -0.436  18.181  1.00 49.48  ? 83  ILE A CG1 1 
ATOM   649  C CG2 . ILE A 1 93  ? -1.498  -1.188  16.046  1.00 37.30  ? 83  ILE A CG2 1 
ATOM   650  C CD1 . ILE A 1 93  ? -1.755  0.126   18.629  1.00 47.25  ? 83  ILE A CD1 1 
ATOM   651  N N   . ILE A 1 94  ? 0.565   -2.950  14.597  1.00 38.86  ? 84  ILE A N   1 
ATOM   652  C CA  . ILE A 1 94  ? 0.392   -3.487  13.261  1.00 43.49  ? 84  ILE A CA  1 
ATOM   653  C C   . ILE A 1 94  ? -0.904  -4.280  13.185  1.00 40.95  ? 84  ILE A C   1 
ATOM   654  O O   . ILE A 1 94  ? -1.208  -5.062  14.076  1.00 41.54  ? 84  ILE A O   1 
ATOM   655  C CB  . ILE A 1 94  ? 1.552   -4.421  12.881  1.00 47.43  ? 84  ILE A CB  1 
ATOM   656  C CG1 . ILE A 1 94  ? 2.898   -3.703  13.039  1.00 46.74  ? 84  ILE A CG1 1 
ATOM   657  C CG2 . ILE A 1 94  ? 1.374   -4.940  11.458  1.00 42.42  ? 84  ILE A CG2 1 
ATOM   658  C CD1 . ILE A 1 94  ? 4.103   -4.607  12.832  1.00 30.77  ? 84  ILE A CD1 1 
ATOM   659  N N   . ASN A 1 95  ? -1.669  -4.062  12.117  1.00 40.28  ? 85  ASN A N   1 
ATOM   660  C CA  . ASN A 1 95  ? -2.849  -4.869  11.826  1.00 40.59  ? 85  ASN A CA  1 
ATOM   661  C C   . ASN A 1 95  ? -3.168  -4.849  10.330  1.00 41.25  ? 85  ASN A C   1 
ATOM   662  O O   . ASN A 1 95  ? -2.589  -4.067  9.572   1.00 37.60  ? 85  ASN A O   1 
ATOM   663  C CB  . ASN A 1 95  ? -4.050  -4.422  12.665  1.00 33.68  ? 85  ASN A CB  1 
ATOM   664  C CG  . ASN A 1 95  ? -4.425  -2.966  12.432  1.00 43.20  ? 85  ASN A CG  1 
ATOM   665  O OD1 . ASN A 1 95  ? -4.518  -2.505  11.292  1.00 38.10  ? 85  ASN A OD1 1 
ATOM   666  N ND2 . ASN A 1 95  ? -4.640  -2.234  13.515  1.00 39.57  ? 85  ASN A ND2 1 
ATOM   667  N N   . TRP A 1 96  ? -4.079  -5.719  9.911   1.00 39.47  ? 86  TRP A N   1 
ATOM   668  C CA  . TRP A 1 96  ? -4.398  -5.873  8.497   1.00 38.93  ? 86  TRP A CA  1 
ATOM   669  C C   . TRP A 1 96  ? -4.930  -4.581  7.874   1.00 45.00  ? 86  TRP A C   1 
ATOM   670  O O   . TRP A 1 96  ? -4.610  -4.260  6.734   1.00 37.93  ? 86  TRP A O   1 
ATOM   671  C CB  . TRP A 1 96  ? -5.386  -7.019  8.272   1.00 33.09  ? 86  TRP A CB  1 
ATOM   672  C CG  . TRP A 1 96  ? -4.800  -8.389  8.465   1.00 34.39  ? 86  TRP A CG  1 
ATOM   673  C CD1 . TRP A 1 96  ? -5.218  -9.346  9.352   1.00 32.89  ? 86  TRP A CD1 1 
ATOM   674  C CD2 . TRP A 1 96  ? -3.689  -8.959  7.755   1.00 37.27  ? 86  TRP A CD2 1 
ATOM   675  N NE1 . TRP A 1 96  ? -4.437  -10.471 9.236   1.00 36.80  ? 86  TRP A NE1 1 
ATOM   676  C CE2 . TRP A 1 96  ? -3.495  -10.263 8.263   1.00 37.45  ? 86  TRP A CE2 1 
ATOM   677  C CE3 . TRP A 1 96  ? -2.842  -8.496  6.742   1.00 33.17  ? 86  TRP A CE3 1 
ATOM   678  C CZ2 . TRP A 1 96  ? -2.486  -11.107 7.790   1.00 32.68  ? 86  TRP A CZ2 1 
ATOM   679  C CZ3 . TRP A 1 96  ? -1.841  -9.342  6.269   1.00 41.20  ? 86  TRP A CZ3 1 
ATOM   680  C CH2 . TRP A 1 96  ? -1.674  -10.632 6.797   1.00 33.69  ? 86  TRP A CH2 1 
ATOM   681  N N   . GLY A 1 97  ? -5.747  -3.845  8.617   1.00 41.79  ? 87  GLY A N   1 
ATOM   682  C CA  . GLY A 1 97  ? -6.208  -2.552  8.154   1.00 36.25  ? 87  GLY A CA  1 
ATOM   683  C C   . GLY A 1 97  ? -5.052  -1.639  7.779   1.00 43.52  ? 87  GLY A C   1 
ATOM   684  O O   . GLY A 1 97  ? -5.059  -1.024  6.712   1.00 35.48  ? 87  GLY A O   1 
ATOM   685  N N   . ARG A 1 98  ? -4.057  -1.554  8.659   1.00 39.40  ? 88  ARG A N   1 
ATOM   686  C CA  . ARG A 1 98  ? -2.878  -0.717  8.428   1.00 39.03  ? 88  ARG A CA  1 
ATOM   687  C C   . ARG A 1 98  ? -2.032  -1.190  7.255   1.00 33.48  ? 88  ARG A C   1 
ATOM   688  O O   . ARG A 1 98  ? -1.468  -0.385  6.516   1.00 29.08  ? 88  ARG A O   1 
ATOM   689  C CB  . ARG A 1 98  ? -2.003  -0.660  9.679   1.00 37.87  ? 88  ARG A CB  1 
ATOM   690  C CG  . ARG A 1 98  ? -2.513  0.288   10.737  1.00 38.40  ? 88  ARG A CG  1 
ATOM   691  C CD  . ARG A 1 98  ? -1.547  0.366   11.908  1.00 43.64  ? 88  ARG A CD  1 
ATOM   692  N NE  . ARG A 1 98  ? -2.028  1.268   12.949  1.00 45.47  ? 88  ARG A NE  1 
ATOM   693  C CZ  . ARG A 1 98  ? -1.260  1.795   13.895  1.00 48.01  ? 88  ARG A CZ  1 
ATOM   694  N NH1 . ARG A 1 98  ? 0.037   1.512   13.937  1.00 44.06  ? 88  ARG A NH1 1 
ATOM   695  N NH2 . ARG A 1 98  ? -1.790  2.606   14.798  1.00 48.28  ? 88  ARG A NH2 1 
ATOM   696  N N   . ILE A 1 99  ? -1.933  -2.503  7.105   1.00 31.10  ? 89  ILE A N   1 
ATOM   697  C CA  . ILE A 1 99  ? -1.152  -3.084  6.033   1.00 25.73  ? 89  ILE A CA  1 
ATOM   698  C C   . ILE A 1 99  ? -1.821  -2.798  4.693   1.00 36.21  ? 89  ILE A C   1 
ATOM   699  O O   . ILE A 1 99  ? -1.149  -2.541  3.697   1.00 35.10  ? 89  ILE A O   1 
ATOM   700  C CB  . ILE A 1 99  ? -0.956  -4.593  6.254   1.00 33.32  ? 89  ILE A CB  1 
ATOM   701  C CG1 . ILE A 1 99  ? 0.083   -4.813  7.367   1.00 37.16  ? 89  ILE A CG1 1 
ATOM   702  C CG2 . ILE A 1 99  ? -0.503  -5.263  4.979   1.00 24.16  ? 89  ILE A CG2 1 
ATOM   703  C CD1 . ILE A 1 99  ? 0.273   -6.258  7.770   1.00 34.99  ? 89  ILE A CD1 1 
ATOM   704  N N   . VAL A 1 100 ? -3.151  -2.825  4.685   1.00 32.00  ? 90  VAL A N   1 
ATOM   705  C CA  . VAL A 1 100 ? -3.914  -2.465  3.504   1.00 28.74  ? 90  VAL A CA  1 
ATOM   706  C C   . VAL A 1 100 ? -3.595  -1.035  3.059   1.00 36.20  ? 90  VAL A C   1 
ATOM   707  O O   . VAL A 1 100 ? -3.473  -0.773  1.866   1.00 31.67  ? 90  VAL A O   1 
ATOM   708  C CB  . VAL A 1 100 ? -5.430  -2.605  3.745   1.00 35.05  ? 90  VAL A CB  1 
ATOM   709  C CG1 . VAL A 1 100 ? -6.210  -1.828  2.695   1.00 36.36  ? 90  VAL A CG1 1 
ATOM   710  C CG2 . VAL A 1 100 ? -5.839  -4.076  3.764   1.00 27.61  ? 90  VAL A CG2 1 
ATOM   711  N N   . THR A 1 101 ? -3.447  -0.117  4.016   1.00 35.71  ? 91  THR A N   1 
ATOM   712  C CA  . THR A 1 101 ? -3.213  1.291   3.685   1.00 33.93  ? 91  THR A CA  1 
ATOM   713  C C   . THR A 1 101 ? -1.856  1.518   3.038   1.00 34.86  ? 91  THR A C   1 
ATOM   714  O O   . THR A 1 101 ? -1.643  2.533   2.374   1.00 40.31  ? 91  THR A O   1 
ATOM   715  C CB  . THR A 1 101 ? -3.317  2.232   4.915   1.00 37.36  ? 91  THR A CB  1 
ATOM   716  O OG1 . THR A 1 101 ? -2.247  1.958   5.833   1.00 38.68  ? 91  THR A OG1 1 
ATOM   717  C CG2 . THR A 1 101 ? -4.660  2.078   5.613   1.00 32.07  ? 91  THR A CG2 1 
ATOM   718  N N   . ILE A 1 102 ? -0.931  0.590   3.249   1.00 32.53  ? 92  ILE A N   1 
ATOM   719  C CA  . ILE A 1 102 ? 0.372   0.677   2.600   1.00 29.46  ? 92  ILE A CA  1 
ATOM   720  C C   . ILE A 1 102 ? 0.200   0.579   1.087   1.00 34.92  ? 92  ILE A C   1 
ATOM   721  O O   . ILE A 1 102 ? 0.847   1.304   0.331   1.00 31.87  ? 92  ILE A O   1 
ATOM   722  C CB  . ILE A 1 102 ? 1.332   -0.428  3.092   1.00 33.84  ? 92  ILE A CB  1 
ATOM   723  C CG1 . ILE A 1 102 ? 1.517   -0.332  4.609   1.00 29.68  ? 92  ILE A CG1 1 
ATOM   724  C CG2 . ILE A 1 102 ? 2.677   -0.329  2.380   1.00 24.26  ? 92  ILE A CG2 1 
ATOM   725  C CD1 . ILE A 1 102 ? 2.374   -1.439  5.198   1.00 27.62  ? 92  ILE A CD1 1 
ATOM   726  N N   . PHE A 1 103 ? -0.685  -0.316  0.650   1.00 33.00  ? 93  PHE A N   1 
ATOM   727  C CA  . PHE A 1 103 ? -0.966  -0.479  -0.773  1.00 41.67  ? 93  PHE A CA  1 
ATOM   728  C C   . PHE A 1 103 ? -1.723  0.719   -1.319  1.00 39.10  ? 93  PHE A C   1 
ATOM   729  O O   . PHE A 1 103 ? -1.404  1.230   -2.392  1.00 37.79  ? 93  PHE A O   1 
ATOM   730  C CB  . PHE A 1 103 ? -1.742  -1.773  -1.028  1.00 36.56  ? 93  PHE A CB  1 
ATOM   731  C CG  . PHE A 1 103 ? -0.946  -3.005  -0.738  1.00 30.25  ? 93  PHE A CG  1 
ATOM   732  C CD1 . PHE A 1 103 ? -0.215  -3.621  -1.740  1.00 33.11  ? 93  PHE A CD1 1 
ATOM   733  C CD2 . PHE A 1 103 ? -0.897  -3.527  0.544   1.00 34.79  ? 93  PHE A CD2 1 
ATOM   734  C CE1 . PHE A 1 103 ? 0.540   -4.747  -1.473  1.00 34.61  ? 93  PHE A CE1 1 
ATOM   735  C CE2 . PHE A 1 103 ? -0.155  -4.658  0.819   1.00 40.29  ? 93  PHE A CE2 1 
ATOM   736  C CZ  . PHE A 1 103 ? 0.572   -5.268  -0.191  1.00 42.69  ? 93  PHE A CZ  1 
ATOM   737  N N   . ALA A 1 104 ? -2.726  1.162   -0.573  1.00 32.88  ? 94  ALA A N   1 
ATOM   738  C CA  . ALA A 1 104 ? -3.471  2.359   -0.935  1.00 32.76  ? 94  ALA A CA  1 
ATOM   739  C C   . ALA A 1 104 ? -2.500  3.501   -1.237  1.00 39.45  ? 94  ALA A C   1 
ATOM   740  O O   . ALA A 1 104 ? -2.555  4.111   -2.307  1.00 33.92  ? 94  ALA A O   1 
ATOM   741  C CB  . ALA A 1 104 ? -4.428  2.750   0.184   1.00 30.41  ? 94  ALA A CB  1 
ATOM   742  N N   . PHE A 1 105 ? -1.600  3.770   -0.295  1.00 29.17  ? 95  PHE A N   1 
ATOM   743  C CA  . PHE A 1 105 ? -0.644  4.863   -0.433  1.00 38.47  ? 95  PHE A CA  1 
ATOM   744  C C   . PHE A 1 105 ? 0.318   4.615   -1.603  1.00 38.93  ? 95  PHE A C   1 
ATOM   745  O O   . PHE A 1 105 ? 0.775   5.550   -2.262  1.00 35.63  ? 95  PHE A O   1 
ATOM   746  C CB  . PHE A 1 105 ? 0.126   5.084   0.880   1.00 36.10  ? 95  PHE A CB  1 
ATOM   747  C CG  . PHE A 1 105 ? 0.942   6.349   0.893   1.00 34.69  ? 95  PHE A CG  1 
ATOM   748  C CD1 . PHE A 1 105 ? 0.323   7.589   0.955   1.00 46.99  ? 95  PHE A CD1 1 
ATOM   749  C CD2 . PHE A 1 105 ? 2.321   6.301   0.828   1.00 34.24  ? 95  PHE A CD2 1 
ATOM   750  C CE1 . PHE A 1 105 ? 1.071   8.761   0.949   1.00 47.30  ? 95  PHE A CE1 1 
ATOM   751  C CE2 . PHE A 1 105 ? 3.077   7.468   0.830   1.00 36.61  ? 95  PHE A CE2 1 
ATOM   752  C CZ  . PHE A 1 105 ? 2.450   8.698   0.890   1.00 33.13  ? 95  PHE A CZ  1 
ATOM   753  N N   . GLU A 1 106 ? 0.613   3.344   -1.850  1.00 33.88  ? 96  GLU A N   1 
ATOM   754  C CA  . GLU A 1 106 ? 1.394   2.935   -3.010  1.00 36.67  ? 96  GLU A CA  1 
ATOM   755  C C   . GLU A 1 106 ? 0.694   3.389   -4.297  1.00 33.62  ? 96  GLU A C   1 
ATOM   756  O O   . GLU A 1 106 ? 1.335   3.867   -5.233  1.00 32.69  ? 96  GLU A O   1 
ATOM   757  C CB  . GLU A 1 106 ? 1.536   1.407   -3.019  1.00 32.65  ? 96  GLU A CB  1 
ATOM   758  C CG  . GLU A 1 106 ? 2.582   0.877   -3.972  1.00 46.26  ? 96  GLU A CG  1 
ATOM   759  C CD  . GLU A 1 106 ? 2.309   -0.547  -4.434  1.00 35.32  ? 96  GLU A CD  1 
ATOM   760  O OE1 . GLU A 1 106 ? 1.192   -1.060  -4.232  1.00 39.37  ? 96  GLU A OE1 1 
ATOM   761  O OE2 . GLU A 1 106 ? 3.219   -1.155  -5.026  1.00 50.87  ? 96  GLU A OE2 1 
ATOM   762  N N   . GLY A 1 107 ? -0.624  3.206   -4.335  1.00 30.35  ? 97  GLY A N   1 
ATOM   763  C CA  . GLY A 1 107 ? -1.439  3.575   -5.481  1.00 25.60  ? 97  GLY A CA  1 
ATOM   764  C C   . GLY A 1 107 ? -1.493  5.074   -5.678  1.00 31.87  ? 97  GLY A C   1 
ATOM   765  O O   . GLY A 1 107 ? -1.357  5.580   -6.797  1.00 32.40  ? 97  GLY A O   1 
ATOM   766  N N   . ILE A 1 108 ? -1.681  5.791   -4.579  1.00 29.10  ? 98  ILE A N   1 
ATOM   767  C CA  . ILE A 1 108 ? -1.651  7.245   -4.606  1.00 36.78  ? 98  ILE A CA  1 
ATOM   768  C C   . ILE A 1 108 ? -0.323  7.759   -5.155  1.00 44.82  ? 98  ILE A C   1 
ATOM   769  O O   . ILE A 1 108 ? -0.300  8.681   -5.972  1.00 42.12  ? 98  ILE A O   1 
ATOM   770  C CB  . ILE A 1 108 ? -1.874  7.830   -3.207  1.00 34.08  ? 98  ILE A CB  1 
ATOM   771  C CG1 . ILE A 1 108 ? -3.301  7.550   -2.735  1.00 42.64  ? 98  ILE A CG1 1 
ATOM   772  C CG2 . ILE A 1 108 ? -1.620  9.319   -3.208  1.00 33.40  ? 98  ILE A CG2 1 
ATOM   773  C CD1 . ILE A 1 108 ? -3.575  8.049   -1.324  1.00 44.60  ? 98  ILE A CD1 1 
ATOM   774  N N   . LEU A 1 109 ? 0.779   7.157   -4.708  1.00 38.99  ? 99  LEU A N   1 
ATOM   775  C CA  . LEU A 1 109 ? 2.115   7.572   -5.138  1.00 37.97  ? 99  LEU A CA  1 
ATOM   776  C C   . LEU A 1 109 ? 2.355   7.391   -6.634  1.00 34.03  ? 99  LEU A C   1 
ATOM   777  O O   . LEU A 1 109 ? 2.839   8.303   -7.306  1.00 38.17  ? 99  LEU A O   1 
ATOM   778  C CB  . LEU A 1 109 ? 3.205   6.840   -4.342  1.00 41.77  ? 99  LEU A CB  1 
ATOM   779  C CG  . LEU A 1 109 ? 3.654   7.481   -3.025  1.00 47.52  ? 99  LEU A CG  1 
ATOM   780  C CD1 . LEU A 1 109 ? 4.715   6.633   -2.338  1.00 42.47  ? 99  LEU A CD1 1 
ATOM   781  C CD2 . LEU A 1 109 ? 4.174   8.889   -3.272  1.00 35.72  ? 99  LEU A CD2 1 
ATOM   782  N N   . ILE A 1 110 ? 2.035   6.209   -7.150  1.00 38.11  ? 100 ILE A N   1 
ATOM   783  C CA  . ILE A 1 110 ? 2.243   5.918   -8.567  1.00 37.06  ? 100 ILE A CA  1 
ATOM   784  C C   . ILE A 1 110 ? 1.443   6.889   -9.456  1.00 42.23  ? 100 ILE A C   1 
ATOM   785  O O   . ILE A 1 110 ? 1.920   7.323   -10.507 1.00 33.85  ? 100 ILE A O   1 
ATOM   786  C CB  . ILE A 1 110 ? 1.893   4.441   -8.904  1.00 34.29  ? 100 ILE A CB  1 
ATOM   787  C CG1 . ILE A 1 110 ? 2.585   3.990   -10.189 1.00 40.71  ? 100 ILE A CG1 1 
ATOM   788  C CG2 . ILE A 1 110 ? 0.390   4.235   -9.004  1.00 37.99  ? 100 ILE A CG2 1 
ATOM   789  C CD1 . ILE A 1 110 ? 4.071   3.771   -10.023 1.00 57.26  ? 100 ILE A CD1 1 
ATOM   790  N N   . LYS A 1 111 ? 0.232   7.234   -9.025  1.00 35.95  ? 101 LYS A N   1 
ATOM   791  C CA  . LYS A 1 111 ? -0.598  8.181   -9.768  1.00 40.99  ? 101 LYS A CA  1 
ATOM   792  C C   . LYS A 1 111 ? 0.060   9.553   -9.829  1.00 41.87  ? 101 LYS A C   1 
ATOM   793  O O   . LYS A 1 111 ? 0.129   10.164  -10.895 1.00 40.23  ? 101 LYS A O   1 
ATOM   794  C CB  . LYS A 1 111 ? -2.003  8.285   -9.167  1.00 40.09  ? 101 LYS A CB  1 
ATOM   795  C CG  . LYS A 1 111 ? -2.828  7.013   -9.299  1.00 45.32  ? 101 LYS A CG  1 
ATOM   796  C CD  . LYS A 1 111 ? -4.167  7.134   -8.582  1.00 30.46  ? 101 LYS A CD  1 
ATOM   797  C CE  . LYS A 1 111 ? -4.969  8.298   -9.129  1.00 44.24  ? 101 LYS A CE  1 
ATOM   798  N NZ  . LYS A 1 111 ? -6.334  8.373   -8.544  1.00 53.89  ? 101 LYS A NZ  1 
ATOM   799  N N   . LYS A 1 112 ? 0.555   10.037  -8.692  1.00 40.85  ? 102 LYS A N   1 
ATOM   800  C CA  . LYS A 1 112 ? 1.246   11.322  -8.678  1.00 48.55  ? 102 LYS A CA  1 
ATOM   801  C C   . LYS A 1 112 ? 2.509   11.271  -9.543  1.00 47.66  ? 102 LYS A C   1 
ATOM   802  O O   . LYS A 1 112 ? 2.799   12.195  -10.299 1.00 44.23  ? 102 LYS A O   1 
ATOM   803  C CB  . LYS A 1 112 ? 1.579   11.760  -7.250  1.00 40.44  ? 102 LYS A CB  1 
ATOM   804  C CG  . LYS A 1 112 ? 0.368   12.163  -6.437  1.00 33.80  ? 102 LYS A CG  1 
ATOM   805  C CD  . LYS A 1 112 ? 0.764   12.870  -5.154  1.00 50.93  ? 102 LYS A CD  1 
ATOM   806  C CE  . LYS A 1 112 ? 1.420   14.217  -5.443  1.00 64.83  ? 102 LYS A CE  1 
ATOM   807  N NZ  . LYS A 1 112 ? 0.474   15.170  -6.093  1.00 67.09  ? 102 LYS A NZ  1 
ATOM   808  N N   . LEU A 1 113 ? 3.244   10.172  -9.440  1.00 41.77  ? 103 LEU A N   1 
ATOM   809  C CA  . LEU A 1 113 ? 4.466   10.002  -10.216 1.00 49.33  ? 103 LEU A CA  1 
ATOM   810  C C   . LEU A 1 113 ? 4.185   9.953   -11.729 1.00 56.87  ? 103 LEU A C   1 
ATOM   811  O O   . LEU A 1 113 ? 4.979   10.450  -12.533 1.00 49.59  ? 103 LEU A O   1 
ATOM   812  C CB  . LEU A 1 113 ? 5.215   8.748   -9.753  1.00 36.74  ? 103 LEU A CB  1 
ATOM   813  C CG  . LEU A 1 113 ? 6.610   8.481   -10.312 1.00 58.13  ? 103 LEU A CG  1 
ATOM   814  C CD1 . LEU A 1 113 ? 7.622   9.430   -9.681  1.00 51.30  ? 103 LEU A CD1 1 
ATOM   815  C CD2 . LEU A 1 113 ? 7.003   7.038   -10.050 1.00 66.94  ? 103 LEU A CD2 1 
ATOM   816  N N   . LEU A 1 114 ? 3.060   9.356   -12.121 1.00 42.88  ? 104 LEU A N   1 
ATOM   817  C CA  . LEU A 1 114 ? 2.711   9.289   -13.542 1.00 52.29  ? 104 LEU A CA  1 
ATOM   818  C C   . LEU A 1 114 ? 2.470   10.688  -14.101 1.00 53.23  ? 104 LEU A C   1 
ATOM   819  O O   . LEU A 1 114 ? 2.741   10.967  -15.270 1.00 49.47  ? 104 LEU A O   1 
ATOM   820  C CB  . LEU A 1 114 ? 1.462   8.433   -13.773 1.00 54.30  ? 104 LEU A CB  1 
ATOM   821  C CG  . LEU A 1 114 ? 0.925   8.518   -15.208 1.00 54.74  ? 104 LEU A CG  1 
ATOM   822  C CD1 . LEU A 1 114 ? 1.681   7.574   -16.131 1.00 46.86  ? 104 LEU A CD1 1 
ATOM   823  C CD2 . LEU A 1 114 ? -0.555  8.225   -15.255 1.00 44.03  ? 104 LEU A CD2 1 
ATOM   824  N N   . ARG A 1 115 ? 1.954   11.563  -13.247 1.00 52.94  ? 105 ARG A N   1 
ATOM   825  C CA  . ARG A 1 115 ? 1.593   12.909  -13.658 1.00 49.80  ? 105 ARG A CA  1 
ATOM   826  C C   . ARG A 1 115 ? 2.731   13.919  -13.462 1.00 54.66  ? 105 ARG A C   1 
ATOM   827  O O   . ARG A 1 115 ? 2.814   14.909  -14.185 1.00 49.86  ? 105 ARG A O   1 
ATOM   828  C CB  . ARG A 1 115 ? 0.307   13.340  -12.946 1.00 41.29  ? 105 ARG A CB  1 
ATOM   829  C CG  . ARG A 1 115 ? 0.349   14.681  -12.237 1.00 60.93  ? 105 ARG A CG  1 
ATOM   830  C CD  . ARG A 1 115 ? -0.953  14.886  -11.446 1.00 76.20  ? 105 ARG A CD  1 
ATOM   831  N NE  . ARG A 1 115 ? -1.010  16.157  -10.724 1.00 78.88  ? 105 ARG A NE  1 
ATOM   832  C CZ  . ARG A 1 115 ? -0.623  16.323  -9.463  1.00 81.14  ? 105 ARG A CZ  1 
ATOM   833  N NH1 . ARG A 1 115 ? -0.141  15.296  -8.778  1.00 67.96  ? 105 ARG A NH1 1 
ATOM   834  N NH2 . ARG A 1 115 ? -0.712  17.516  -8.884  1.00 79.48  ? 105 ARG A NH2 1 
ATOM   835  N N   . GLN A 1 116 ? 3.634   13.648  -12.520 1.00 51.56  ? 106 GLN A N   1 
ATOM   836  C CA  . GLN A 1 116 ? 4.668   14.621  -12.167 1.00 37.16  ? 106 GLN A CA  1 
ATOM   837  C C   . GLN A 1 116 ? 6.115   14.196  -12.417 1.00 40.66  ? 106 GLN A C   1 
ATOM   838  O O   . GLN A 1 116 ? 7.026   14.992  -12.215 1.00 49.27  ? 106 GLN A O   1 
ATOM   839  C CB  . GLN A 1 116 ? 4.527   15.033  -10.704 1.00 47.75  ? 106 GLN A CB  1 
ATOM   840  C CG  . GLN A 1 116 ? 3.255   15.784  -10.381 1.00 55.15  ? 106 GLN A CG  1 
ATOM   841  C CD  . GLN A 1 116 ? 3.078   15.978  -8.887  1.00 55.36  ? 106 GLN A CD  1 
ATOM   842  O OE1 . GLN A 1 116 ? 3.368   15.078  -8.101  1.00 50.51  ? 106 GLN A OE1 1 
ATOM   843  N NE2 . GLN A 1 116 ? 2.621   17.162  -8.486  1.00 50.61  ? 106 GLN A NE2 1 
ATOM   844  N N   . GLN A 1 117 ? 6.338   12.960  -12.850 1.00 39.65  ? 107 GLN A N   1 
ATOM   845  C CA  . GLN A 1 117 ? 7.703   12.459  -12.991 1.00 46.17  ? 107 GLN A CA  1 
ATOM   846  C C   . GLN A 1 117 ? 8.425   13.176  -14.116 1.00 56.96  ? 107 GLN A C   1 
ATOM   847  O O   . GLN A 1 117 ? 7.936   13.223  -15.240 1.00 59.80  ? 107 GLN A O   1 
ATOM   848  C CB  . GLN A 1 117 ? 7.721   10.949  -13.236 1.00 54.74  ? 107 GLN A CB  1 
ATOM   849  C CG  . GLN A 1 117 ? 9.117   10.347  -13.312 1.00 50.94  ? 107 GLN A CG  1 
ATOM   850  C CD  . GLN A 1 117 ? 9.099   8.845   -13.542 1.00 65.22  ? 107 GLN A CD  1 
ATOM   851  O OE1 . GLN A 1 117 ? 10.105  8.163   -13.340 1.00 72.39  ? 107 GLN A OE1 1 
ATOM   852  N NE2 . GLN A 1 117 ? 7.954   8.323   -13.970 1.00 64.93  ? 107 GLN A NE2 1 
ATOM   853  N N   . ILE A 1 118 ? 9.593   13.727  -13.809 1.00 57.28  ? 108 ILE A N   1 
ATOM   854  C CA  . ILE A 1 118 ? 10.328  14.547  -14.763 1.00 57.73  ? 108 ILE A CA  1 
ATOM   855  C C   . ILE A 1 118 ? 10.867  13.724  -15.928 1.00 54.81  ? 108 ILE A C   1 
ATOM   856  O O   . ILE A 1 118 ? 10.745  14.116  -17.088 1.00 63.47  ? 108 ILE A O   1 
ATOM   857  C CB  . ILE A 1 118 ? 11.482  15.296  -14.073 1.00 54.55  ? 108 ILE A CB  1 
ATOM   858  C CG1 . ILE A 1 118 ? 10.927  16.364  -13.129 1.00 58.71  ? 108 ILE A CG1 1 
ATOM   859  C CG2 . ILE A 1 118 ? 12.380  15.940  -15.099 1.00 61.91  ? 108 ILE A CG2 1 
ATOM   860  C CD1 . ILE A 1 118 ? 11.989  17.121  -12.368 1.00 59.44  ? 108 ILE A CD1 1 
ATOM   861  N N   . ALA A 1 119 ? 11.462  12.580  -15.615 1.00 60.57  ? 109 ALA A N   1 
ATOM   862  C CA  . ALA A 1 119 ? 11.996  11.693  -16.640 1.00 62.27  ? 109 ALA A CA  1 
ATOM   863  C C   . ALA A 1 119 ? 11.165  10.425  -16.704 1.00 67.57  ? 109 ALA A C   1 
ATOM   864  O O   . ALA A 1 119 ? 11.533  9.414   -16.112 1.00 73.00  ? 109 ALA A O   1 
ATOM   865  C CB  . ALA A 1 119 ? 13.436  11.355  -16.338 1.00 69.64  ? 109 ALA A CB  1 
ATOM   866  N N   . PRO A 1 120 ? 10.038  10.476  -17.427 1.00 61.42  ? 110 PRO A N   1 
ATOM   867  C CA  . PRO A 1 120 ? 9.080   9.369   -17.486 1.00 59.09  ? 110 PRO A CA  1 
ATOM   868  C C   . PRO A 1 120 ? 9.719   8.033   -17.851 1.00 56.79  ? 110 PRO A C   1 
ATOM   869  O O   . PRO A 1 120 ? 10.270  7.877   -18.940 1.00 73.10  ? 110 PRO A O   1 
ATOM   870  C CB  . PRO A 1 120 ? 8.104   9.816   -18.575 1.00 66.03  ? 110 PRO A CB  1 
ATOM   871  C CG  . PRO A 1 120 ? 8.148   11.305  -18.501 1.00 63.37  ? 110 PRO A CG  1 
ATOM   872  C CD  . PRO A 1 120 ? 9.588   11.630  -18.225 1.00 63.11  ? 110 PRO A CD  1 
ATOM   873  N N   . ASP A 1 121 ? 9.621   7.084   -16.925 1.00 63.61  ? 111 ASP A N   1 
ATOM   874  C CA  . ASP A 1 121 ? 10.173  5.742   -17.070 1.00 70.91  ? 111 ASP A CA  1 
ATOM   875  C C   . ASP A 1 121 ? 9.014   4.753   -16.961 1.00 76.35  ? 111 ASP A C   1 
ATOM   876  O O   . ASP A 1 121 ? 8.216   4.830   -16.026 1.00 91.33  ? 111 ASP A O   1 
ATOM   877  C CB  . ASP A 1 121 ? 11.202  5.498   -15.958 1.00 87.08  ? 111 ASP A CB  1 
ATOM   878  C CG  . ASP A 1 121 ? 11.863  4.133   -16.043 1.00 89.39  ? 111 ASP A CG  1 
ATOM   879  O OD1 . ASP A 1 121 ? 12.167  3.683   -17.166 1.00 79.98  ? 111 ASP A OD1 1 
ATOM   880  O OD2 . ASP A 1 121 ? 12.091  3.519   -14.975 1.00 88.72  ? 111 ASP A OD2 1 
ATOM   881  N N   . VAL A 1 122 ? 8.909   3.832   -17.911 1.00 60.45  ? 112 VAL A N   1 
ATOM   882  C CA  . VAL A 1 122 ? 7.751   2.938   -17.960 1.00 63.02  ? 112 VAL A CA  1 
ATOM   883  C C   . VAL A 1 122 ? 7.912   1.684   -17.100 1.00 65.42  ? 112 VAL A C   1 
ATOM   884  O O   . VAL A 1 122 ? 7.060   0.796   -17.118 1.00 72.00  ? 112 VAL A O   1 
ATOM   885  C CB  . VAL A 1 122 ? 7.405   2.526   -19.410 1.00 71.11  ? 112 VAL A CB  1 
ATOM   886  C CG1 . VAL A 1 122 ? 6.754   3.695   -20.167 1.00 45.60  ? 112 VAL A CG1 1 
ATOM   887  C CG2 . VAL A 1 122 ? 8.653   2.028   -20.131 1.00 54.12  ? 112 VAL A CG2 1 
ATOM   888  N N   . ASP A 1 123 ? 9.007   1.616   -16.350 1.00 70.99  ? 113 ASP A N   1 
ATOM   889  C CA  . ASP A 1 123 ? 9.248   0.499   -15.443 1.00 75.85  ? 113 ASP A CA  1 
ATOM   890  C C   . ASP A 1 123 ? 9.139   0.938   -13.988 1.00 72.86  ? 113 ASP A C   1 
ATOM   891  O O   . ASP A 1 123 ? 9.252   0.120   -13.075 1.00 70.70  ? 113 ASP A O   1 
ATOM   892  C CB  . ASP A 1 123 ? 10.626  -0.117  -15.698 1.00 74.87  ? 113 ASP A CB  1 
ATOM   893  C CG  . ASP A 1 123 ? 10.576  -1.278  -16.673 1.00 84.68  ? 113 ASP A CG  1 
ATOM   894  O OD1 . ASP A 1 123 ? 9.540   -1.437  -17.356 1.00 87.08  ? 113 ASP A OD1 1 
ATOM   895  O OD2 . ASP A 1 123 ? 11.573  -2.028  -16.758 1.00 75.80  ? 113 ASP A OD2 1 
ATOM   896  N N   . THR A 1 124 ? 8.913   2.230   -13.779 1.00 74.46  ? 114 THR A N   1 
ATOM   897  C CA  . THR A 1 124 ? 8.904   2.797   -12.434 1.00 77.08  ? 114 THR A CA  1 
ATOM   898  C C   . THR A 1 124 ? 8.072   1.989   -11.437 1.00 71.80  ? 114 THR A C   1 
ATOM   899  O O   . THR A 1 124 ? 8.495   1.795   -10.297 1.00 73.95  ? 114 THR A O   1 
ATOM   900  C CB  . THR A 1 124 ? 8.426   4.262   -12.434 1.00 78.69  ? 114 THR A CB  1 
ATOM   901  O OG1 . THR A 1 124 ? 7.137   4.347   -13.055 1.00 78.13  ? 114 THR A OG1 1 
ATOM   902  C CG2 . THR A 1 124 ? 9.410   5.144   -13.187 1.00 81.07  ? 114 THR A CG2 1 
ATOM   903  N N   . TYR A 1 125 ? 6.899   1.518   -11.859 1.00 71.56  ? 115 TYR A N   1 
ATOM   904  C CA  . TYR A 1 125 ? 6.015   0.778   -10.955 1.00 63.27  ? 115 TYR A CA  1 
ATOM   905  C C   . TYR A 1 125 ? 6.634   -0.531  -10.463 1.00 56.12  ? 115 TYR A C   1 
ATOM   906  O O   . TYR A 1 125 ? 6.101   -1.172  -9.560  1.00 55.45  ? 115 TYR A O   1 
ATOM   907  C CB  . TYR A 1 125 ? 4.637   0.525   -11.589 1.00 61.31  ? 115 TYR A CB  1 
ATOM   908  C CG  . TYR A 1 125 ? 4.593   -0.593  -12.610 1.00 58.47  ? 115 TYR A CG  1 
ATOM   909  C CD1 . TYR A 1 125 ? 4.666   -0.327  -13.969 1.00 63.93  ? 115 TYR A CD1 1 
ATOM   910  C CD2 . TYR A 1 125 ? 4.466   -1.916  -12.210 1.00 55.76  ? 115 TYR A CD2 1 
ATOM   911  C CE1 . TYR A 1 125 ? 4.621   -1.349  -14.898 1.00 63.35  ? 115 TYR A CE1 1 
ATOM   912  C CE2 . TYR A 1 125 ? 4.426   -2.939  -13.127 1.00 46.39  ? 115 TYR A CE2 1 
ATOM   913  C CZ  . TYR A 1 125 ? 4.502   -2.653  -14.470 1.00 60.11  ? 115 TYR A CZ  1 
ATOM   914  O OH  . TYR A 1 125 ? 4.460   -3.681  -15.386 1.00 71.77  ? 115 TYR A OH  1 
ATOM   915  N N   . LYS A 1 126 ? 7.751   -0.926  -11.065 1.00 50.99  ? 116 LYS A N   1 
ATOM   916  C CA  . LYS A 1 126 ? 8.502   -2.091  -10.617 1.00 50.02  ? 116 LYS A CA  1 
ATOM   917  C C   . LYS A 1 126 ? 9.396   -1.700  -9.455  1.00 44.05  ? 116 LYS A C   1 
ATOM   918  O O   . LYS A 1 126 ? 9.676   -2.512  -8.573  1.00 46.44  ? 116 LYS A O   1 
ATOM   919  C CB  . LYS A 1 126 ? 9.373   -2.637  -11.748 1.00 51.02  ? 116 LYS A CB  1 
ATOM   920  C CG  . LYS A 1 126 ? 8.605   -3.020  -12.992 1.00 61.06  ? 116 LYS A CG  1 
ATOM   921  C CD  . LYS A 1 126 ? 8.097   -4.441  -12.919 1.00 57.19  ? 116 LYS A CD  1 
ATOM   922  C CE  . LYS A 1 126 ? 7.137   -4.721  -14.058 1.00 63.69  ? 116 LYS A CE  1 
ATOM   923  N NZ  . LYS A 1 126 ? 7.659   -4.177  -15.342 1.00 73.86  ? 116 LYS A NZ  1 
ATOM   924  N N   . GLU A 1 127 ? 9.857   -0.455  -9.466  1.00 44.80  ? 117 GLU A N   1 
ATOM   925  C CA  . GLU A 1 127 ? 10.751  0.025   -8.425  1.00 53.41  ? 117 GLU A CA  1 
ATOM   926  C C   . GLU A 1 127 ? 9.943   0.473   -7.223  1.00 45.40  ? 117 GLU A C   1 
ATOM   927  O O   . GLU A 1 127 ? 10.387  0.330   -6.086  1.00 46.62  ? 117 GLU A O   1 
ATOM   928  C CB  . GLU A 1 127 ? 11.640  1.165   -8.924  1.00 55.74  ? 117 GLU A CB  1 
ATOM   929  C CG  . GLU A 1 127 ? 13.128  0.983   -8.586  1.00 86.56  ? 117 GLU A CG  1 
ATOM   930  C CD  . GLU A 1 127 ? 13.421  0.910   -7.082  1.00 84.20  ? 117 GLU A CD  1 
ATOM   931  O OE1 . GLU A 1 127 ? 12.682  1.533   -6.286  1.00 69.40  ? 117 GLU A OE1 1 
ATOM   932  O OE2 . GLU A 1 127 ? 14.402  0.231   -6.697  1.00 79.83  ? 117 GLU A OE2 1 
ATOM   933  N N   . ILE A 1 128 ? 8.756   1.015   -7.473  1.00 37.69  ? 118 ILE A N   1 
ATOM   934  C CA  . ILE A 1 128 ? 7.825   1.308   -6.389  1.00 39.23  ? 118 ILE A CA  1 
ATOM   935  C C   . ILE A 1 128 ? 7.483   0.016   -5.645  1.00 41.72  ? 118 ILE A C   1 
ATOM   936  O O   . ILE A 1 128 ? 7.647   -0.066  -4.432  1.00 39.72  ? 118 ILE A O   1 
ATOM   937  C CB  . ILE A 1 128 ? 6.533   1.970   -6.896  1.00 41.45  ? 118 ILE A CB  1 
ATOM   938  C CG1 . ILE A 1 128 ? 6.855   3.190   -7.767  1.00 50.13  ? 118 ILE A CG1 1 
ATOM   939  C CG2 . ILE A 1 128 ? 5.617   2.330   -5.726  1.00 40.69  ? 118 ILE A CG2 1 
ATOM   940  C CD1 . ILE A 1 128 ? 7.585   4.297   -7.054  1.00 54.40  ? 118 ILE A CD1 1 
ATOM   941  N N   . SER A 1 129 ? 7.032   -0.994  -6.384  1.00 41.99  ? 119 SER A N   1 
ATOM   942  C CA  . SER A 1 129 ? 6.681   -2.290  -5.802  1.00 46.23  ? 119 SER A CA  1 
ATOM   943  C C   . SER A 1 129 ? 7.819   -2.838  -4.956  1.00 40.07  ? 119 SER A C   1 
ATOM   944  O O   . SER A 1 129 ? 7.592   -3.521  -3.952  1.00 40.80  ? 119 SER A O   1 
ATOM   945  C CB  . SER A 1 129 ? 6.369   -3.304  -6.903  1.00 42.36  ? 119 SER A CB  1 
ATOM   946  O OG  . SER A 1 129 ? 5.407   -2.802  -7.801  1.00 52.67  ? 119 SER A OG  1 
ATOM   947  N N   . TYR A 1 130 ? 9.041   -2.557  -5.391  1.00 31.94  ? 120 TYR A N   1 
ATOM   948  C CA  . TYR A 1 130 ? 10.226  -3.049  -4.706  1.00 42.16  ? 120 TYR A CA  1 
ATOM   949  C C   . TYR A 1 130 ? 10.351  -2.467  -3.304  1.00 36.92  ? 120 TYR A C   1 
ATOM   950  O O   . TYR A 1 130 ? 10.472  -3.207  -2.332  1.00 35.05  ? 120 TYR A O   1 
ATOM   951  C CB  . TYR A 1 130 ? 11.504  -2.760  -5.513  1.00 37.13  ? 120 TYR A CB  1 
ATOM   952  C CG  . TYR A 1 130 ? 12.757  -3.268  -4.827  1.00 40.27  ? 120 TYR A CG  1 
ATOM   953  C CD1 . TYR A 1 130 ? 13.251  -4.538  -5.088  1.00 39.64  ? 120 TYR A CD1 1 
ATOM   954  C CD2 . TYR A 1 130 ? 13.425  -2.486  -3.897  1.00 41.66  ? 120 TYR A CD2 1 
ATOM   955  C CE1 . TYR A 1 130 ? 14.384  -5.012  -4.452  1.00 42.73  ? 120 TYR A CE1 1 
ATOM   956  C CE2 . TYR A 1 130 ? 14.555  -2.948  -3.253  1.00 50.14  ? 120 TYR A CE2 1 
ATOM   957  C CZ  . TYR A 1 130 ? 15.033  -4.211  -3.533  1.00 58.88  ? 120 TYR A CZ  1 
ATOM   958  O OH  . TYR A 1 130 ? 16.164  -4.669  -2.889  1.00 63.66  ? 120 TYR A OH  1 
ATOM   959  N N   . PHE A 1 131 ? 10.338  -1.143  -3.186  1.00 38.27  ? 121 PHE A N   1 
ATOM   960  C CA  . PHE A 1 131 ? 10.565  -0.567  -1.870  1.00 40.95  ? 121 PHE A CA  1 
ATOM   961  C C   . PHE A 1 131 ? 9.341   -0.661  -0.981  1.00 39.41  ? 121 PHE A C   1 
ATOM   962  O O   . PHE A 1 131 ? 9.453   -0.556  0.239   1.00 39.86  ? 121 PHE A O   1 
ATOM   963  C CB  . PHE A 1 131 ? 11.170  0.849   -1.904  1.00 41.85  ? 121 PHE A CB  1 
ATOM   964  C CG  . PHE A 1 131 ? 10.316  1.885   -2.573  1.00 34.99  ? 121 PHE A CG  1 
ATOM   965  C CD1 . PHE A 1 131 ? 9.111   2.285   -2.018  1.00 35.68  ? 121 PHE A CD1 1 
ATOM   966  C CD2 . PHE A 1 131 ? 10.756  2.510   -3.731  1.00 32.60  ? 121 PHE A CD2 1 
ATOM   967  C CE1 . PHE A 1 131 ? 8.334   3.265   -2.631  1.00 36.19  ? 121 PHE A CE1 1 
ATOM   968  C CE2 . PHE A 1 131 ? 9.995   3.489   -4.348  1.00 39.69  ? 121 PHE A CE2 1 
ATOM   969  C CZ  . PHE A 1 131 ? 8.777   3.865   -3.797  1.00 46.17  ? 121 PHE A CZ  1 
ATOM   970  N N   . VAL A 1 132 ? 8.183   -0.885  -1.593  1.00 38.49  ? 122 VAL A N   1 
ATOM   971  C CA  . VAL A 1 132 ? 6.974   -1.169  -0.831  1.00 36.78  ? 122 VAL A CA  1 
ATOM   972  C C   . VAL A 1 132 ? 7.102   -2.522  -0.131  1.00 27.50  ? 122 VAL A C   1 
ATOM   973  O O   . VAL A 1 132 ? 6.852   -2.633  1.062   1.00 32.34  ? 122 VAL A O   1 
ATOM   974  C CB  . VAL A 1 132 ? 5.708   -1.150  -1.727  1.00 45.00  ? 122 VAL A CB  1 
ATOM   975  C CG1 . VAL A 1 132 ? 4.534   -1.840  -1.021  1.00 31.16  ? 122 VAL A CG1 1 
ATOM   976  C CG2 . VAL A 1 132 ? 5.351   0.275   -2.117  1.00 30.82  ? 122 VAL A CG2 1 
ATOM   977  N N   . ALA A 1 133 ? 7.496   -3.542  -0.887  1.00 31.43  ? 123 ALA A N   1 
ATOM   978  C CA  . ALA A 1 133 ? 7.684   -4.886  -0.356  1.00 34.66  ? 123 ALA A CA  1 
ATOM   979  C C   . ALA A 1 133 ? 8.829   -4.902  0.652   1.00 37.98  ? 123 ALA A C   1 
ATOM   980  O O   . ALA A 1 133 ? 8.786   -5.611  1.655   1.00 36.99  ? 123 ALA A O   1 
ATOM   981  C CB  . ALA A 1 133 ? 7.961   -5.865  -1.485  1.00 28.08  ? 123 ALA A CB  1 
ATOM   982  N N   . GLU A 1 134 ? 9.860   -4.118  0.365   1.00 39.69  ? 124 GLU A N   1 
ATOM   983  C CA  . GLU A 1 134 ? 10.971  -3.940  1.288   1.00 36.17  ? 124 GLU A CA  1 
ATOM   984  C C   . GLU A 1 134 ? 10.496  -3.418  2.646   1.00 42.06  ? 124 GLU A C   1 
ATOM   985  O O   . GLU A 1 134 ? 10.888  -3.937  3.691   1.00 37.94  ? 124 GLU A O   1 
ATOM   986  C CB  . GLU A 1 134 ? 12.014  -2.995  0.688   1.00 35.68  ? 124 GLU A CB  1 
ATOM   987  C CG  . GLU A 1 134 ? 13.017  -2.461  1.694   1.00 49.77  ? 124 GLU A CG  1 
ATOM   988  C CD  . GLU A 1 134 ? 14.209  -1.772  1.042   1.00 72.33  ? 124 GLU A CD  1 
ATOM   989  O OE1 . GLU A 1 134 ? 14.211  -1.608  -0.207  1.00 47.55  ? 124 GLU A OE1 1 
ATOM   990  O OE2 . GLU A 1 134 ? 15.146  -1.404  1.790   1.00 60.92  ? 124 GLU A OE2 1 
ATOM   991  N N   . PHE A 1 135 ? 9.648   -2.395  2.644   1.00 31.80  ? 125 PHE A N   1 
ATOM   992  C CA  . PHE A 1 135 ? 9.174   -1.860  3.911   1.00 36.04  ? 125 PHE A CA  1 
ATOM   993  C C   . PHE A 1 135 ? 8.270   -2.867  4.620   1.00 45.04  ? 125 PHE A C   1 
ATOM   994  O O   . PHE A 1 135 ? 8.387   -3.085  5.826   1.00 39.04  ? 125 PHE A O   1 
ATOM   995  C CB  . PHE A 1 135 ? 8.437   -0.528  3.733   1.00 39.34  ? 125 PHE A CB  1 
ATOM   996  C CG  . PHE A 1 135 ? 7.769   -0.044  4.997   1.00 47.54  ? 125 PHE A CG  1 
ATOM   997  C CD1 . PHE A 1 135 ? 8.440   0.799   5.876   1.00 33.63  ? 125 PHE A CD1 1 
ATOM   998  C CD2 . PHE A 1 135 ? 6.482   -0.458  5.321   1.00 33.29  ? 125 PHE A CD2 1 
ATOM   999  C CE1 . PHE A 1 135 ? 7.833   1.234   7.045   1.00 41.74  ? 125 PHE A CE1 1 
ATOM   1000 C CE2 . PHE A 1 135 ? 5.868   -0.030  6.488   1.00 41.61  ? 125 PHE A CE2 1 
ATOM   1001 C CZ  . PHE A 1 135 ? 6.543   0.815   7.353   1.00 40.27  ? 125 PHE A CZ  1 
ATOM   1002 N N   . ILE A 1 136 ? 7.361   -3.473  3.865   1.00 37.85  ? 126 ILE A N   1 
ATOM   1003 C CA  . ILE A 1 136 ? 6.440   -4.441  4.434   1.00 42.31  ? 126 ILE A CA  1 
ATOM   1004 C C   . ILE A 1 136 ? 7.203   -5.613  5.042   1.00 44.06  ? 126 ILE A C   1 
ATOM   1005 O O   . ILE A 1 136 ? 6.875   -6.088  6.124   1.00 39.06  ? 126 ILE A O   1 
ATOM   1006 C CB  . ILE A 1 136 ? 5.463   -4.958  3.376   1.00 41.56  ? 126 ILE A CB  1 
ATOM   1007 C CG1 . ILE A 1 136 ? 4.450   -3.866  3.019   1.00 37.45  ? 126 ILE A CG1 1 
ATOM   1008 C CG2 . ILE A 1 136 ? 4.765   -6.213  3.863   1.00 31.93  ? 126 ILE A CG2 1 
ATOM   1009 C CD1 . ILE A 1 136 ? 3.398   -4.320  2.051   1.00 31.83  ? 126 ILE A CD1 1 
ATOM   1010 N N   . MET A 1 137 ? 8.228   -6.068  4.337   1.00 41.91  ? 127 MET A N   1 
ATOM   1011 C CA  . MET A 1 137 ? 9.051   -7.175  4.808   1.00 42.72  ? 127 MET A CA  1 
ATOM   1012 C C   . MET A 1 137 ? 9.722   -6.889  6.144   1.00 42.10  ? 127 MET A C   1 
ATOM   1013 O O   . MET A 1 137 ? 9.551   -7.634  7.107   1.00 40.83  ? 127 MET A O   1 
ATOM   1014 C CB  . MET A 1 137 ? 10.104  -7.518  3.760   1.00 43.76  ? 127 MET A CB  1 
ATOM   1015 C CG  . MET A 1 137 ? 9.647   -8.577  2.786   1.00 50.93  ? 127 MET A CG  1 
ATOM   1016 S SD  . MET A 1 137 ? 10.017  -10.206 3.442   1.00 77.28  ? 127 MET A SD  1 
ATOM   1017 C CE  . MET A 1 137 ? 11.806  -10.178 3.310   1.00 45.17  ? 127 MET A CE  1 
ATOM   1018 N N   . ASN A 1 138 ? 10.480  -5.800  6.188   1.00 42.60  ? 128 ASN A N   1 
ATOM   1019 C CA  . ASN A 1 138 ? 11.302  -5.466  7.345   1.00 48.66  ? 128 ASN A CA  1 
ATOM   1020 C C   . ASN A 1 138 ? 10.516  -5.014  8.576   1.00 53.71  ? 128 ASN A C   1 
ATOM   1021 O O   . ASN A 1 138 ? 11.023  -5.068  9.700   1.00 51.62  ? 128 ASN A O   1 
ATOM   1022 C CB  . ASN A 1 138 ? 12.322  -4.390  6.961   1.00 40.84  ? 128 ASN A CB  1 
ATOM   1023 C CG  . ASN A 1 138 ? 13.187  -4.807  5.795   1.00 46.83  ? 128 ASN A CG  1 
ATOM   1024 O OD1 . ASN A 1 138 ? 13.347  -5.998  5.530   1.00 52.52  ? 128 ASN A OD1 1 
ATOM   1025 N ND2 . ASN A 1 138 ? 13.752  -3.832  5.091   1.00 46.71  ? 128 ASN A ND2 1 
ATOM   1026 N N   . ASN A 1 139 ? 9.282   -4.571  8.374   1.00 42.83  ? 129 ASN A N   1 
ATOM   1027 C CA  . ASN A 1 139 ? 8.550   -3.959  9.473   1.00 39.77  ? 129 ASN A CA  1 
ATOM   1028 C C   . ASN A 1 139 ? 7.307   -4.709  9.925   1.00 44.07  ? 129 ASN A C   1 
ATOM   1029 O O   . ASN A 1 139 ? 6.801   -4.481  11.024  1.00 50.90  ? 129 ASN A O   1 
ATOM   1030 C CB  . ASN A 1 139 ? 8.201   -2.511  9.130   1.00 41.14  ? 129 ASN A CB  1 
ATOM   1031 C CG  . ASN A 1 139 ? 9.435   -1.633  8.994   1.00 54.63  ? 129 ASN A CG  1 
ATOM   1032 O OD1 . ASN A 1 139 ? 9.803   -0.909  9.922   1.00 48.52  ? 129 ASN A OD1 1 
ATOM   1033 N ND2 . ASN A 1 139 ? 10.082  -1.698  7.836   1.00 48.51  ? 129 ASN A ND2 1 
ATOM   1034 N N   . THR A 1 140 ? 6.815   -5.610  9.085   1.00 37.23  ? 130 THR A N   1 
ATOM   1035 C CA  . THR A 1 140 ? 5.564   -6.284  9.386   1.00 36.57  ? 130 THR A CA  1 
ATOM   1036 C C   . THR A 1 140 ? 5.651   -7.768  9.058   1.00 39.92  ? 130 THR A C   1 
ATOM   1037 O O   . THR A 1 140 ? 4.738   -8.533  9.369   1.00 41.52  ? 130 THR A O   1 
ATOM   1038 C CB  . THR A 1 140 ? 4.373   -5.656  8.607   1.00 40.09  ? 130 THR A CB  1 
ATOM   1039 O OG1 . THR A 1 140 ? 4.406   -6.092  7.248   1.00 36.31  ? 130 THR A OG1 1 
ATOM   1040 C CG2 . THR A 1 140 ? 4.430   -4.139  8.635   1.00 35.55  ? 130 THR A CG2 1 
ATOM   1041 N N   . GLY A 1 141 ? 6.753   -8.173  8.436   1.00 35.37  ? 131 GLY A N   1 
ATOM   1042 C CA  . GLY A 1 141 ? 6.930   -9.563  8.044   1.00 40.50  ? 131 GLY A CA  1 
ATOM   1043 C C   . GLY A 1 141 ? 6.675   -10.568 9.160   1.00 50.77  ? 131 GLY A C   1 
ATOM   1044 O O   . GLY A 1 141 ? 5.987   -11.572 8.961   1.00 47.46  ? 131 GLY A O   1 
ATOM   1045 N N   . GLU A 1 142 ? 7.229   -10.305 10.340  1.00 44.93  ? 132 GLU A N   1 
ATOM   1046 C CA  . GLU A 1 142 ? 7.063   -11.209 11.475  1.00 47.47  ? 132 GLU A CA  1 
ATOM   1047 C C   . GLU A 1 142 ? 5.609   -11.222 11.946  1.00 40.70  ? 132 GLU A C   1 
ATOM   1048 O O   . GLU A 1 142 ? 5.015   -12.280 12.141  1.00 44.91  ? 132 GLU A O   1 
ATOM   1049 C CB  . GLU A 1 142 ? 8.004   -10.816 12.622  1.00 48.26  ? 132 GLU A CB  1 
ATOM   1050 C CG  . GLU A 1 142 ? 9.483   -10.894 12.272  1.00 73.43  ? 132 GLU A CG  1 
ATOM   1051 C CD  . GLU A 1 142 ? 10.377  -10.205 13.296  1.00 88.76  ? 132 GLU A CD  1 
ATOM   1052 O OE1 . GLU A 1 142 ? 9.864   -9.396  14.103  1.00 84.06  ? 132 GLU A OE1 1 
ATOM   1053 O OE2 . GLU A 1 142 ? 11.600  -10.474 13.288  1.00 73.98  ? 132 GLU A OE2 1 
ATOM   1054 N N   . TRP A 1 143 ? 5.036   -10.038 12.112  1.00 38.78  ? 133 TRP A N   1 
ATOM   1055 C CA  . TRP A 1 143 ? 3.627   -9.932  12.460  1.00 39.50  ? 133 TRP A CA  1 
ATOM   1056 C C   . TRP A 1 143 ? 2.717   -10.662 11.461  1.00 43.84  ? 133 TRP A C   1 
ATOM   1057 O O   . TRP A 1 143 ? 1.802   -11.378 11.858  1.00 43.33  ? 133 TRP A O   1 
ATOM   1058 C CB  . TRP A 1 143 ? 3.216   -8.463  12.598  1.00 40.14  ? 133 TRP A CB  1 
ATOM   1059 C CG  . TRP A 1 143 ? 1.817   -8.311  13.085  1.00 46.47  ? 133 TRP A CG  1 
ATOM   1060 C CD1 . TRP A 1 143 ? 1.413   -8.111  14.376  1.00 50.26  ? 133 TRP A CD1 1 
ATOM   1061 C CD2 . TRP A 1 143 ? 0.624   -8.377  12.296  1.00 43.34  ? 133 TRP A CD2 1 
ATOM   1062 N NE1 . TRP A 1 143 ? 0.041   -8.041  14.436  1.00 47.36  ? 133 TRP A NE1 1 
ATOM   1063 C CE2 . TRP A 1 143 ? -0.468  -8.199  13.172  1.00 47.32  ? 133 TRP A CE2 1 
ATOM   1064 C CE3 . TRP A 1 143 ? 0.373   -8.563  10.930  1.00 44.29  ? 133 TRP A CE3 1 
ATOM   1065 C CZ2 . TRP A 1 143 ? -1.792  -8.202  12.729  1.00 39.59  ? 133 TRP A CZ2 1 
ATOM   1066 C CZ3 . TRP A 1 143 ? -0.943  -8.565  10.490  1.00 33.69  ? 133 TRP A CZ3 1 
ATOM   1067 C CH2 . TRP A 1 143 ? -2.008  -8.389  11.388  1.00 40.55  ? 133 TRP A CH2 1 
ATOM   1068 N N   . ILE A 1 144 ? 2.962   -10.476 10.166  1.00 47.06  ? 134 ILE A N   1 
ATOM   1069 C CA  . ILE A 1 144 ? 2.165   -11.146 9.138   1.00 46.68  ? 134 ILE A CA  1 
ATOM   1070 C C   . ILE A 1 144 ? 2.207   -12.665 9.299   1.00 45.75  ? 134 ILE A C   1 
ATOM   1071 O O   . ILE A 1 144 ? 1.179   -13.335 9.224   1.00 40.14  ? 134 ILE A O   1 
ATOM   1072 C CB  . ILE A 1 144 ? 2.645   -10.789 7.718   1.00 37.19  ? 134 ILE A CB  1 
ATOM   1073 C CG1 . ILE A 1 144 ? 2.274   -9.348  7.367   1.00 37.99  ? 134 ILE A CG1 1 
ATOM   1074 C CG2 . ILE A 1 144 ? 2.037   -11.735 6.707   1.00 33.21  ? 134 ILE A CG2 1 
ATOM   1075 C CD1 . ILE A 1 144 ? 2.763   -8.912  5.997   1.00 38.76  ? 134 ILE A CD1 1 
ATOM   1076 N N   . ARG A 1 145 ? 3.406   -13.197 9.513   1.00 49.09  ? 135 ARG A N   1 
ATOM   1077 C CA  . ARG A 1 145 ? 3.603   -14.630 9.706   1.00 51.70  ? 135 ARG A CA  1 
ATOM   1078 C C   . ARG A 1 145 ? 2.795   -15.142 10.899  1.00 56.45  ? 135 ARG A C   1 
ATOM   1079 O O   . ARG A 1 145 ? 2.013   -16.088 10.775  1.00 49.94  ? 135 ARG A O   1 
ATOM   1080 C CB  . ARG A 1 145 ? 5.092   -14.933 9.907   1.00 54.21  ? 135 ARG A CB  1 
ATOM   1081 C CG  . ARG A 1 145 ? 5.429   -16.411 10.059  1.00 69.05  ? 135 ARG A CG  1 
ATOM   1082 C CD  . ARG A 1 145 ? 6.860   -16.619 10.577  1.00 71.09  ? 135 ARG A CD  1 
ATOM   1083 N NE  . ARG A 1 145 ? 6.907   -16.850 12.022  1.00 68.84  ? 135 ARG A NE  1 
ATOM   1084 C CZ  . ARG A 1 145 ? 7.260   -15.940 12.930  1.00 74.96  ? 135 ARG A CZ  1 
ATOM   1085 N NH1 . ARG A 1 145 ? 7.616   -14.717 12.558  1.00 66.42  ? 135 ARG A NH1 1 
ATOM   1086 N NH2 . ARG A 1 145 ? 7.265   -16.259 14.219  1.00 69.56  ? 135 ARG A NH2 1 
ATOM   1087 N N   . GLN A 1 146 ? 2.983   -14.503 12.050  1.00 44.17  ? 136 GLN A N   1 
ATOM   1088 C CA  . GLN A 1 146 ? 2.310   -14.909 13.279  1.00 48.70  ? 136 GLN A CA  1 
ATOM   1089 C C   . GLN A 1 146 ? 0.792   -14.796 13.182  1.00 50.94  ? 136 GLN A C   1 
ATOM   1090 O O   . GLN A 1 146 ? 0.062   -15.336 14.013  1.00 46.26  ? 136 GLN A O   1 
ATOM   1091 C CB  . GLN A 1 146 ? 2.817   -14.078 14.460  1.00 51.30  ? 136 GLN A CB  1 
ATOM   1092 C CG  . GLN A 1 146 ? 4.221   -14.440 14.912  1.00 56.89  ? 136 GLN A CG  1 
ATOM   1093 C CD  . GLN A 1 146 ? 4.967   -13.247 15.459  1.00 65.50  ? 136 GLN A CD  1 
ATOM   1094 O OE1 . GLN A 1 146 ? 4.441   -12.500 16.282  1.00 69.13  ? 136 GLN A OE1 1 
ATOM   1095 N NE2 . GLN A 1 146 ? 6.193   -13.045 14.985  1.00 65.94  ? 136 GLN A NE2 1 
ATOM   1096 N N   . ASN A 1 147 ? 0.314   -14.088 12.168  1.00 47.17  ? 137 ASN A N   1 
ATOM   1097 C CA  . ASN A 1 147 ? -1.118  -13.900 12.024  1.00 39.94  ? 137 ASN A CA  1 
ATOM   1098 C C   . ASN A 1 147 ? -1.741  -14.603 10.819  1.00 41.98  ? 137 ASN A C   1 
ATOM   1099 O O   . ASN A 1 147 ? -2.814  -14.220 10.355  1.00 47.47  ? 137 ASN A O   1 
ATOM   1100 C CB  . ASN A 1 147 ? -1.478  -12.415 12.062  1.00 39.51  ? 137 ASN A CB  1 
ATOM   1101 C CG  . ASN A 1 147 ? -1.330  -11.823 13.449  1.00 44.83  ? 137 ASN A CG  1 
ATOM   1102 O OD1 . ASN A 1 147 ? -2.258  -11.876 14.254  1.00 42.85  ? 137 ASN A OD1 1 
ATOM   1103 N ND2 . ASN A 1 147 ? -0.156  -11.268 13.741  1.00 40.14  ? 137 ASN A ND2 1 
ATOM   1104 N N   . GLY A 1 148 ? -1.077  -15.647 10.334  1.00 35.55  ? 138 GLY A N   1 
ATOM   1105 C CA  . GLY A 1 148 ? -1.671  -16.507 9.324   1.00 36.31  ? 138 GLY A CA  1 
ATOM   1106 C C   . GLY A 1 148 ? -1.251  -16.211 7.898   1.00 41.45  ? 138 GLY A C   1 
ATOM   1107 O O   . GLY A 1 148 ? -1.729  -16.852 6.962   1.00 44.42  ? 138 GLY A O   1 
ATOM   1108 N N   . GLY A 1 149 ? -0.349  -15.250 7.726   1.00 37.91  ? 139 GLY A N   1 
ATOM   1109 C CA  . GLY A 1 149 ? 0.121   -14.882 6.401   1.00 33.75  ? 139 GLY A CA  1 
ATOM   1110 C C   . GLY A 1 149 ? -0.983  -14.292 5.540   1.00 41.17  ? 139 GLY A C   1 
ATOM   1111 O O   . GLY A 1 149 ? -2.006  -13.828 6.050   1.00 38.45  ? 139 GLY A O   1 
ATOM   1112 N N   . TRP A 1 150 ? -0.785  -14.323 4.227   1.00 40.10  ? 140 TRP A N   1 
ATOM   1113 C CA  . TRP A 1 150 ? -1.753  -13.749 3.293   1.00 45.93  ? 140 TRP A CA  1 
ATOM   1114 C C   . TRP A 1 150 ? -2.993  -14.620 3.086   1.00 38.82  ? 140 TRP A C   1 
ATOM   1115 O O   . TRP A 1 150 ? -4.118  -14.133 3.174   1.00 39.45  ? 140 TRP A O   1 
ATOM   1116 C CB  . TRP A 1 150 ? -1.072  -13.405 1.961   1.00 38.68  ? 140 TRP A CB  1 
ATOM   1117 C CG  . TRP A 1 150 ? -0.030  -12.355 2.157   1.00 38.80  ? 140 TRP A CG  1 
ATOM   1118 C CD1 . TRP A 1 150 ? 1.311   -12.545 2.308   1.00 43.45  ? 140 TRP A CD1 1 
ATOM   1119 C CD2 . TRP A 1 150 ? -0.254  -10.947 2.285   1.00 33.45  ? 140 TRP A CD2 1 
ATOM   1120 N NE1 . TRP A 1 150 ? 1.941   -11.339 2.499   1.00 41.14  ? 140 TRP A NE1 1 
ATOM   1121 C CE2 . TRP A 1 150 ? 1.002   -10.343 2.490   1.00 29.45  ? 140 TRP A CE2 1 
ATOM   1122 C CE3 . TRP A 1 150 ? -1.393  -10.137 2.233   1.00 38.19  ? 140 TRP A CE3 1 
ATOM   1123 C CZ2 . TRP A 1 150 ? 1.151   -8.967  2.643   1.00 40.37  ? 140 TRP A CZ2 1 
ATOM   1124 C CZ3 . TRP A 1 150 ? -1.243  -8.772  2.384   1.00 35.94  ? 140 TRP A CZ3 1 
ATOM   1125 C CH2 . TRP A 1 150 ? 0.018   -8.200  2.588   1.00 41.12  ? 140 TRP A CH2 1 
ATOM   1126 N N   . GLU A 1 151 ? -2.788  -15.911 2.845   1.00 40.81  ? 141 GLU A N   1 
ATOM   1127 C CA  . GLU A 1 151 ? -3.893  -16.825 2.572   1.00 44.65  ? 141 GLU A CA  1 
ATOM   1128 C C   . GLU A 1 151 ? -4.686  -17.294 3.806   1.00 49.79  ? 141 GLU A C   1 
ATOM   1129 O O   . GLU A 1 151 ? -5.878  -17.579 3.696   1.00 54.26  ? 141 GLU A O   1 
ATOM   1130 C CB  . GLU A 1 151 ? -3.398  -18.017 1.752   1.00 57.98  ? 141 GLU A CB  1 
ATOM   1131 C CG  . GLU A 1 151 ? -2.827  -17.606 0.399   1.00 64.75  ? 141 GLU A CG  1 
ATOM   1132 C CD  . GLU A 1 151 ? -2.141  -18.743 -0.337  1.00 82.66  ? 141 GLU A CD  1 
ATOM   1133 O OE1 . GLU A 1 151 ? -2.832  -19.716 -0.716  1.00 86.47  ? 141 GLU A OE1 1 
ATOM   1134 O OE2 . GLU A 1 151 ? -0.910  -18.653 -0.538  1.00 78.27  ? 141 GLU A OE2 1 
ATOM   1135 N N   . ASN A 1 152 ? -4.044  -17.365 4.971   1.00 42.53  ? 142 ASN A N   1 
ATOM   1136 C CA  . ASN A 1 152 ? -4.740  -17.788 6.194   1.00 44.20  ? 142 ASN A CA  1 
ATOM   1137 C C   . ASN A 1 152 ? -4.986  -16.656 7.178   1.00 39.94  ? 142 ASN A C   1 
ATOM   1138 O O   . ASN A 1 152 ? -5.609  -16.849 8.220   1.00 44.75  ? 142 ASN A O   1 
ATOM   1139 C CB  . ASN A 1 152 ? -4.010  -18.943 6.883   1.00 45.35  ? 142 ASN A CB  1 
ATOM   1140 C CG  . ASN A 1 152 ? -4.048  -20.222 6.070   1.00 45.87  ? 142 ASN A CG  1 
ATOM   1141 O OD1 . ASN A 1 152 ? -5.086  -20.591 5.518   1.00 61.20  ? 142 ASN A OD1 1 
ATOM   1142 N ND2 . ASN A 1 152 ? -2.912  -20.902 5.984   1.00 56.03  ? 142 ASN A ND2 1 
ATOM   1143 N N   . GLY A 1 153 ? -4.500  -15.469 6.837   1.00 39.26  ? 143 GLY A N   1 
ATOM   1144 C CA  . GLY A 1 153 ? -4.736  -14.296 7.653   1.00 36.67  ? 143 GLY A CA  1 
ATOM   1145 C C   . GLY A 1 153 ? -5.548  -13.248 6.912   1.00 41.12  ? 143 GLY A C   1 
ATOM   1146 O O   . GLY A 1 153 ? -6.722  -13.024 7.218   1.00 40.02  ? 143 GLY A O   1 
ATOM   1147 N N   . PHE A 1 154 ? -4.924  -12.608 5.931   1.00 32.29  ? 144 PHE A N   1 
ATOM   1148 C CA  . PHE A 1 154 ? -5.556  -11.509 5.210   1.00 37.36  ? 144 PHE A CA  1 
ATOM   1149 C C   . PHE A 1 154 ? -6.801  -11.937 4.441   1.00 34.95  ? 144 PHE A C   1 
ATOM   1150 O O   . PHE A 1 154 ? -7.846  -11.296 4.528   1.00 36.01  ? 144 PHE A O   1 
ATOM   1151 C CB  . PHE A 1 154 ? -4.571  -10.860 4.245   1.00 37.11  ? 144 PHE A CB  1 
ATOM   1152 C CG  . PHE A 1 154 ? -5.202  -9.839  3.356   1.00 39.73  ? 144 PHE A CG  1 
ATOM   1153 C CD1 . PHE A 1 154 ? -5.512  -8.580  3.843   1.00 48.19  ? 144 PHE A CD1 1 
ATOM   1154 C CD2 . PHE A 1 154 ? -5.503  -10.136 2.037   1.00 37.96  ? 144 PHE A CD2 1 
ATOM   1155 C CE1 . PHE A 1 154 ? -6.104  -7.633  3.026   1.00 50.38  ? 144 PHE A CE1 1 
ATOM   1156 C CE2 . PHE A 1 154 ? -6.087  -9.193  1.216   1.00 36.59  ? 144 PHE A CE2 1 
ATOM   1157 C CZ  . PHE A 1 154 ? -6.391  -7.939  1.713   1.00 39.57  ? 144 PHE A CZ  1 
ATOM   1158 N N   . VAL A 1 155 ? -6.677  -13.017 3.679   1.00 31.58  ? 145 VAL A N   1 
ATOM   1159 C CA  . VAL A 1 155 ? -7.770  -13.485 2.841   1.00 34.71  ? 145 VAL A CA  1 
ATOM   1160 C C   . VAL A 1 155 ? -8.974  -13.911 3.669   1.00 39.01  ? 145 VAL A C   1 
ATOM   1161 O O   . VAL A 1 155 ? -10.099 -13.552 3.352   1.00 35.27  ? 145 VAL A O   1 
ATOM   1162 C CB  . VAL A 1 155 ? -7.331  -14.642 1.926   1.00 44.50  ? 145 VAL A CB  1 
ATOM   1163 C CG1 . VAL A 1 155 ? -8.523  -15.200 1.163   1.00 46.64  ? 145 VAL A CG1 1 
ATOM   1164 C CG2 . VAL A 1 155 ? -6.264  -14.163 0.961   1.00 47.62  ? 145 VAL A CG2 1 
ATOM   1165 N N   . LYS A 1 156 ? -8.730  -14.671 4.733   1.00 39.23  ? 146 LYS A N   1 
ATOM   1166 C CA  . LYS A 1 156 ? -9.800  -15.133 5.605   1.00 42.16  ? 146 LYS A CA  1 
ATOM   1167 C C   . LYS A 1 156 ? -10.577 -13.960 6.180   1.00 39.10  ? 146 LYS A C   1 
ATOM   1168 O O   . LYS A 1 156 ? -11.791 -14.030 6.346   1.00 54.29  ? 146 LYS A O   1 
ATOM   1169 C CB  . LYS A 1 156 ? -9.228  -15.970 6.747   1.00 52.35  ? 146 LYS A CB  1 
ATOM   1170 C CG  . LYS A 1 156 ? -8.520  -17.228 6.289   1.00 51.83  ? 146 LYS A CG  1 
ATOM   1171 C CD  . LYS A 1 156 ? -9.442  -18.104 5.456   1.00 57.69  ? 146 LYS A CD  1 
ATOM   1172 C CE  . LYS A 1 156 ? -8.720  -19.356 4.975   1.00 64.27  ? 146 LYS A CE  1 
ATOM   1173 N NZ  . LYS A 1 156 ? -9.586  -20.247 4.147   1.00 73.84  ? 146 LYS A NZ  1 
ATOM   1174 N N   . LYS A 1 157 ? -9.870  -12.884 6.493   1.00 37.71  ? 147 LYS A N   1 
ATOM   1175 C CA  . LYS A 1 157 ? -10.502 -11.705 7.063   1.00 43.68  ? 147 LYS A CA  1 
ATOM   1176 C C   . LYS A 1 157 ? -11.241 -10.851 6.035   1.00 50.57  ? 147 LYS A C   1 
ATOM   1177 O O   . LYS A 1 157 ? -12.314 -10.330 6.327   1.00 51.27  ? 147 LYS A O   1 
ATOM   1178 C CB  . LYS A 1 157 ? -9.466  -10.852 7.791   1.00 40.06  ? 147 LYS A CB  1 
ATOM   1179 C CG  . LYS A 1 157 ? -9.942  -9.442  8.136   1.00 47.13  ? 147 LYS A CG  1 
ATOM   1180 C CD  . LYS A 1 157 ? -8.884  -8.693  8.942   1.00 52.17  ? 147 LYS A CD  1 
ATOM   1181 C CE  . LYS A 1 157 ? -9.418  -7.376  9.498   1.00 57.97  ? 147 LYS A CE  1 
ATOM   1182 N NZ  . LYS A 1 157 ? -9.088  -7.213  10.952  1.00 63.60  ? 147 LYS A NZ  1 
ATOM   1183 N N   . PHE A 1 158 ? -10.676 -10.706 4.837   1.00 42.20  ? 148 PHE A N   1 
ATOM   1184 C CA  . PHE A 1 158 ? -11.198 -9.727  3.883   1.00 46.54  ? 148 PHE A CA  1 
ATOM   1185 C C   . PHE A 1 158 ? -11.971 -10.281 2.687   1.00 44.10  ? 148 PHE A C   1 
ATOM   1186 O O   . PHE A 1 158 ? -12.570 -9.510  1.937   1.00 42.07  ? 148 PHE A O   1 
ATOM   1187 C CB  . PHE A 1 158 ? -10.086 -8.794  3.394   1.00 37.05  ? 148 PHE A CB  1 
ATOM   1188 C CG  . PHE A 1 158 ? -9.684  -7.751  4.399   1.00 50.63  ? 148 PHE A CG  1 
ATOM   1189 C CD1 . PHE A 1 158 ? -10.319 -6.520  4.434   1.00 44.99  ? 148 PHE A CD1 1 
ATOM   1190 C CD2 . PHE A 1 158 ? -8.672  -8.000  5.310   1.00 48.91  ? 148 PHE A CD2 1 
ATOM   1191 C CE1 . PHE A 1 158 ? -9.951  -5.558  5.360   1.00 49.83  ? 148 PHE A CE1 1 
ATOM   1192 C CE2 . PHE A 1 158 ? -8.301  -7.042  6.235   1.00 51.00  ? 148 PHE A CE2 1 
ATOM   1193 C CZ  . PHE A 1 158 ? -8.941  -5.819  6.260   1.00 48.43  ? 148 PHE A CZ  1 
ATOM   1194 N N   . GLU A 1 159 ? -11.960 -11.597 2.503   1.00 38.16  ? 149 GLU A N   1 
ATOM   1195 C CA  . GLU A 1 159 ? -12.690 -12.199 1.394   1.00 41.15  ? 149 GLU A CA  1 
ATOM   1196 C C   . GLU A 1 159 ? -14.183 -11.944 1.548   1.00 39.43  ? 149 GLU A C   1 
ATOM   1197 O O   . GLU A 1 159 ? -14.657 -11.654 2.640   1.00 39.06  ? 149 GLU A O   1 
ATOM   1198 C CB  . GLU A 1 159 ? -12.419 -13.704 1.293   1.00 34.45  ? 149 GLU A CB  1 
ATOM   1199 C CG  . GLU A 1 159 ? -12.914 -14.507 2.490   1.00 42.85  ? 149 GLU A CG  1 
ATOM   1200 C CD  . GLU A 1 159 ? -12.466 -15.958 2.444   1.00 42.72  ? 149 GLU A CD  1 
ATOM   1201 O OE1 . GLU A 1 159 ? -12.143 -16.451 1.342   1.00 47.41  ? 149 GLU A OE1 1 
ATOM   1202 O OE2 . GLU A 1 159 ? -12.425 -16.604 3.514   1.00 59.55  ? 149 GLU A OE2 1 
ATOM   1203 N N   . PRO A 1 160 ? -14.927 -12.029 0.441   1.00 43.64  ? 150 PRO A N   1 
ATOM   1204 C CA  . PRO A 1 160 ? -16.383 -11.886 0.522   1.00 52.18  ? 150 PRO A CA  1 
ATOM   1205 C C   . PRO A 1 160 ? -16.995 -12.879 1.507   1.00 44.02  ? 150 PRO A C   1 
ATOM   1206 O O   . PRO A 1 160 ? -16.538 -14.017 1.634   1.00 42.12  ? 150 PRO A O   1 
ATOM   1207 C CB  . PRO A 1 160 ? -16.838 -12.201 -0.902  1.00 48.15  ? 150 PRO A CB  1 
ATOM   1208 C CG  . PRO A 1 160 ? -15.682 -11.800 -1.753  1.00 41.73  ? 150 PRO A CG  1 
ATOM   1209 C CD  . PRO A 1 160 ? -14.453 -12.133 -0.950  1.00 40.10  ? 150 PRO A CD  1 
ATOM   1210 N N   . LYS A 1 161 ? -18.031 -12.443 2.209   1.00 52.23  ? 151 LYS A N   1 
ATOM   1211 C CA  . LYS A 1 161 ? -18.693 -13.305 3.173   1.00 61.30  ? 151 LYS A CA  1 
ATOM   1212 C C   . LYS A 1 161 ? -19.550 -14.341 2.447   1.00 63.78  ? 151 LYS A C   1 
ATOM   1213 O O   . LYS A 1 161 ? -20.133 -14.046 1.405   1.00 53.31  ? 151 LYS A O   1 
ATOM   1214 C CB  . LYS A 1 161 ? -19.538 -12.460 4.125   1.00 65.08  ? 151 LYS A CB  1 
ATOM   1215 C CG  . LYS A 1 161 ? -19.508 -10.974 3.794   1.00 61.81  ? 151 LYS A CG  1 
ATOM   1216 C CD  . LYS A 1 161 ? -20.247 -10.152 4.829   1.00 60.35  ? 151 LYS A CD  1 
ATOM   1217 C CE  . LYS A 1 161 ? -19.603 -10.287 6.193   1.00 62.29  ? 151 LYS A CE  1 
ATOM   1218 N NZ  . LYS A 1 161 ? -20.332 -9.469  7.196   1.00 76.13  ? 151 LYS A NZ  1 
ATOM   1219 O OXT . LYS A 1 161 ? -19.675 -15.495 2.867   1.00 65.28  ? 151 LYS A OXT 1 
ATOM   1220 N N   . ALA B 2 1   ? 8.462   17.711  8.812   1.00 64.31  ? 19  ALA B N   1 
ATOM   1221 C CA  . ALA B 2 1   ? 7.357   18.245  8.020   1.00 80.62  ? 19  ALA B CA  1 
ATOM   1222 C C   . ALA B 2 1   ? 6.007   17.901  8.641   1.00 83.21  ? 19  ALA B C   1 
ATOM   1223 O O   . ALA B 2 1   ? 5.911   16.993  9.468   1.00 83.28  ? 19  ALA B O   1 
ATOM   1224 C CB  . ALA B 2 1   ? 7.427   17.727  6.589   1.00 76.61  ? 19  ALA B CB  1 
ATOM   1225 N N   . GLU B 2 2   ? 4.969   18.631  8.240   1.00 76.94  ? 20  GLU B N   1 
ATOM   1226 C CA  . GLU B 2 2   ? 3.615   18.357  8.710   1.00 77.87  ? 20  GLU B CA  1 
ATOM   1227 C C   . GLU B 2 2   ? 2.834   17.570  7.663   1.00 69.19  ? 20  GLU B C   1 
ATOM   1228 O O   . GLU B 2 2   ? 1.753   17.056  7.944   1.00 77.24  ? 20  GLU B O   1 
ATOM   1229 C CB  . GLU B 2 2   ? 2.868   19.653  9.045   1.00 75.24  ? 20  GLU B CB  1 
ATOM   1230 C CG  . GLU B 2 2   ? 2.346   20.411  7.824   1.00 96.78  ? 20  GLU B CG  1 
ATOM   1231 C CD  . GLU B 2 2   ? 1.042   21.147  8.098   1.00 102.62 ? 20  GLU B CD  1 
ATOM   1232 O OE1 . GLU B 2 2   ? 0.124   20.532  8.684   1.00 102.77 ? 20  GLU B OE1 1 
ATOM   1233 O OE2 . GLU B 2 2   ? 0.937   22.338  7.731   1.00 97.79  ? 20  GLU B OE2 1 
ATOM   1234 N N   . LEU B 2 3   ? 3.385   17.482  6.456   1.00 68.40  ? 21  LEU B N   1 
ATOM   1235 C CA  . LEU B 2 3   ? 2.730   16.763  5.370   1.00 69.99  ? 21  LEU B CA  1 
ATOM   1236 C C   . LEU B 2 3   ? 2.904   15.254  5.508   1.00 61.80  ? 21  LEU B C   1 
ATOM   1237 O O   . LEU B 2 3   ? 1.966   14.493  5.288   1.00 52.59  ? 21  LEU B O   1 
ATOM   1238 C CB  . LEU B 2 3   ? 3.239   17.241  4.008   1.00 68.46  ? 21  LEU B CB  1 
ATOM   1239 C CG  . LEU B 2 3   ? 2.838   18.669  3.641   1.00 77.61  ? 21  LEU B CG  1 
ATOM   1240 C CD1 . LEU B 2 3   ? 3.279   19.010  2.228   1.00 70.13  ? 21  LEU B CD1 1 
ATOM   1241 C CD2 . LEU B 2 3   ? 1.337   18.842  3.787   1.00 77.17  ? 21  LEU B CD2 1 
ATOM   1242 N N   . GLU B 2 4   ? 4.105   14.821  5.873   1.00 56.55  ? 22  GLU B N   1 
ATOM   1243 C CA  . GLU B 2 4   ? 4.333   13.409  6.149   1.00 51.13  ? 22  GLU B CA  1 
ATOM   1244 C C   . GLU B 2 4   ? 3.596   12.975  7.417   1.00 58.29  ? 22  GLU B C   1 
ATOM   1245 O O   . GLU B 2 4   ? 3.153   11.833  7.527   1.00 53.81  ? 22  GLU B O   1 
ATOM   1246 C CB  . GLU B 2 4   ? 5.824   13.122  6.275   1.00 64.41  ? 22  GLU B CB  1 
ATOM   1247 C CG  . GLU B 2 4   ? 6.517   13.949  7.333   1.00 70.69  ? 22  GLU B CG  1 
ATOM   1248 C CD  . GLU B 2 4   ? 8.020   13.905  7.197   1.00 75.63  ? 22  GLU B CD  1 
ATOM   1249 O OE1 . GLU B 2 4   ? 8.720   14.204  8.192   1.00 77.07  ? 22  GLU B OE1 1 
ATOM   1250 O OE2 . GLU B 2 4   ? 8.498   13.573  6.091   1.00 73.69  ? 22  GLU B OE2 1 
ATOM   1251 N N   . VAL B 2 5   ? 3.459   13.884  8.373   1.00 58.23  ? 23  VAL B N   1 
ATOM   1252 C CA  . VAL B 2 5   ? 2.708   13.577  9.583   1.00 60.48  ? 23  VAL B CA  1 
ATOM   1253 C C   . VAL B 2 5   ? 1.209   13.546  9.291   1.00 58.36  ? 23  VAL B C   1 
ATOM   1254 O O   . VAL B 2 5   ? 0.503   12.618  9.694   1.00 53.59  ? 23  VAL B O   1 
ATOM   1255 C CB  . VAL B 2 5   ? 3.008   14.579  10.714  1.00 63.26  ? 23  VAL B CB  1 
ATOM   1256 C CG1 . VAL B 2 5   ? 1.905   14.536  11.769  1.00 57.70  ? 23  VAL B CG1 1 
ATOM   1257 C CG2 . VAL B 2 5   ? 4.371   14.291  11.327  1.00 61.28  ? 23  VAL B CG2 1 
ATOM   1258 N N   . GLU B 2 6   ? 0.732   14.562  8.582   1.00 53.28  ? 24  GLU B N   1 
ATOM   1259 C CA  . GLU B 2 6   ? -0.661  14.632  8.170   1.00 57.57  ? 24  GLU B CA  1 
ATOM   1260 C C   . GLU B 2 6   ? -1.041  13.398  7.345   1.00 59.79  ? 24  GLU B C   1 
ATOM   1261 O O   . GLU B 2 6   ? -2.126  12.849  7.511   1.00 55.85  ? 24  GLU B O   1 
ATOM   1262 C CB  . GLU B 2 6   ? -0.910  15.923  7.382   1.00 63.60  ? 24  GLU B CB  1 
ATOM   1263 C CG  . GLU B 2 6   ? -2.341  16.118  6.903   1.00 80.15  ? 24  GLU B CG  1 
ATOM   1264 C CD  . GLU B 2 6   ? -3.317  16.316  8.047   1.00 89.55  ? 24  GLU B CD  1 
ATOM   1265 O OE1 . GLU B 2 6   ? -2.864  16.292  9.211   1.00 75.64  ? 24  GLU B OE1 1 
ATOM   1266 O OE2 . GLU B 2 6   ? -4.528  16.494  7.782   1.00 96.24  ? 24  GLU B OE2 1 
ATOM   1267 N N   . CYS B 2 7   ? -0.144  12.958  6.465   1.00 55.22  ? 25  CYS B N   1 
ATOM   1268 C CA  . CYS B 2 7   ? -0.361  11.729  5.696   1.00 52.09  ? 25  CYS B CA  1 
ATOM   1269 C C   . CYS B 2 7   ? -0.407  10.495  6.595   1.00 53.21  ? 25  CYS B C   1 
ATOM   1270 O O   . CYS B 2 7   ? -1.348  9.707   6.528   1.00 56.39  ? 25  CYS B O   1 
ATOM   1271 C CB  . CYS B 2 7   ? 0.738   11.526  4.649   1.00 54.42  ? 25  CYS B CB  1 
ATOM   1272 S SG  . CYS B 2 7   ? 0.640   12.592  3.198   1.00 58.12  ? 25  CYS B SG  1 
ATOM   1273 N N   . ALA B 2 8   ? 0.620   10.329  7.422   1.00 44.36  ? 26  ALA B N   1 
ATOM   1274 C CA  . ALA B 2 8   ? 0.752   9.137   8.257   1.00 49.37  ? 26  ALA B CA  1 
ATOM   1275 C C   . ALA B 2 8   ? -0.407  8.992   9.232   1.00 43.67  ? 26  ALA B C   1 
ATOM   1276 O O   . ALA B 2 8   ? -0.928  7.893   9.431   1.00 39.96  ? 26  ALA B O   1 
ATOM   1277 C CB  . ALA B 2 8   ? 2.071   9.156   9.006   1.00 44.57  ? 26  ALA B CB  1 
ATOM   1278 N N   . THR B 2 9   ? -0.805  10.110  9.831   1.00 44.97  ? 27  THR B N   1 
ATOM   1279 C CA  . THR B 2 9   ? -1.874  10.124  10.821  1.00 55.80  ? 27  THR B CA  1 
ATOM   1280 C C   . THR B 2 9   ? -3.213  9.727   10.213  1.00 52.99  ? 27  THR B C   1 
ATOM   1281 O O   . THR B 2 9   ? -3.997  9.009   10.841  1.00 53.78  ? 27  THR B O   1 
ATOM   1282 C CB  . THR B 2 9   ? -2.014  11.511  11.484  1.00 62.09  ? 27  THR B CB  1 
ATOM   1283 O OG1 . THR B 2 9   ? -0.808  11.831  12.190  1.00 56.70  ? 27  THR B OG1 1 
ATOM   1284 C CG2 . THR B 2 9   ? -3.189  11.526  12.456  1.00 63.78  ? 27  THR B CG2 1 
ATOM   1285 N N   . GLN B 2 10  ? -3.472  10.201  8.997   1.00 56.36  ? 28  GLN B N   1 
ATOM   1286 C CA  . GLN B 2 10  ? -4.717  9.896   8.295   1.00 48.58  ? 28  GLN B CA  1 
ATOM   1287 C C   . GLN B 2 10  ? -4.753  8.454   7.797   1.00 57.93  ? 28  GLN B C   1 
ATOM   1288 O O   . GLN B 2 10  ? -5.789  7.796   7.867   1.00 59.92  ? 28  GLN B O   1 
ATOM   1289 C CB  . GLN B 2 10  ? -4.937  10.859  7.126   1.00 63.43  ? 28  GLN B CB  1 
ATOM   1290 C CG  . GLN B 2 10  ? -5.121  12.314  7.546   1.00 84.69  ? 28  GLN B CG  1 
ATOM   1291 C CD  . GLN B 2 10  ? -6.335  12.522  8.435   1.00 79.17  ? 28  GLN B CD  1 
ATOM   1292 O OE1 . GLN B 2 10  ? -6.207  12.866  9.611   1.00 78.27  ? 28  GLN B OE1 1 
ATOM   1293 N NE2 . GLN B 2 10  ? -7.520  12.317  7.873   1.00 85.38  ? 28  GLN B NE2 1 
ATOM   1294 N N   . LEU B 2 11  ? -3.627  7.969   7.286   1.00 50.50  ? 29  LEU B N   1 
ATOM   1295 C CA  . LEU B 2 11  ? -3.532  6.571   6.885   1.00 49.44  ? 29  LEU B CA  1 
ATOM   1296 C C   . LEU B 2 11  ? -3.721  5.667   8.099   1.00 40.38  ? 29  LEU B C   1 
ATOM   1297 O O   . LEU B 2 11  ? -4.402  4.650   8.021   1.00 40.52  ? 29  LEU B O   1 
ATOM   1298 C CB  . LEU B 2 11  ? -2.185  6.276   6.214   1.00 40.07  ? 29  LEU B CB  1 
ATOM   1299 C CG  . LEU B 2 11  ? -1.906  6.874   4.834   1.00 42.52  ? 29  LEU B CG  1 
ATOM   1300 C CD1 . LEU B 2 11  ? -0.456  6.640   4.438   1.00 39.60  ? 29  LEU B CD1 1 
ATOM   1301 C CD2 . LEU B 2 11  ? -2.851  6.296   3.790   1.00 35.95  ? 29  LEU B CD2 1 
ATOM   1302 N N   . ARG B 2 12  ? -3.112  6.044   9.220   1.00 47.59  ? 30  ARG B N   1 
ATOM   1303 C CA  . ARG B 2 12  ? -3.210  5.252   10.443  1.00 51.70  ? 30  ARG B CA  1 
ATOM   1304 C C   . ARG B 2 12  ? -4.657  5.109   10.898  1.00 47.63  ? 30  ARG B C   1 
ATOM   1305 O O   . ARG B 2 12  ? -5.118  4.000   11.164  1.00 43.51  ? 30  ARG B O   1 
ATOM   1306 C CB  . ARG B 2 12  ? -2.377  5.870   11.564  1.00 43.13  ? 30  ARG B CB  1 
ATOM   1307 C CG  . ARG B 2 12  ? -2.437  5.087   12.854  1.00 45.61  ? 30  ARG B CG  1 
ATOM   1308 C CD  . ARG B 2 12  ? -1.814  5.852   14.001  1.00 45.81  ? 30  ARG B CD  1 
ATOM   1309 N NE  . ARG B 2 12  ? -0.370  5.986   13.862  1.00 47.03  ? 30  ARG B NE  1 
ATOM   1310 C CZ  . ARG B 2 12  ? 0.419   6.513   14.794  1.00 61.21  ? 30  ARG B CZ  1 
ATOM   1311 N NH1 . ARG B 2 12  ? -0.104  6.951   15.931  1.00 52.68  ? 30  ARG B NH1 1 
ATOM   1312 N NH2 . ARG B 2 12  ? 1.728   6.594   14.596  1.00 46.45  ? 30  ARG B NH2 1 
ATOM   1313 N N   . ARG B 2 13  ? -5.365  6.233   10.979  1.00 47.91  ? 31  ARG B N   1 
ATOM   1314 C CA  . ARG B 2 13  ? -6.760  6.239   11.417  1.00 49.84  ? 31  ARG B CA  1 
ATOM   1315 C C   . ARG B 2 13  ? -7.666  5.431   10.496  1.00 47.10  ? 31  ARG B C   1 
ATOM   1316 O O   . ARG B 2 13  ? -8.523  4.686   10.963  1.00 52.27  ? 31  ARG B O   1 
ATOM   1317 C CB  . ARG B 2 13  ? -7.280  7.672   11.563  1.00 52.59  ? 31  ARG B CB  1 
ATOM   1318 C CG  . ARG B 2 13  ? -6.645  8.430   12.734  1.00 63.05  ? 31  ARG B CG  1 
ATOM   1319 C CD  . ARG B 2 13  ? -7.178  9.856   12.875  1.00 75.54  ? 31  ARG B CD  1 
ATOM   1320 N NE  . ARG B 2 13  ? -8.518  9.915   13.461  1.00 90.40  ? 31  ARG B NE  1 
ATOM   1321 C CZ  . ARG B 2 13  ? -8.768  9.919   14.768  1.00 72.24  ? 31  ARG B CZ  1 
ATOM   1322 N NH1 . ARG B 2 13  ? -7.769  9.856   15.640  1.00 70.75  ? 31  ARG B NH1 1 
ATOM   1323 N NH2 . ARG B 2 13  ? -10.018 9.983   15.207  1.00 66.29  ? 31  ARG B NH2 1 
ATOM   1324 N N   . PHE B 2 14  ? -7.477  5.578   9.190   1.00 50.89  ? 32  PHE B N   1 
ATOM   1325 C CA  . PHE B 2 14  ? -8.216  4.768   8.230   1.00 48.32  ? 32  PHE B CA  1 
ATOM   1326 C C   . PHE B 2 14  ? -7.881  3.296   8.426   1.00 49.18  ? 32  PHE B C   1 
ATOM   1327 O O   . PHE B 2 14  ? -8.769  2.445   8.444   1.00 46.79  ? 32  PHE B O   1 
ATOM   1328 C CB  . PHE B 2 14  ? -7.897  5.188   6.794   1.00 46.95  ? 32  PHE B CB  1 
ATOM   1329 C CG  . PHE B 2 14  ? -8.712  6.350   6.306   1.00 57.92  ? 32  PHE B CG  1 
ATOM   1330 C CD1 . PHE B 2 14  ? -8.173  7.624   6.269   1.00 74.36  ? 32  PHE B CD1 1 
ATOM   1331 C CD2 . PHE B 2 14  ? -10.017 6.169   5.884   1.00 64.75  ? 32  PHE B CD2 1 
ATOM   1332 C CE1 . PHE B 2 14  ? -8.918  8.697   5.823   1.00 69.86  ? 32  PHE B CE1 1 
ATOM   1333 C CE2 . PHE B 2 14  ? -10.771 7.238   5.437   1.00 72.63  ? 32  PHE B CE2 1 
ATOM   1334 C CZ  . PHE B 2 14  ? -10.220 8.504   5.408   1.00 64.15  ? 32  PHE B CZ  1 
ATOM   1335 N N   . GLY B 2 15  ? -6.592  3.002   8.569   1.00 40.09  ? 33  GLY B N   1 
ATOM   1336 C CA  . GLY B 2 15  ? -6.139  1.643   8.797   1.00 39.92  ? 33  GLY B CA  1 
ATOM   1337 C C   . GLY B 2 15  ? -6.825  0.995   9.985   1.00 46.48  ? 33  GLY B C   1 
ATOM   1338 O O   . GLY B 2 15  ? -7.346  -0.121  9.889   1.00 41.72  ? 33  GLY B O   1 
ATOM   1339 N N   . ASP B 2 16  ? -6.824  1.701   11.112  1.00 41.76  ? 34  ASP B N   1 
ATOM   1340 C CA  . ASP B 2 16  ? -7.450  1.201   12.329  1.00 45.78  ? 34  ASP B CA  1 
ATOM   1341 C C   . ASP B 2 16  ? -8.976  1.085   12.210  1.00 50.96  ? 34  ASP B C   1 
ATOM   1342 O O   . ASP B 2 16  ? -9.559  0.125   12.703  1.00 51.53  ? 34  ASP B O   1 
ATOM   1343 C CB  . ASP B 2 16  ? -7.047  2.062   13.529  1.00 54.66  ? 34  ASP B CB  1 
ATOM   1344 C CG  . ASP B 2 16  ? -5.570  1.927   13.874  1.00 57.67  ? 34  ASP B CG  1 
ATOM   1345 O OD1 . ASP B 2 16  ? -4.956  0.913   13.488  1.00 47.35  ? 34  ASP B OD1 1 
ATOM   1346 O OD2 . ASP B 2 16  ? -5.023  2.833   14.535  1.00 62.06  ? 34  ASP B OD2 1 
ATOM   1347 N N   . LYS B 2 17  ? -9.615  2.050   11.550  1.00 53.70  ? 35  LYS B N   1 
ATOM   1348 C CA  . LYS B 2 17  ? -11.064 1.995   11.328  1.00 60.16  ? 35  LYS B CA  1 
ATOM   1349 C C   . LYS B 2 17  ? -11.444 0.812   10.451  1.00 60.48  ? 35  LYS B C   1 
ATOM   1350 O O   . LYS B 2 17  ? -12.468 0.176   10.668  1.00 61.84  ? 35  LYS B O   1 
ATOM   1351 C CB  . LYS B 2 17  ? -11.596 3.281   10.684  1.00 58.59  ? 35  LYS B CB  1 
ATOM   1352 C CG  . LYS B 2 17  ? -11.569 4.513   11.580  1.00 77.42  ? 35  LYS B CG  1 
ATOM   1353 C CD  . LYS B 2 17  ? -12.182 5.723   10.874  1.00 81.87  ? 35  LYS B CD  1 
ATOM   1354 C CE  . LYS B 2 17  ? -11.895 7.018   11.624  1.00 78.85  ? 35  LYS B CE  1 
ATOM   1355 N NZ  . LYS B 2 17  ? -12.402 8.208   10.880  1.00 76.24  ? 35  LYS B NZ  1 
ATOM   1356 N N   . LEU B 2 18  ? -10.615 0.527   9.454   1.00 57.46  ? 36  LEU B N   1 
ATOM   1357 C CA  . LEU B 2 18  ? -10.865 -0.590  8.552   1.00 58.63  ? 36  LEU B CA  1 
ATOM   1358 C C   . LEU B 2 18  ? -10.622 -1.921  9.254   1.00 57.51  ? 36  LEU B C   1 
ATOM   1359 O O   . LEU B 2 18  ? -11.293 -2.915  8.977   1.00 58.38  ? 36  LEU B O   1 
ATOM   1360 C CB  . LEU B 2 18  ? -9.973  -0.486  7.313   1.00 51.71  ? 36  LEU B CB  1 
ATOM   1361 C CG  . LEU B 2 18  ? -9.985  -1.715  6.405   1.00 47.57  ? 36  LEU B CG  1 
ATOM   1362 C CD1 . LEU B 2 18  ? -11.353 -1.854  5.759   1.00 48.10  ? 36  LEU B CD1 1 
ATOM   1363 C CD2 . LEU B 2 18  ? -8.883  -1.636  5.354   1.00 42.33  ? 36  LEU B CD2 1 
ATOM   1364 N N   . ASN B 2 19  ? -9.658  -1.930  10.168  1.00 49.82  ? 37  ASN B N   1 
ATOM   1365 C CA  . ASN B 2 19  ? -9.296  -3.155  10.872  1.00 59.19  ? 37  ASN B CA  1 
ATOM   1366 C C   . ASN B 2 19  ? -10.353 -3.645  11.871  1.00 57.58  ? 37  ASN B C   1 
ATOM   1367 O O   . ASN B 2 19  ? -10.853 -4.764  11.747  1.00 52.63  ? 37  ASN B O   1 
ATOM   1368 C CB  . ASN B 2 19  ? -7.937  -2.996  11.551  1.00 43.31  ? 37  ASN B CB  1 
ATOM   1369 C CG  . ASN B 2 19  ? -7.386  -4.303  12.046  1.00 53.60  ? 37  ASN B CG  1 
ATOM   1370 O OD1 . ASN B 2 19  ? -7.078  -5.195  11.254  1.00 51.50  ? 37  ASN B OD1 1 
ATOM   1371 N ND2 . ASN B 2 19  ? -7.240  -4.426  13.363  1.00 53.10  ? 37  ASN B ND2 1 
ATOM   1372 N N   . PHE B 2 20  ? -10.701 -2.817  12.853  1.00 64.47  ? 38  PHE B N   1 
ATOM   1373 C CA  . PHE B 2 20  ? -11.701 -3.222  13.843  1.00 81.09  ? 38  PHE B CA  1 
ATOM   1374 C C   . PHE B 2 20  ? -13.067 -3.434  13.187  1.00 84.23  ? 38  PHE B C   1 
ATOM   1375 O O   . PHE B 2 20  ? -13.971 -4.033  13.773  1.00 87.35  ? 38  PHE B O   1 
ATOM   1376 C CB  . PHE B 2 20  ? -11.807 -2.206  14.996  1.00 79.95  ? 38  PHE B CB  1 
ATOM   1377 C CG  . PHE B 2 20  ? -12.492 -0.914  14.623  1.00 83.27  ? 38  PHE B CG  1 
ATOM   1378 C CD1 . PHE B 2 20  ? -13.817 -0.902  14.202  1.00 96.30  ? 38  PHE B CD1 1 
ATOM   1379 C CD2 . PHE B 2 20  ? -11.818 0.292   14.719  1.00 79.84  ? 38  PHE B CD2 1 
ATOM   1380 C CE1 . PHE B 2 20  ? -14.448 0.282   13.858  1.00 89.53  ? 38  PHE B CE1 1 
ATOM   1381 C CE2 . PHE B 2 20  ? -12.443 1.483   14.383  1.00 81.57  ? 38  PHE B CE2 1 
ATOM   1382 C CZ  . PHE B 2 20  ? -13.761 1.477   13.951  1.00 86.11  ? 38  PHE B CZ  1 
ATOM   1383 N N   . ARG B 2 21  ? -13.196 -2.937  11.961  1.00 75.73  ? 39  ARG B N   1 
ATOM   1384 C CA  . ARG B 2 21  ? -14.471 -2.872  11.261  1.00 78.59  ? 39  ARG B CA  1 
ATOM   1385 C C   . ARG B 2 21  ? -14.791 -4.181  10.554  1.00 92.59  ? 39  ARG B C   1 
ATOM   1386 O O   . ARG B 2 21  ? -15.957 -4.523  10.340  1.00 90.31  ? 39  ARG B O   1 
ATOM   1387 C CB  . ARG B 2 21  ? -14.405 -1.746  10.228  1.00 78.76  ? 39  ARG B CB  1 
ATOM   1388 C CG  . ARG B 2 21  ? -15.712 -1.394  9.557   1.00 82.12  ? 39  ARG B CG  1 
ATOM   1389 C CD  . ARG B 2 21  ? -15.472 -0.419  8.406   1.00 94.53  ? 39  ARG B CD  1 
ATOM   1390 N NE  . ARG B 2 21  ? -14.770 -1.055  7.292   1.00 89.48  ? 39  ARG B NE  1 
ATOM   1391 C CZ  . ARG B 2 21  ? -15.377 -1.618  6.253   1.00 83.80  ? 39  ARG B CZ  1 
ATOM   1392 N NH1 . ARG B 2 21  ? -16.703 -1.618  6.177   1.00 90.92  ? 39  ARG B NH1 1 
ATOM   1393 N NH2 . ARG B 2 21  ? -14.662 -2.180  5.286   1.00 70.34  ? 39  ARG B NH2 1 
ATOM   1394 N N   . GLN B 2 22  ? -13.745 -4.919  10.203  1.00 86.72  ? 40  GLN B N   1 
ATOM   1395 C CA  . GLN B 2 22  ? -13.880 -6.022  9.264   1.00 83.25  ? 40  GLN B CA  1 
ATOM   1396 C C   . GLN B 2 22  ? -14.587 -7.260  9.812   1.00 99.27  ? 40  GLN B C   1 
ATOM   1397 O O   . GLN B 2 22  ? -15.640 -7.656  9.312   1.00 104.82 ? 40  GLN B O   1 
ATOM   1398 C CB  . GLN B 2 22  ? -12.509 -6.403  8.711   1.00 70.97  ? 40  GLN B CB  1 
ATOM   1399 C CG  . GLN B 2 22  ? -12.588 -7.141  7.404   1.00 67.12  ? 40  GLN B CG  1 
ATOM   1400 C CD  . GLN B 2 22  ? -13.299 -6.337  6.328   1.00 74.69  ? 40  GLN B CD  1 
ATOM   1401 O OE1 . GLN B 2 22  ? -13.475 -5.121  6.449   1.00 74.26  ? 40  GLN B OE1 1 
ATOM   1402 N NE2 . GLN B 2 22  ? -13.712 -7.016  5.266   1.00 75.02  ? 40  GLN B NE2 1 
ATOM   1403 N N   . LYS B 2 23  ? -14.003 -7.871  10.836  1.00 98.91  ? 41  LYS B N   1 
ATOM   1404 C CA  . LYS B 2 23  ? -14.470 -9.168  11.315  1.00 112.32 ? 41  LYS B CA  1 
ATOM   1405 C C   . LYS B 2 23  ? -15.301 -9.075  12.600  1.00 115.15 ? 41  LYS B C   1 
ATOM   1406 O O   . LYS B 2 23  ? -16.426 -9.574  12.650  1.00 110.30 ? 41  LYS B O   1 
ATOM   1407 C CB  . LYS B 2 23  ? -13.275 -10.110 11.493  1.00 110.40 ? 41  LYS B CB  1 
ATOM   1408 C CG  . LYS B 2 23  ? -13.535 -11.352 12.330  1.00 113.83 ? 41  LYS B CG  1 
ATOM   1409 C CD  . LYS B 2 23  ? -12.244 -12.135 12.506  1.00 108.53 ? 41  LYS B CD  1 
ATOM   1410 C CE  . LYS B 2 23  ? -12.349 -13.166 13.615  1.00 105.44 ? 41  LYS B CE  1 
ATOM   1411 N NZ  . LYS B 2 23  ? -11.013 -13.753 13.935  1.00 89.87  ? 41  LYS B NZ  1 
ATOM   1412 N N   . LEU B 2 24  ? -14.746 -8.438  13.630  1.00 114.71 ? 42  LEU B N   1 
ATOM   1413 C CA  . LEU B 2 24  ? -15.436 -8.270  14.912  1.00 113.95 ? 42  LEU B CA  1 
ATOM   1414 C C   . LEU B 2 24  ? -15.615 -9.590  15.672  1.00 115.96 ? 42  LEU B C   1 
ATOM   1415 O O   . LEU B 2 24  ? -16.686 -9.860  16.217  1.00 104.88 ? 42  LEU B O   1 
ATOM   1416 C CB  . LEU B 2 24  ? -16.795 -7.584  14.715  1.00 106.05 ? 42  LEU B CB  1 
ATOM   1417 C CG  . LEU B 2 24  ? -16.783 -6.093  14.373  1.00 99.06  ? 42  LEU B CG  1 
ATOM   1418 C CD1 . LEU B 2 24  ? -18.115 -5.664  13.762  1.00 87.89  ? 42  LEU B CD1 1 
ATOM   1419 C CD2 . LEU B 2 24  ? -16.455 -5.259  15.609  1.00 86.54  ? 42  LEU B CD2 1 
ATOM   1420 N N   . LEU B 2 25  ? -14.559 -10.400 15.696  1.00 114.03 ? 43  LEU B N   1 
ATOM   1421 C CA  . LEU B 2 25  ? -14.547 -11.667 16.427  1.00 109.88 ? 43  LEU B CA  1 
ATOM   1422 C C   . LEU B 2 25  ? -15.329 -11.589 17.736  1.00 101.71 ? 43  LEU B C   1 
ATOM   1423 O O   . LEU B 2 25  ? -14.914 -12.154 18.751  1.00 104.03 ? 43  LEU B O   1 
ATOM   1424 C CB  . LEU B 2 25  ? -13.102 -12.067 16.715  1.00 105.94 ? 43  LEU B CB  1 
ATOM   1425 C CG  . LEU B 2 25  ? -12.246 -10.814 16.912  1.00 105.73 ? 43  LEU B CG  1 
ATOM   1426 C CD1 . LEU B 2 25  ? -12.458 -10.208 18.301  1.00 100.31 ? 43  LEU B CD1 1 
ATOM   1427 C CD2 . LEU B 2 25  ? -10.774 -11.061 16.620  1.00 98.47  ? 43  LEU B CD2 1 
HETATM 1428 O O   . HOH C 3 .   ? -5.331  -7.507  11.781  1.00 46.36  ? 152 HOH A O   1 
HETATM 1429 O O   . HOH C 3 .   ? -4.596  -13.272 14.109  1.00 38.11  ? 153 HOH A O   1 
HETATM 1430 O O   . HOH C 3 .   ? -2.290  -7.011  -5.340  1.00 40.28  ? 154 HOH A O   1 
HETATM 1431 O O   . HOH C 3 .   ? -0.851  -12.782 -8.125  1.00 62.97  ? 155 HOH A O   1 
HETATM 1432 O O   . HOH C 3 .   ? -12.240 -8.242  -2.215  1.00 46.03  ? 156 HOH A O   1 
HETATM 1433 O O   . HOH C 3 .   ? 11.191  1.070   1.666   1.00 37.59  ? 157 HOH A O   1 
HETATM 1434 O O   . HOH C 3 .   ? 4.711   9.647   -16.455 1.00 51.51  ? 158 HOH A O   1 
HETATM 1435 O O   . HOH C 3 .   ? -3.560  -7.378  -12.131 1.00 50.59  ? 159 HOH A O   1 
HETATM 1436 O O   . HOH C 3 .   ? -12.933 -1.400  -4.829  1.00 51.61  ? 160 HOH A O   1 
HETATM 1437 O O   . HOH C 3 .   ? 11.897  11.588  -12.504 1.00 56.04  ? 161 HOH A O   1 
HETATM 1438 O O   . HOH C 3 .   ? 5.147   2.744   -13.699 1.00 66.19  ? 162 HOH A O   1 
HETATM 1439 O O   . HOH C 3 .   ? 2.906   -8.332  -11.342 1.00 56.09  ? 163 HOH A O   1 
HETATM 1440 O O   . HOH C 3 .   ? -7.096  -2.210  -13.843 1.00 56.96  ? 164 HOH A O   1 
HETATM 1441 O O   . HOH C 3 .   ? -11.573 9.441   -4.495  1.00 64.22  ? 165 HOH A O   1 
HETATM 1442 O O   . HOH C 3 .   ? 7.626   -7.468  11.908  1.00 48.02  ? 166 HOH A O   1 
HETATM 1443 O O   . HOH C 3 .   ? 4.227   -0.824  14.049  1.00 44.93  ? 167 HOH A O   1 
HETATM 1444 O O   . HOH C 3 .   ? 9.875   -5.718  12.414  1.00 54.79  ? 168 HOH A O   1 
HETATM 1445 O O   . HOH C 3 .   ? 2.539   -5.511  -18.331 1.00 67.14  ? 169 HOH A O   1 
HETATM 1446 O O   . HOH C 3 .   ? -4.486  10.562  -5.936  1.00 62.84  ? 170 HOH A O   1 
HETATM 1447 O O   . HOH C 3 .   ? -10.213 -18.944 1.804   1.00 62.92  ? 171 HOH A O   1 
HETATM 1448 O O   . HOH C 3 .   ? 4.758   -9.607  -14.956 1.00 66.70  ? 172 HOH A O   1 
HETATM 1449 O O   . HOH C 3 .   ? -4.203  -17.011 -2.850  1.00 57.75  ? 173 HOH A O   1 
HETATM 1450 O O   . HOH C 3 .   ? 0.852   18.241  -6.684  1.00 70.49  ? 174 HOH A O   1 
HETATM 1451 O O   . HOH C 3 .   ? 13.087  8.634   -11.628 1.00 52.52  ? 175 HOH A O   1 
HETATM 1452 O O   . HOH C 3 .   ? 6.034   -19.510 11.842  1.00 55.24  ? 176 HOH A O   1 
HETATM 1453 O O   . HOH C 3 .   ? -14.882 0.362   -4.010  1.00 60.55  ? 177 HOH A O   1 
HETATM 1454 O O   . HOH C 3 .   ? 13.594  1.500   0.899   1.00 51.90  ? 178 HOH A O   1 
HETATM 1455 O O   . HOH C 3 .   ? 12.006  9.400   8.936   1.00 68.62  ? 179 HOH A O   1 
HETATM 1456 O O   . HOH D 3 .   ? -0.035  10.507  14.338  1.00 58.56  ? 44  HOH B O   1 
# 
loop_
_pdbx_poly_seq_scheme.asym_id 
_pdbx_poly_seq_scheme.entity_id 
_pdbx_poly_seq_scheme.seq_id 
_pdbx_poly_seq_scheme.mon_id 
_pdbx_poly_seq_scheme.ndb_seq_num 
_pdbx_poly_seq_scheme.pdb_seq_num 
_pdbx_poly_seq_scheme.auth_seq_num 
_pdbx_poly_seq_scheme.pdb_mon_id 
_pdbx_poly_seq_scheme.auth_mon_id 
_pdbx_poly_seq_scheme.pdb_strand_id 
_pdbx_poly_seq_scheme.pdb_ins_code 
_pdbx_poly_seq_scheme.hetero 
A 1 1   MET 1   -9  ?   ?   ?   A . n 
A 1 2   GLY 2   -8  ?   ?   ?   A . n 
A 1 3   HIS 3   -7  ?   ?   ?   A . n 
A 1 4   HIS 4   -6  ?   ?   ?   A . n 
A 1 5   HIS 5   -5  ?   ?   ?   A . n 
A 1 6   HIS 6   -4  ?   ?   ?   A . n 
A 1 7   HIS 7   -3  ?   ?   ?   A . n 
A 1 8   HIS 8   -2  ?   ?   ?   A . n 
A 1 9   SER 9   -1  ?   ?   ?   A . n 
A 1 10  HIS 10  0   ?   ?   ?   A . n 
A 1 11  MET 11  1   ?   ?   ?   A . n 
A 1 12  THR 12  2   2   THR THR A . n 
A 1 13  ASP 13  3   3   ASP ASP A . n 
A 1 14  CYS 14  4   4   CYS CYS A . n 
A 1 15  GLU 15  5   5   GLU GLU A . n 
A 1 16  PHE 16  6   6   PHE PHE A . n 
A 1 17  GLY 17  7   7   GLY GLY A . n 
A 1 18  TYR 18  8   8   TYR TYR A . n 
A 1 19  ILE 19  9   9   ILE ILE A . n 
A 1 20  TYR 20  10  10  TYR TYR A . n 
A 1 21  ARG 21  11  11  ARG ARG A . n 
A 1 22  LEU 22  12  12  LEU LEU A . n 
A 1 23  ALA 23  13  13  ALA ALA A . n 
A 1 24  GLN 24  14  14  GLN GLN A . n 
A 1 25  ASP 25  15  15  ASP ASP A . n 
A 1 26  TYR 26  16  16  TYR TYR A . n 
A 1 27  LEU 27  17  17  LEU LEU A . n 
A 1 28  GLN 28  18  18  GLN GLN A . n 
A 1 29  CYS 29  19  19  CYS CYS A . n 
A 1 30  VAL 30  20  20  VAL VAL A . n 
A 1 31  LEU 31  21  21  LEU LEU A . n 
A 1 32  GLN 32  22  22  GLN GLN A . n 
A 1 33  ILE 33  23  23  ILE ILE A . n 
A 1 34  PRO 34  24  24  PRO PRO A . n 
A 1 35  GLN 35  25  25  GLN GLN A . n 
A 1 36  PRO 36  26  26  PRO PRO A . n 
A 1 37  GLY 37  27  27  GLY GLY A . n 
A 1 38  SER 38  28  28  SER SER A . n 
A 1 39  GLY 39  29  29  GLY GLY A . n 
A 1 40  PRO 40  30  30  PRO PRO A . n 
A 1 41  SER 41  31  31  SER SER A . n 
A 1 42  LYS 42  32  32  LYS LYS A . n 
A 1 43  THR 43  33  33  THR THR A . n 
A 1 44  SER 44  34  34  SER SER A . n 
A 1 45  ARG 45  35  35  ARG ARG A . n 
A 1 46  VAL 46  36  36  VAL VAL A . n 
A 1 47  LEU 47  37  37  LEU LEU A . n 
A 1 48  GLN 48  38  38  GLN GLN A . n 
A 1 49  ASN 49  39  39  ASN ASN A . n 
A 1 50  VAL 50  40  40  VAL VAL A . n 
A 1 51  ALA 51  41  41  ALA ALA A . n 
A 1 52  PHE 52  42  42  PHE PHE A . n 
A 1 53  SER 53  43  43  SER SER A . n 
A 1 54  VAL 54  44  44  VAL VAL A . n 
A 1 55  GLN 55  45  45  GLN GLN A . n 
A 1 56  LYS 56  46  46  LYS LYS A . n 
A 1 57  GLU 57  47  47  GLU GLU A . n 
A 1 58  VAL 58  48  48  VAL VAL A . n 
A 1 59  GLU 59  49  49  GLU GLU A . n 
A 1 60  LYS 60  50  50  LYS LYS A . n 
A 1 61  ASN 61  51  51  ASN ASN A . n 
A 1 62  LEU 62  52  52  LEU LEU A . n 
A 1 63  LYS 63  53  53  LYS LYS A . n 
A 1 64  SER 64  54  54  SER SER A . n 
A 1 65  CYS 65  55  55  CYS CYS A . n 
A 1 66  LEU 66  56  56  LEU LEU A . n 
A 1 67  ASP 67  57  57  ASP ASP A . n 
A 1 68  ASN 68  58  58  ASN ASN A . n 
A 1 69  VAL 69  59  59  VAL VAL A . n 
A 1 70  ASN 70  60  60  ASN ASN A . n 
A 1 71  VAL 71  61  61  VAL VAL A . n 
A 1 72  VAL 72  62  62  VAL VAL A . n 
A 1 73  SER 73  63  63  SER SER A . n 
A 1 74  VAL 74  64  64  VAL VAL A . n 
A 1 75  ASP 75  65  65  ASP ASP A . n 
A 1 76  THR 76  66  66  THR THR A . n 
A 1 77  ALA 77  67  67  ALA ALA A . n 
A 1 78  ARG 78  68  68  ARG ARG A . n 
A 1 79  THR 79  69  69  THR THR A . n 
A 1 80  LEU 80  70  70  LEU LEU A . n 
A 1 81  PHE 81  71  71  PHE PHE A . n 
A 1 82  ASN 82  72  72  ASN ASN A . n 
A 1 83  GLN 83  73  73  GLN GLN A . n 
A 1 84  VAL 84  74  74  VAL VAL A . n 
A 1 85  MET 85  75  75  MET MET A . n 
A 1 86  GLU 86  76  76  GLU GLU A . n 
A 1 87  LYS 87  77  77  LYS LYS A . n 
A 1 88  GLU 88  78  78  GLU GLU A . n 
A 1 89  PHE 89  79  79  PHE PHE A . n 
A 1 90  GLU 90  80  80  GLU GLU A . n 
A 1 91  ASP 91  81  81  ASP ASP A . n 
A 1 92  GLY 92  82  82  GLY GLY A . n 
A 1 93  ILE 93  83  83  ILE ILE A . n 
A 1 94  ILE 94  84  84  ILE ILE A . n 
A 1 95  ASN 95  85  85  ASN ASN A . n 
A 1 96  TRP 96  86  86  TRP TRP A . n 
A 1 97  GLY 97  87  87  GLY GLY A . n 
A 1 98  ARG 98  88  88  ARG ARG A . n 
A 1 99  ILE 99  89  89  ILE ILE A . n 
A 1 100 VAL 100 90  90  VAL VAL A . n 
A 1 101 THR 101 91  91  THR THR A . n 
A 1 102 ILE 102 92  92  ILE ILE A . n 
A 1 103 PHE 103 93  93  PHE PHE A . n 
A 1 104 ALA 104 94  94  ALA ALA A . n 
A 1 105 PHE 105 95  95  PHE PHE A . n 
A 1 106 GLU 106 96  96  GLU GLU A . n 
A 1 107 GLY 107 97  97  GLY GLY A . n 
A 1 108 ILE 108 98  98  ILE ILE A . n 
A 1 109 LEU 109 99  99  LEU LEU A . n 
A 1 110 ILE 110 100 100 ILE ILE A . n 
A 1 111 LYS 111 101 101 LYS LYS A . n 
A 1 112 LYS 112 102 102 LYS LYS A . n 
A 1 113 LEU 113 103 103 LEU LEU A . n 
A 1 114 LEU 114 104 104 LEU LEU A . n 
A 1 115 ARG 115 105 105 ARG ARG A . n 
A 1 116 GLN 116 106 106 GLN GLN A . n 
A 1 117 GLN 117 107 107 GLN GLN A . n 
A 1 118 ILE 118 108 108 ILE ILE A . n 
A 1 119 ALA 119 109 109 ALA ALA A . n 
A 1 120 PRO 120 110 110 PRO PRO A . n 
A 1 121 ASP 121 111 111 ASP ASP A . n 
A 1 122 VAL 122 112 112 VAL VAL A . n 
A 1 123 ASP 123 113 113 ASP ASP A . n 
A 1 124 THR 124 114 114 THR THR A . n 
A 1 125 TYR 125 115 115 TYR TYR A . n 
A 1 126 LYS 126 116 116 LYS LYS A . n 
A 1 127 GLU 127 117 117 GLU GLU A . n 
A 1 128 ILE 128 118 118 ILE ILE A . n 
A 1 129 SER 129 119 119 SER SER A . n 
A 1 130 TYR 130 120 120 TYR TYR A . n 
A 1 131 PHE 131 121 121 PHE PHE A . n 
A 1 132 VAL 132 122 122 VAL VAL A . n 
A 1 133 ALA 133 123 123 ALA ALA A . n 
A 1 134 GLU 134 124 124 GLU GLU A . n 
A 1 135 PHE 135 125 125 PHE PHE A . n 
A 1 136 ILE 136 126 126 ILE ILE A . n 
A 1 137 MET 137 127 127 MET MET A . n 
A 1 138 ASN 138 128 128 ASN ASN A . n 
A 1 139 ASN 139 129 129 ASN ASN A . n 
A 1 140 THR 140 130 130 THR THR A . n 
A 1 141 GLY 141 131 131 GLY GLY A . n 
A 1 142 GLU 142 132 132 GLU GLU A . n 
A 1 143 TRP 143 133 133 TRP TRP A . n 
A 1 144 ILE 144 134 134 ILE ILE A . n 
A 1 145 ARG 145 135 135 ARG ARG A . n 
A 1 146 GLN 146 136 136 GLN GLN A . n 
A 1 147 ASN 147 137 137 ASN ASN A . n 
A 1 148 GLY 148 138 138 GLY GLY A . n 
A 1 149 GLY 149 139 139 GLY GLY A . n 
A 1 150 TRP 150 140 140 TRP TRP A . n 
A 1 151 GLU 151 141 141 GLU GLU A . n 
A 1 152 ASN 152 142 142 ASN ASN A . n 
A 1 153 GLY 153 143 143 GLY GLY A . n 
A 1 154 PHE 154 144 144 PHE PHE A . n 
A 1 155 VAL 155 145 145 VAL VAL A . n 
A 1 156 LYS 156 146 146 LYS LYS A . n 
A 1 157 LYS 157 147 147 LYS LYS A . n 
A 1 158 PHE 158 148 148 PHE PHE A . n 
A 1 159 GLU 159 149 149 GLU GLU A . n 
A 1 160 PRO 160 150 150 PRO PRO A . n 
A 1 161 LYS 161 151 151 LYS LYS A . n 
B 2 1   ALA 1   19  19  ALA ALA B . n 
B 2 2   GLU 2   20  20  GLU GLU B . n 
B 2 3   LEU 3   21  21  LEU LEU B . n 
B 2 4   GLU 4   22  22  GLU GLU B . n 
B 2 5   VAL 5   23  23  VAL VAL B . n 
B 2 6   GLU 6   24  24  GLU GLU B . n 
B 2 7   CYS 7   25  25  CYS CYS B . n 
B 2 8   ALA 8   26  26  ALA ALA B . n 
B 2 9   THR 9   27  27  THR THR B . n 
B 2 10  GLN 10  28  28  GLN GLN B . n 
B 2 11  LEU 11  29  29  LEU LEU B . n 
B 2 12  ARG 12  30  30  ARG ARG B . n 
B 2 13  ARG 13  31  31  ARG ARG B . n 
B 2 14  PHE 14  32  32  PHE PHE B . n 
B 2 15  GLY 15  33  33  GLY GLY B . n 
B 2 16  ASP 16  34  34  ASP ASP B . n 
B 2 17  LYS 17  35  35  LYS LYS B . n 
B 2 18  LEU 18  36  36  LEU LEU B . n 
B 2 19  ASN 19  37  37  ASN ASN B . n 
B 2 20  PHE 20  38  38  PHE PHE B . n 
B 2 21  ARG 21  39  39  ARG ARG B . n 
B 2 22  GLN 22  40  40  GLN GLN B . n 
B 2 23  LYS 23  41  41  LYS LYS B . n 
B 2 24  LEU 24  42  42  LEU LEU B . n 
B 2 25  LEU 25  43  43  LEU LEU B . n 
# 
_pdbx_SG_project.id                    1 
_pdbx_SG_project.project_name          'PSI, Protein Structure Initiative' 
_pdbx_SG_project.full_name_of_center   'Northeast Structural Genomics Consortium' 
_pdbx_SG_project.initial_of_center     NESG 
# 
loop_
_pdbx_nonpoly_scheme.asym_id 
_pdbx_nonpoly_scheme.entity_id 
_pdbx_nonpoly_scheme.mon_id 
_pdbx_nonpoly_scheme.ndb_seq_num 
_pdbx_nonpoly_scheme.pdb_seq_num 
_pdbx_nonpoly_scheme.auth_seq_num 
_pdbx_nonpoly_scheme.pdb_mon_id 
_pdbx_nonpoly_scheme.auth_mon_id 
_pdbx_nonpoly_scheme.pdb_strand_id 
_pdbx_nonpoly_scheme.pdb_ins_code 
C 3 HOH 1  152 1   HOH HOH A . 
C 3 HOH 2  153 153 HOH HOH A . 
C 3 HOH 3  154 154 HOH HOH A . 
C 3 HOH 4  155 155 HOH HOH A . 
C 3 HOH 5  156 156 HOH HOH A . 
C 3 HOH 6  157 157 HOH HOH A . 
C 3 HOH 7  158 158 HOH HOH A . 
C 3 HOH 8  159 159 HOH HOH A . 
C 3 HOH 9  160 160 HOH HOH A . 
C 3 HOH 10 161 161 HOH HOH A . 
C 3 HOH 11 162 162 HOH HOH A . 
C 3 HOH 12 163 163 HOH HOH A . 
C 3 HOH 13 164 164 HOH HOH A . 
C 3 HOH 14 165 165 HOH HOH A . 
C 3 HOH 15 166 166 HOH HOH A . 
C 3 HOH 16 167 167 HOH HOH A . 
C 3 HOH 17 168 168 HOH HOH A . 
C 3 HOH 18 169 169 HOH HOH A . 
C 3 HOH 19 170 170 HOH HOH A . 
C 3 HOH 20 171 171 HOH HOH A . 
C 3 HOH 21 172 172 HOH HOH A . 
C 3 HOH 22 173 173 HOH HOH A . 
C 3 HOH 23 174 174 HOH HOH A . 
C 3 HOH 24 175 175 HOH HOH A . 
C 3 HOH 25 176 176 HOH HOH A . 
C 3 HOH 26 177 177 HOH HOH A . 
C 3 HOH 27 178 178 HOH HOH A . 
C 3 HOH 28 179 179 HOH HOH A . 
D 3 HOH 1  44  44  HOH HOH B . 
# 
_pdbx_struct_assembly.id                   1 
_pdbx_struct_assembly.details              author_and_software_defined_assembly 
_pdbx_struct_assembly.method_details       PISA 
_pdbx_struct_assembly.oligomeric_details   dimeric 
_pdbx_struct_assembly.oligomeric_count     2 
# 
_pdbx_struct_assembly_gen.assembly_id       1 
_pdbx_struct_assembly_gen.oper_expression   1 
_pdbx_struct_assembly_gen.asym_id_list      A,B,C,D 
# 
loop_
_pdbx_struct_assembly_prop.biol_id 
_pdbx_struct_assembly_prop.type 
_pdbx_struct_assembly_prop.value 
_pdbx_struct_assembly_prop.details 
1 'ABSA (A^2)' 1920 ? 
1 MORE         -18  ? 
1 'SSA (A^2)'  9230 ? 
# 
_pdbx_struct_oper_list.id                   1 
_pdbx_struct_oper_list.type                 'identity operation' 
_pdbx_struct_oper_list.name                 1_555 
_pdbx_struct_oper_list.symmetry_operation   x,y,z 
_pdbx_struct_oper_list.matrix[1][1]         1.0000000000 
_pdbx_struct_oper_list.matrix[1][2]         0.0000000000 
_pdbx_struct_oper_list.matrix[1][3]         0.0000000000 
_pdbx_struct_oper_list.vector[1]            0.0000000000 
_pdbx_struct_oper_list.matrix[2][1]         0.0000000000 
_pdbx_struct_oper_list.matrix[2][2]         1.0000000000 
_pdbx_struct_oper_list.matrix[2][3]         0.0000000000 
_pdbx_struct_oper_list.vector[2]            0.0000000000 
_pdbx_struct_oper_list.matrix[3][1]         0.0000000000 
_pdbx_struct_oper_list.matrix[3][2]         0.0000000000 
_pdbx_struct_oper_list.matrix[3][3]         1.0000000000 
_pdbx_struct_oper_list.vector[3]            0.0000000000 
# 
loop_
_pdbx_audit_revision_history.ordinal 
_pdbx_audit_revision_history.data_content_type 
_pdbx_audit_revision_history.major_revision 
_pdbx_audit_revision_history.minor_revision 
_pdbx_audit_revision_history.revision_date 
1 'Structure model' 1 0 2010-06-02 
2 'Structure model' 1 1 2011-07-13 
3 'Structure model' 1 2 2014-04-02 
4 'Structure model' 1 3 2023-09-06 
# 
_pdbx_audit_revision_details.ordinal             1 
_pdbx_audit_revision_details.revision_ordinal    1 
_pdbx_audit_revision_details.data_content_type   'Structure model' 
_pdbx_audit_revision_details.provider            repository 
_pdbx_audit_revision_details.type                'Initial release' 
_pdbx_audit_revision_details.description         ? 
_pdbx_audit_revision_details.details             ? 
# 
loop_
_pdbx_audit_revision_group.ordinal 
_pdbx_audit_revision_group.revision_ordinal 
_pdbx_audit_revision_group.data_content_type 
_pdbx_audit_revision_group.group 
1 2 'Structure model' 'Version format compliance' 
2 3 'Structure model' 'Source and taxonomy'       
3 4 'Structure model' 'Data collection'           
4 4 'Structure model' 'Database references'       
5 4 'Structure model' 'Refinement description'    
# 
loop_
_pdbx_audit_revision_category.ordinal 
_pdbx_audit_revision_category.revision_ordinal 
_pdbx_audit_revision_category.data_content_type 
_pdbx_audit_revision_category.category 
1 4 'Structure model' chem_comp_atom                
2 4 'Structure model' chem_comp_bond                
3 4 'Structure model' database_2                    
4 4 'Structure model' pdbx_initial_refinement_model 
# 
loop_
_pdbx_audit_revision_item.ordinal 
_pdbx_audit_revision_item.revision_ordinal 
_pdbx_audit_revision_item.data_content_type 
_pdbx_audit_revision_item.item 
1 4 'Structure model' '_database_2.pdbx_DOI'                
2 4 'Structure model' '_database_2.pdbx_database_accession' 
# 
loop_
_software.name 
_software.version 
_software.date 
_software.type 
_software.contact_author 
_software.contact_author_email 
_software.classification 
_software.location 
_software.language 
_software.citation_id 
_software.pdbx_ordinal 
REFMAC      .       ?                 program 'Murshudov, G.N.' ccp4@dl.ac.uk            refinement        
http://www.ccp4.ac.uk/main.html  Fortran_77 ? 1 
PDB_EXTRACT 3.00    'March. 27, 2007' package PDB               sw-help@rcsb.rutgers.edu 'data extraction' 
http://pdb.rutgers.edu/software/ C++        ? 2 
ADSC        Quantum ?                 ?       ?                 ?                        'data collection' ? ?          ? 3 
HKL-2000    .       ?                 ?       ?                 ?                        'data reduction'  ? ?          ? 4 
HKL-2000    .       ?                 ?       ?                 ?                        'data scaling'    ? ?          ? 5 
PHASER      .       ?                 ?       ?                 ?                        phasing           ? ?          ? 6 
PHENIX      dev_377 ?                 ?       ?                 ?                        refinement        ? ?          ? 7 
# 
_pdbx_validate_torsion.id              1 
_pdbx_validate_torsion.PDB_model_num   1 
_pdbx_validate_torsion.auth_comp_id    PRO 
_pdbx_validate_torsion.auth_asym_id    A 
_pdbx_validate_torsion.auth_seq_id     26 
_pdbx_validate_torsion.PDB_ins_code    ? 
_pdbx_validate_torsion.label_alt_id    ? 
_pdbx_validate_torsion.phi             -63.25 
_pdbx_validate_torsion.psi             -135.75 
# 
loop_
_pdbx_unobs_or_zero_occ_residues.id 
_pdbx_unobs_or_zero_occ_residues.PDB_model_num 
_pdbx_unobs_or_zero_occ_residues.polymer_flag 
_pdbx_unobs_or_zero_occ_residues.occupancy_flag 
_pdbx_unobs_or_zero_occ_residues.auth_asym_id 
_pdbx_unobs_or_zero_occ_residues.auth_comp_id 
_pdbx_unobs_or_zero_occ_residues.auth_seq_id 
_pdbx_unobs_or_zero_occ_residues.PDB_ins_code 
_pdbx_unobs_or_zero_occ_residues.label_asym_id 
_pdbx_unobs_or_zero_occ_residues.label_comp_id 
_pdbx_unobs_or_zero_occ_residues.label_seq_id 
1  1 Y 1 A MET -9 ? A MET 1  
2  1 Y 1 A GLY -8 ? A GLY 2  
3  1 Y 1 A HIS -7 ? A HIS 3  
4  1 Y 1 A HIS -6 ? A HIS 4  
5  1 Y 1 A HIS -5 ? A HIS 5  
6  1 Y 1 A HIS -4 ? A HIS 6  
7  1 Y 1 A HIS -3 ? A HIS 7  
8  1 Y 1 A HIS -2 ? A HIS 8  
9  1 Y 1 A SER -1 ? A SER 9  
10 1 Y 1 A HIS 0  ? A HIS 10 
11 1 Y 1 A MET 1  ? A MET 11 
# 
loop_
_chem_comp_atom.comp_id 
_chem_comp_atom.atom_id 
_chem_comp_atom.type_symbol 
_chem_comp_atom.pdbx_aromatic_flag 
_chem_comp_atom.pdbx_stereo_config 
_chem_comp_atom.pdbx_ordinal 
ALA N    N N N 1   
ALA CA   C N S 2   
ALA C    C N N 3   
ALA O    O N N 4   
ALA CB   C N N 5   
ALA OXT  O N N 6   
ALA H    H N N 7   
ALA H2   H N N 8   
ALA HA   H N N 9   
ALA HB1  H N N 10  
ALA HB2  H N N 11  
ALA HB3  H N N 12  
ALA HXT  H N N 13  
ARG N    N N N 14  
ARG CA   C N S 15  
ARG C    C N N 16  
ARG O    O N N 17  
ARG CB   C N N 18  
ARG CG   C N N 19  
ARG CD   C N N 20  
ARG NE   N N N 21  
ARG CZ   C N N 22  
ARG NH1  N N N 23  
ARG NH2  N N N 24  
ARG OXT  O N N 25  
ARG H    H N N 26  
ARG H2   H N N 27  
ARG HA   H N N 28  
ARG HB2  H N N 29  
ARG HB3  H N N 30  
ARG HG2  H N N 31  
ARG HG3  H N N 32  
ARG HD2  H N N 33  
ARG HD3  H N N 34  
ARG HE   H N N 35  
ARG HH11 H N N 36  
ARG HH12 H N N 37  
ARG HH21 H N N 38  
ARG HH22 H N N 39  
ARG HXT  H N N 40  
ASN N    N N N 41  
ASN CA   C N S 42  
ASN C    C N N 43  
ASN O    O N N 44  
ASN CB   C N N 45  
ASN CG   C N N 46  
ASN OD1  O N N 47  
ASN ND2  N N N 48  
ASN OXT  O N N 49  
ASN H    H N N 50  
ASN H2   H N N 51  
ASN HA   H N N 52  
ASN HB2  H N N 53  
ASN HB3  H N N 54  
ASN HD21 H N N 55  
ASN HD22 H N N 56  
ASN HXT  H N N 57  
ASP N    N N N 58  
ASP CA   C N S 59  
ASP C    C N N 60  
ASP O    O N N 61  
ASP CB   C N N 62  
ASP CG   C N N 63  
ASP OD1  O N N 64  
ASP OD2  O N N 65  
ASP OXT  O N N 66  
ASP H    H N N 67  
ASP H2   H N N 68  
ASP HA   H N N 69  
ASP HB2  H N N 70  
ASP HB3  H N N 71  
ASP HD2  H N N 72  
ASP HXT  H N N 73  
CYS N    N N N 74  
CYS CA   C N R 75  
CYS C    C N N 76  
CYS O    O N N 77  
CYS CB   C N N 78  
CYS SG   S N N 79  
CYS OXT  O N N 80  
CYS H    H N N 81  
CYS H2   H N N 82  
CYS HA   H N N 83  
CYS HB2  H N N 84  
CYS HB3  H N N 85  
CYS HG   H N N 86  
CYS HXT  H N N 87  
GLN N    N N N 88  
GLN CA   C N S 89  
GLN C    C N N 90  
GLN O    O N N 91  
GLN CB   C N N 92  
GLN CG   C N N 93  
GLN CD   C N N 94  
GLN OE1  O N N 95  
GLN NE2  N N N 96  
GLN OXT  O N N 97  
GLN H    H N N 98  
GLN H2   H N N 99  
GLN HA   H N N 100 
GLN HB2  H N N 101 
GLN HB3  H N N 102 
GLN HG2  H N N 103 
GLN HG3  H N N 104 
GLN HE21 H N N 105 
GLN HE22 H N N 106 
GLN HXT  H N N 107 
GLU N    N N N 108 
GLU CA   C N S 109 
GLU C    C N N 110 
GLU O    O N N 111 
GLU CB   C N N 112 
GLU CG   C N N 113 
GLU CD   C N N 114 
GLU OE1  O N N 115 
GLU OE2  O N N 116 
GLU OXT  O N N 117 
GLU H    H N N 118 
GLU H2   H N N 119 
GLU HA   H N N 120 
GLU HB2  H N N 121 
GLU HB3  H N N 122 
GLU HG2  H N N 123 
GLU HG3  H N N 124 
GLU HE2  H N N 125 
GLU HXT  H N N 126 
GLY N    N N N 127 
GLY CA   C N N 128 
GLY C    C N N 129 
GLY O    O N N 130 
GLY OXT  O N N 131 
GLY H    H N N 132 
GLY H2   H N N 133 
GLY HA2  H N N 134 
GLY HA3  H N N 135 
GLY HXT  H N N 136 
HIS N    N N N 137 
HIS CA   C N S 138 
HIS C    C N N 139 
HIS O    O N N 140 
HIS CB   C N N 141 
HIS CG   C Y N 142 
HIS ND1  N Y N 143 
HIS CD2  C Y N 144 
HIS CE1  C Y N 145 
HIS NE2  N Y N 146 
HIS OXT  O N N 147 
HIS H    H N N 148 
HIS H2   H N N 149 
HIS HA   H N N 150 
HIS HB2  H N N 151 
HIS HB3  H N N 152 
HIS HD1  H N N 153 
HIS HD2  H N N 154 
HIS HE1  H N N 155 
HIS HE2  H N N 156 
HIS HXT  H N N 157 
HOH O    O N N 158 
HOH H1   H N N 159 
HOH H2   H N N 160 
ILE N    N N N 161 
ILE CA   C N S 162 
ILE C    C N N 163 
ILE O    O N N 164 
ILE CB   C N S 165 
ILE CG1  C N N 166 
ILE CG2  C N N 167 
ILE CD1  C N N 168 
ILE OXT  O N N 169 
ILE H    H N N 170 
ILE H2   H N N 171 
ILE HA   H N N 172 
ILE HB   H N N 173 
ILE HG12 H N N 174 
ILE HG13 H N N 175 
ILE HG21 H N N 176 
ILE HG22 H N N 177 
ILE HG23 H N N 178 
ILE HD11 H N N 179 
ILE HD12 H N N 180 
ILE HD13 H N N 181 
ILE HXT  H N N 182 
LEU N    N N N 183 
LEU CA   C N S 184 
LEU C    C N N 185 
LEU O    O N N 186 
LEU CB   C N N 187 
LEU CG   C N N 188 
LEU CD1  C N N 189 
LEU CD2  C N N 190 
LEU OXT  O N N 191 
LEU H    H N N 192 
LEU H2   H N N 193 
LEU HA   H N N 194 
LEU HB2  H N N 195 
LEU HB3  H N N 196 
LEU HG   H N N 197 
LEU HD11 H N N 198 
LEU HD12 H N N 199 
LEU HD13 H N N 200 
LEU HD21 H N N 201 
LEU HD22 H N N 202 
LEU HD23 H N N 203 
LEU HXT  H N N 204 
LYS N    N N N 205 
LYS CA   C N S 206 
LYS C    C N N 207 
LYS O    O N N 208 
LYS CB   C N N 209 
LYS CG   C N N 210 
LYS CD   C N N 211 
LYS CE   C N N 212 
LYS NZ   N N N 213 
LYS OXT  O N N 214 
LYS H    H N N 215 
LYS H2   H N N 216 
LYS HA   H N N 217 
LYS HB2  H N N 218 
LYS HB3  H N N 219 
LYS HG2  H N N 220 
LYS HG3  H N N 221 
LYS HD2  H N N 222 
LYS HD3  H N N 223 
LYS HE2  H N N 224 
LYS HE3  H N N 225 
LYS HZ1  H N N 226 
LYS HZ2  H N N 227 
LYS HZ3  H N N 228 
LYS HXT  H N N 229 
MET N    N N N 230 
MET CA   C N S 231 
MET C    C N N 232 
MET O    O N N 233 
MET CB   C N N 234 
MET CG   C N N 235 
MET SD   S N N 236 
MET CE   C N N 237 
MET OXT  O N N 238 
MET H    H N N 239 
MET H2   H N N 240 
MET HA   H N N 241 
MET HB2  H N N 242 
MET HB3  H N N 243 
MET HG2  H N N 244 
MET HG3  H N N 245 
MET HE1  H N N 246 
MET HE2  H N N 247 
MET HE3  H N N 248 
MET HXT  H N N 249 
PHE N    N N N 250 
PHE CA   C N S 251 
PHE C    C N N 252 
PHE O    O N N 253 
PHE CB   C N N 254 
PHE CG   C Y N 255 
PHE CD1  C Y N 256 
PHE CD2  C Y N 257 
PHE CE1  C Y N 258 
PHE CE2  C Y N 259 
PHE CZ   C Y N 260 
PHE OXT  O N N 261 
PHE H    H N N 262 
PHE H2   H N N 263 
PHE HA   H N N 264 
PHE HB2  H N N 265 
PHE HB3  H N N 266 
PHE HD1  H N N 267 
PHE HD2  H N N 268 
PHE HE1  H N N 269 
PHE HE2  H N N 270 
PHE HZ   H N N 271 
PHE HXT  H N N 272 
PRO N    N N N 273 
PRO CA   C N S 274 
PRO C    C N N 275 
PRO O    O N N 276 
PRO CB   C N N 277 
PRO CG   C N N 278 
PRO CD   C N N 279 
PRO OXT  O N N 280 
PRO H    H N N 281 
PRO HA   H N N 282 
PRO HB2  H N N 283 
PRO HB3  H N N 284 
PRO HG2  H N N 285 
PRO HG3  H N N 286 
PRO HD2  H N N 287 
PRO HD3  H N N 288 
PRO HXT  H N N 289 
SER N    N N N 290 
SER CA   C N S 291 
SER C    C N N 292 
SER O    O N N 293 
SER CB   C N N 294 
SER OG   O N N 295 
SER OXT  O N N 296 
SER H    H N N 297 
SER H2   H N N 298 
SER HA   H N N 299 
SER HB2  H N N 300 
SER HB3  H N N 301 
SER HG   H N N 302 
SER HXT  H N N 303 
THR N    N N N 304 
THR CA   C N S 305 
THR C    C N N 306 
THR O    O N N 307 
THR CB   C N R 308 
THR OG1  O N N 309 
THR CG2  C N N 310 
THR OXT  O N N 311 
THR H    H N N 312 
THR H2   H N N 313 
THR HA   H N N 314 
THR HB   H N N 315 
THR HG1  H N N 316 
THR HG21 H N N 317 
THR HG22 H N N 318 
THR HG23 H N N 319 
THR HXT  H N N 320 
TRP N    N N N 321 
TRP CA   C N S 322 
TRP C    C N N 323 
TRP O    O N N 324 
TRP CB   C N N 325 
TRP CG   C Y N 326 
TRP CD1  C Y N 327 
TRP CD2  C Y N 328 
TRP NE1  N Y N 329 
TRP CE2  C Y N 330 
TRP CE3  C Y N 331 
TRP CZ2  C Y N 332 
TRP CZ3  C Y N 333 
TRP CH2  C Y N 334 
TRP OXT  O N N 335 
TRP H    H N N 336 
TRP H2   H N N 337 
TRP HA   H N N 338 
TRP HB2  H N N 339 
TRP HB3  H N N 340 
TRP HD1  H N N 341 
TRP HE1  H N N 342 
TRP HE3  H N N 343 
TRP HZ2  H N N 344 
TRP HZ3  H N N 345 
TRP HH2  H N N 346 
TRP HXT  H N N 347 
TYR N    N N N 348 
TYR CA   C N S 349 
TYR C    C N N 350 
TYR O    O N N 351 
TYR CB   C N N 352 
TYR CG   C Y N 353 
TYR CD1  C Y N 354 
TYR CD2  C Y N 355 
TYR CE1  C Y N 356 
TYR CE2  C Y N 357 
TYR CZ   C Y N 358 
TYR OH   O N N 359 
TYR OXT  O N N 360 
TYR H    H N N 361 
TYR H2   H N N 362 
TYR HA   H N N 363 
TYR HB2  H N N 364 
TYR HB3  H N N 365 
TYR HD1  H N N 366 
TYR HD2  H N N 367 
TYR HE1  H N N 368 
TYR HE2  H N N 369 
TYR HH   H N N 370 
TYR HXT  H N N 371 
VAL N    N N N 372 
VAL CA   C N S 373 
VAL C    C N N 374 
VAL O    O N N 375 
VAL CB   C N N 376 
VAL CG1  C N N 377 
VAL CG2  C N N 378 
VAL OXT  O N N 379 
VAL H    H N N 380 
VAL H2   H N N 381 
VAL HA   H N N 382 
VAL HB   H N N 383 
VAL HG11 H N N 384 
VAL HG12 H N N 385 
VAL HG13 H N N 386 
VAL HG21 H N N 387 
VAL HG22 H N N 388 
VAL HG23 H N N 389 
VAL HXT  H N N 390 
# 
loop_
_chem_comp_bond.comp_id 
_chem_comp_bond.atom_id_1 
_chem_comp_bond.atom_id_2 
_chem_comp_bond.value_order 
_chem_comp_bond.pdbx_aromatic_flag 
_chem_comp_bond.pdbx_stereo_config 
_chem_comp_bond.pdbx_ordinal 
ALA N   CA   sing N N 1   
ALA N   H    sing N N 2   
ALA N   H2   sing N N 3   
ALA CA  C    sing N N 4   
ALA CA  CB   sing N N 5   
ALA CA  HA   sing N N 6   
ALA C   O    doub N N 7   
ALA C   OXT  sing N N 8   
ALA CB  HB1  sing N N 9   
ALA CB  HB2  sing N N 10  
ALA CB  HB3  sing N N 11  
ALA OXT HXT  sing N N 12  
ARG N   CA   sing N N 13  
ARG N   H    sing N N 14  
ARG N   H2   sing N N 15  
ARG CA  C    sing N N 16  
ARG CA  CB   sing N N 17  
ARG CA  HA   sing N N 18  
ARG C   O    doub N N 19  
ARG C   OXT  sing N N 20  
ARG CB  CG   sing N N 21  
ARG CB  HB2  sing N N 22  
ARG CB  HB3  sing N N 23  
ARG CG  CD   sing N N 24  
ARG CG  HG2  sing N N 25  
ARG CG  HG3  sing N N 26  
ARG CD  NE   sing N N 27  
ARG CD  HD2  sing N N 28  
ARG CD  HD3  sing N N 29  
ARG NE  CZ   sing N N 30  
ARG NE  HE   sing N N 31  
ARG CZ  NH1  sing N N 32  
ARG CZ  NH2  doub N N 33  
ARG NH1 HH11 sing N N 34  
ARG NH1 HH12 sing N N 35  
ARG NH2 HH21 sing N N 36  
ARG NH2 HH22 sing N N 37  
ARG OXT HXT  sing N N 38  
ASN N   CA   sing N N 39  
ASN N   H    sing N N 40  
ASN N   H2   sing N N 41  
ASN CA  C    sing N N 42  
ASN CA  CB   sing N N 43  
ASN CA  HA   sing N N 44  
ASN C   O    doub N N 45  
ASN C   OXT  sing N N 46  
ASN CB  CG   sing N N 47  
ASN CB  HB2  sing N N 48  
ASN CB  HB3  sing N N 49  
ASN CG  OD1  doub N N 50  
ASN CG  ND2  sing N N 51  
ASN ND2 HD21 sing N N 52  
ASN ND2 HD22 sing N N 53  
ASN OXT HXT  sing N N 54  
ASP N   CA   sing N N 55  
ASP N   H    sing N N 56  
ASP N   H2   sing N N 57  
ASP CA  C    sing N N 58  
ASP CA  CB   sing N N 59  
ASP CA  HA   sing N N 60  
ASP C   O    doub N N 61  
ASP C   OXT  sing N N 62  
ASP CB  CG   sing N N 63  
ASP CB  HB2  sing N N 64  
ASP CB  HB3  sing N N 65  
ASP CG  OD1  doub N N 66  
ASP CG  OD2  sing N N 67  
ASP OD2 HD2  sing N N 68  
ASP OXT HXT  sing N N 69  
CYS N   CA   sing N N 70  
CYS N   H    sing N N 71  
CYS N   H2   sing N N 72  
CYS CA  C    sing N N 73  
CYS CA  CB   sing N N 74  
CYS CA  HA   sing N N 75  
CYS C   O    doub N N 76  
CYS C   OXT  sing N N 77  
CYS CB  SG   sing N N 78  
CYS CB  HB2  sing N N 79  
CYS CB  HB3  sing N N 80  
CYS SG  HG   sing N N 81  
CYS OXT HXT  sing N N 82  
GLN N   CA   sing N N 83  
GLN N   H    sing N N 84  
GLN N   H2   sing N N 85  
GLN CA  C    sing N N 86  
GLN CA  CB   sing N N 87  
GLN CA  HA   sing N N 88  
GLN C   O    doub N N 89  
GLN C   OXT  sing N N 90  
GLN CB  CG   sing N N 91  
GLN CB  HB2  sing N N 92  
GLN CB  HB3  sing N N 93  
GLN CG  CD   sing N N 94  
GLN CG  HG2  sing N N 95  
GLN CG  HG3  sing N N 96  
GLN CD  OE1  doub N N 97  
GLN CD  NE2  sing N N 98  
GLN NE2 HE21 sing N N 99  
GLN NE2 HE22 sing N N 100 
GLN OXT HXT  sing N N 101 
GLU N   CA   sing N N 102 
GLU N   H    sing N N 103 
GLU N   H2   sing N N 104 
GLU CA  C    sing N N 105 
GLU CA  CB   sing N N 106 
GLU CA  HA   sing N N 107 
GLU C   O    doub N N 108 
GLU C   OXT  sing N N 109 
GLU CB  CG   sing N N 110 
GLU CB  HB2  sing N N 111 
GLU CB  HB3  sing N N 112 
GLU CG  CD   sing N N 113 
GLU CG  HG2  sing N N 114 
GLU CG  HG3  sing N N 115 
GLU CD  OE1  doub N N 116 
GLU CD  OE2  sing N N 117 
GLU OE2 HE2  sing N N 118 
GLU OXT HXT  sing N N 119 
GLY N   CA   sing N N 120 
GLY N   H    sing N N 121 
GLY N   H2   sing N N 122 
GLY CA  C    sing N N 123 
GLY CA  HA2  sing N N 124 
GLY CA  HA3  sing N N 125 
GLY C   O    doub N N 126 
GLY C   OXT  sing N N 127 
GLY OXT HXT  sing N N 128 
HIS N   CA   sing N N 129 
HIS N   H    sing N N 130 
HIS N   H2   sing N N 131 
HIS CA  C    sing N N 132 
HIS CA  CB   sing N N 133 
HIS CA  HA   sing N N 134 
HIS C   O    doub N N 135 
HIS C   OXT  sing N N 136 
HIS CB  CG   sing N N 137 
HIS CB  HB2  sing N N 138 
HIS CB  HB3  sing N N 139 
HIS CG  ND1  sing Y N 140 
HIS CG  CD2  doub Y N 141 
HIS ND1 CE1  doub Y N 142 
HIS ND1 HD1  sing N N 143 
HIS CD2 NE2  sing Y N 144 
HIS CD2 HD2  sing N N 145 
HIS CE1 NE2  sing Y N 146 
HIS CE1 HE1  sing N N 147 
HIS NE2 HE2  sing N N 148 
HIS OXT HXT  sing N N 149 
HOH O   H1   sing N N 150 
HOH O   H2   sing N N 151 
ILE N   CA   sing N N 152 
ILE N   H    sing N N 153 
ILE N   H2   sing N N 154 
ILE CA  C    sing N N 155 
ILE CA  CB   sing N N 156 
ILE CA  HA   sing N N 157 
ILE C   O    doub N N 158 
ILE C   OXT  sing N N 159 
ILE CB  CG1  sing N N 160 
ILE CB  CG2  sing N N 161 
ILE CB  HB   sing N N 162 
ILE CG1 CD1  sing N N 163 
ILE CG1 HG12 sing N N 164 
ILE CG1 HG13 sing N N 165 
ILE CG2 HG21 sing N N 166 
ILE CG2 HG22 sing N N 167 
ILE CG2 HG23 sing N N 168 
ILE CD1 HD11 sing N N 169 
ILE CD1 HD12 sing N N 170 
ILE CD1 HD13 sing N N 171 
ILE OXT HXT  sing N N 172 
LEU N   CA   sing N N 173 
LEU N   H    sing N N 174 
LEU N   H2   sing N N 175 
LEU CA  C    sing N N 176 
LEU CA  CB   sing N N 177 
LEU CA  HA   sing N N 178 
LEU C   O    doub N N 179 
LEU C   OXT  sing N N 180 
LEU CB  CG   sing N N 181 
LEU CB  HB2  sing N N 182 
LEU CB  HB3  sing N N 183 
LEU CG  CD1  sing N N 184 
LEU CG  CD2  sing N N 185 
LEU CG  HG   sing N N 186 
LEU CD1 HD11 sing N N 187 
LEU CD1 HD12 sing N N 188 
LEU CD1 HD13 sing N N 189 
LEU CD2 HD21 sing N N 190 
LEU CD2 HD22 sing N N 191 
LEU CD2 HD23 sing N N 192 
LEU OXT HXT  sing N N 193 
LYS N   CA   sing N N 194 
LYS N   H    sing N N 195 
LYS N   H2   sing N N 196 
LYS CA  C    sing N N 197 
LYS CA  CB   sing N N 198 
LYS CA  HA   sing N N 199 
LYS C   O    doub N N 200 
LYS C   OXT  sing N N 201 
LYS CB  CG   sing N N 202 
LYS CB  HB2  sing N N 203 
LYS CB  HB3  sing N N 204 
LYS CG  CD   sing N N 205 
LYS CG  HG2  sing N N 206 
LYS CG  HG3  sing N N 207 
LYS CD  CE   sing N N 208 
LYS CD  HD2  sing N N 209 
LYS CD  HD3  sing N N 210 
LYS CE  NZ   sing N N 211 
LYS CE  HE2  sing N N 212 
LYS CE  HE3  sing N N 213 
LYS NZ  HZ1  sing N N 214 
LYS NZ  HZ2  sing N N 215 
LYS NZ  HZ3  sing N N 216 
LYS OXT HXT  sing N N 217 
MET N   CA   sing N N 218 
MET N   H    sing N N 219 
MET N   H2   sing N N 220 
MET CA  C    sing N N 221 
MET CA  CB   sing N N 222 
MET CA  HA   sing N N 223 
MET C   O    doub N N 224 
MET C   OXT  sing N N 225 
MET CB  CG   sing N N 226 
MET CB  HB2  sing N N 227 
MET CB  HB3  sing N N 228 
MET CG  SD   sing N N 229 
MET CG  HG2  sing N N 230 
MET CG  HG3  sing N N 231 
MET SD  CE   sing N N 232 
MET CE  HE1  sing N N 233 
MET CE  HE2  sing N N 234 
MET CE  HE3  sing N N 235 
MET OXT HXT  sing N N 236 
PHE N   CA   sing N N 237 
PHE N   H    sing N N 238 
PHE N   H2   sing N N 239 
PHE CA  C    sing N N 240 
PHE CA  CB   sing N N 241 
PHE CA  HA   sing N N 242 
PHE C   O    doub N N 243 
PHE C   OXT  sing N N 244 
PHE CB  CG   sing N N 245 
PHE CB  HB2  sing N N 246 
PHE CB  HB3  sing N N 247 
PHE CG  CD1  doub Y N 248 
PHE CG  CD2  sing Y N 249 
PHE CD1 CE1  sing Y N 250 
PHE CD1 HD1  sing N N 251 
PHE CD2 CE2  doub Y N 252 
PHE CD2 HD2  sing N N 253 
PHE CE1 CZ   doub Y N 254 
PHE CE1 HE1  sing N N 255 
PHE CE2 CZ   sing Y N 256 
PHE CE2 HE2  sing N N 257 
PHE CZ  HZ   sing N N 258 
PHE OXT HXT  sing N N 259 
PRO N   CA   sing N N 260 
PRO N   CD   sing N N 261 
PRO N   H    sing N N 262 
PRO CA  C    sing N N 263 
PRO CA  CB   sing N N 264 
PRO CA  HA   sing N N 265 
PRO C   O    doub N N 266 
PRO C   OXT  sing N N 267 
PRO CB  CG   sing N N 268 
PRO CB  HB2  sing N N 269 
PRO CB  HB3  sing N N 270 
PRO CG  CD   sing N N 271 
PRO CG  HG2  sing N N 272 
PRO CG  HG3  sing N N 273 
PRO CD  HD2  sing N N 274 
PRO CD  HD3  sing N N 275 
PRO OXT HXT  sing N N 276 
SER N   CA   sing N N 277 
SER N   H    sing N N 278 
SER N   H2   sing N N 279 
SER CA  C    sing N N 280 
SER CA  CB   sing N N 281 
SER CA  HA   sing N N 282 
SER C   O    doub N N 283 
SER C   OXT  sing N N 284 
SER CB  OG   sing N N 285 
SER CB  HB2  sing N N 286 
SER CB  HB3  sing N N 287 
SER OG  HG   sing N N 288 
SER OXT HXT  sing N N 289 
THR N   CA   sing N N 290 
THR N   H    sing N N 291 
THR N   H2   sing N N 292 
THR CA  C    sing N N 293 
THR CA  CB   sing N N 294 
THR CA  HA   sing N N 295 
THR C   O    doub N N 296 
THR C   OXT  sing N N 297 
THR CB  OG1  sing N N 298 
THR CB  CG2  sing N N 299 
THR CB  HB   sing N N 300 
THR OG1 HG1  sing N N 301 
THR CG2 HG21 sing N N 302 
THR CG2 HG22 sing N N 303 
THR CG2 HG23 sing N N 304 
THR OXT HXT  sing N N 305 
TRP N   CA   sing N N 306 
TRP N   H    sing N N 307 
TRP N   H2   sing N N 308 
TRP CA  C    sing N N 309 
TRP CA  CB   sing N N 310 
TRP CA  HA   sing N N 311 
TRP C   O    doub N N 312 
TRP C   OXT  sing N N 313 
TRP CB  CG   sing N N 314 
TRP CB  HB2  sing N N 315 
TRP CB  HB3  sing N N 316 
TRP CG  CD1  doub Y N 317 
TRP CG  CD2  sing Y N 318 
TRP CD1 NE1  sing Y N 319 
TRP CD1 HD1  sing N N 320 
TRP CD2 CE2  doub Y N 321 
TRP CD2 CE3  sing Y N 322 
TRP NE1 CE2  sing Y N 323 
TRP NE1 HE1  sing N N 324 
TRP CE2 CZ2  sing Y N 325 
TRP CE3 CZ3  doub Y N 326 
TRP CE3 HE3  sing N N 327 
TRP CZ2 CH2  doub Y N 328 
TRP CZ2 HZ2  sing N N 329 
TRP CZ3 CH2  sing Y N 330 
TRP CZ3 HZ3  sing N N 331 
TRP CH2 HH2  sing N N 332 
TRP OXT HXT  sing N N 333 
TYR N   CA   sing N N 334 
TYR N   H    sing N N 335 
TYR N   H2   sing N N 336 
TYR CA  C    sing N N 337 
TYR CA  CB   sing N N 338 
TYR CA  HA   sing N N 339 
TYR C   O    doub N N 340 
TYR C   OXT  sing N N 341 
TYR CB  CG   sing N N 342 
TYR CB  HB2  sing N N 343 
TYR CB  HB3  sing N N 344 
TYR CG  CD1  doub Y N 345 
TYR CG  CD2  sing Y N 346 
TYR CD1 CE1  sing Y N 347 
TYR CD1 HD1  sing N N 348 
TYR CD2 CE2  doub Y N 349 
TYR CD2 HD2  sing N N 350 
TYR CE1 CZ   doub Y N 351 
TYR CE1 HE1  sing N N 352 
TYR CE2 CZ   sing Y N 353 
TYR CE2 HE2  sing N N 354 
TYR CZ  OH   sing N N 355 
TYR OH  HH   sing N N 356 
TYR OXT HXT  sing N N 357 
VAL N   CA   sing N N 358 
VAL N   H    sing N N 359 
VAL N   H2   sing N N 360 
VAL CA  C    sing N N 361 
VAL CA  CB   sing N N 362 
VAL CA  HA   sing N N 363 
VAL C   O    doub N N 364 
VAL C   OXT  sing N N 365 
VAL CB  CG1  sing N N 366 
VAL CB  CG2  sing N N 367 
VAL CB  HB   sing N N 368 
VAL CG1 HG11 sing N N 369 
VAL CG1 HG12 sing N N 370 
VAL CG1 HG13 sing N N 371 
VAL CG2 HG21 sing N N 372 
VAL CG2 HG22 sing N N 373 
VAL CG2 HG23 sing N N 374 
VAL OXT HXT  sing N N 375 
# 
_pdbx_entity_nonpoly.entity_id   3 
_pdbx_entity_nonpoly.name        water 
_pdbx_entity_nonpoly.comp_id     HOH 
# 
_pdbx_initial_refinement_model.id               1 
_pdbx_initial_refinement_model.entity_id_list   ? 
_pdbx_initial_refinement_model.type             'experimental model' 
_pdbx_initial_refinement_model.source_name      PDB 
_pdbx_initial_refinement_model.accession_code   3I1H 
_pdbx_initial_refinement_model.details          'PDB ENTRY 3I1H' 
# 
